data_8SS9
#
_entry.id   8SS9
#
_cell.length_a   1.00
_cell.length_b   1.00
_cell.length_c   1.00
_cell.angle_alpha   90.00
_cell.angle_beta   90.00
_cell.angle_gamma   90.00
#
_symmetry.space_group_name_H-M   'P 1'
#
loop_
_entity.id
_entity.type
_entity.pdbx_description
1 polymer 'Glutamate receptor 2, Voltage-dependent calcium channel gamma-5 subunit chimera'
2 non-polymer "2-(6'-oxo-1'-phenyl[1',6'-dihydro[2,3'-bipyridine]]-5'-yl)benzonitrile"
3 non-polymer '{[7-morpholin-4-yl-2,3-dioxo-6-(trifluoromethyl)-3,4-dihydroquinoxalin-1(2H)-yl]methyl}phosphonic acid'
4 non-polymer 1,2-DIOLEOYL-SN-GLYCERO-3-PHOSPHOCHOLINE
5 non-polymer CHOLESTEROL
6 non-polymer 'SODIUM ION'
7 water water
#
_entity_poly.entity_id   1
_entity_poly.type   'polypeptide(L)'
_entity_poly.pdbx_seq_one_letter_code
;NSIQIGGLFPRGADQEYSAFRVGMVQFSTSEFRLTPHIDNLEVANSFAVTNAFCSQFSRGVYAIFGFYDKKSVNTITSFC
GTLHVSFITPSFPTDGTHPFVIQMRPDLKGALLSLIEYYQWDKFAYLYDSDRGLSTLQAVLDSAAEKKWQVTAINVGNIN
NDKKDETYRSLFQDLELKKERRVILDCERDKVNDIVDQVITIGKHVKGYHYIIANLGFTDGDLLKIQFGGAEVSGFQIVD
YDDSLVSKFIERWSTLEEKEYPGAHTATIKYTSALTYDAVQVMTEAFRNLRKQRIEISRRGNAGDCLANPAVPWGQGVEI
ERALKQVQVEGLSGNIKFDQNGKRINYTINIMELKTNGPRKIGYWSEVDKMVLTEDDTSGLEQKTVVVTTILESPYVMMK
KNHEMLEGNERYEGYCVDLAAEIAKHCGFKYKLTIVGDGKYGARDADTKIWNGMVGELVYGKADIAIAPLTITLVREEVI
DFSKPFMSLGISIMIKKPQKSKPGVFSFLDPLAYEIWMCIVFAYIGVSVVLFLVSRFSPYEWHTEEFEDGRETQSSESTN
EFGIFNSLWFSLGAFMQQGCDISPRSLSGRIVGGVWWFFTLIIISSYTANLAAFLTVERMVSPIESAEDLSKQTEIAYGT
LDSGSTKEFFRRSKIAVFDKMWTYMRSAEPSVFVRTTAEGVARVRKSKGKYAYLLESTMNEYIEQRKPCDTMKVGGNLDS
KGYGIATPKGSSLGTPVNLAVLKLSEQGVLDKLKNKWWYDKGECGAKDSGSKEKTSALSLSNVAGVFYILVGGLGLAMLV
ALIEFCYKSRAEAKRMKGTGSACGRKALTLLSSVFAVCGLGLLGIAVSTDYWLYLEEGIILPQNQSTEVKMSLHSGLWRV
CFLAGEERGRCFTIEYVMPMNSQMTSESTVNVLKMIRSATPFPLVSLFFMFIGFILSNIGHIRPHRTILAFVSGIFFILS
GLSLVVGLVLYISSINDEMLNRTKDAETYFNYKYGWSFAFAAISFLLTESAGVMSVYLFMKRYTAE
;
_entity_poly.pdbx_strand_id   A,B,C,D
#
loop_
_chem_comp.id
_chem_comp.type
_chem_comp.name
_chem_comp.formula
6ZP non-polymer 2-(6'-oxo-1'-phenyl[1',6'-dihydro[2,3'-bipyridine]]-5'-yl)benzonitrile 'C23 H15 N3 O'
CLR non-polymer CHOLESTEROL 'C27 H46 O'
NA non-polymer 'SODIUM ION' 'Na 1'
PCW non-polymer 1,2-DIOLEOYL-SN-GLYCERO-3-PHOSPHOCHOLINE 'C44 H85 N O8 P 1'
ZK1 non-polymer '{[7-morpholin-4-yl-2,3-dioxo-6-(trifluoromethyl)-3,4-dihydroquinoxalin-1(2H)-yl]methyl}phosphonic acid' 'C14 H15 F3 N3 O6 P'
#
# COMPACT_ATOMS: atom_id res chain seq x y z
N GLN A 383 68.54 14.86 5.61
CA GLN A 383 67.93 16.05 5.03
C GLN A 383 67.05 16.76 6.05
N LYS A 384 66.30 17.75 5.58
CA LYS A 384 65.41 18.53 6.44
C LYS A 384 64.20 17.70 6.86
N THR A 385 63.42 18.24 7.78
CA THR A 385 62.20 17.58 8.23
C THR A 385 61.01 18.09 7.40
N VAL A 386 60.24 17.14 6.87
CA VAL A 386 59.06 17.50 6.10
C VAL A 386 57.97 18.01 7.03
N VAL A 387 57.42 19.17 6.70
CA VAL A 387 56.38 19.78 7.53
C VAL A 387 55.02 19.26 7.07
N VAL A 388 54.39 18.46 7.90
CA VAL A 388 53.09 17.88 7.57
C VAL A 388 52.01 18.75 8.17
N THR A 389 51.16 19.31 7.33
CA THR A 389 50.04 20.12 7.81
C THR A 389 48.75 19.31 7.77
N THR A 390 48.08 19.28 8.93
CA THR A 390 46.82 18.55 9.04
C THR A 390 45.83 19.46 9.78
N ILE A 391 44.59 18.99 9.91
CA ILE A 391 43.53 19.70 10.58
C ILE A 391 43.01 18.79 11.71
N LEU A 392 42.46 19.40 12.76
CA LEU A 392 41.89 18.64 13.86
C LEU A 392 40.50 18.16 13.47
N GLU A 393 40.37 16.85 13.22
CA GLU A 393 39.11 16.25 12.83
C GLU A 393 39.15 14.79 13.24
N SER A 394 38.08 14.32 13.86
CA SER A 394 38.01 12.96 14.35
C SER A 394 37.42 12.05 13.29
N PRO A 395 37.95 10.84 13.08
CA PRO A 395 39.10 10.25 13.78
C PRO A 395 40.39 10.37 13.00
N TYR A 396 40.54 11.45 12.23
CA TYR A 396 41.72 11.63 11.39
C TYR A 396 42.92 12.13 12.17
N VAL A 397 42.78 13.25 12.89
CA VAL A 397 43.78 13.71 13.84
C VAL A 397 43.06 14.10 15.13
N MET A 398 43.43 13.47 16.22
CA MET A 398 42.90 13.77 17.54
C MET A 398 44.07 13.97 18.50
N MET A 399 43.88 14.85 19.48
CA MET A 399 44.86 15.04 20.53
C MET A 399 44.68 13.93 21.57
N LYS A 400 45.79 13.41 22.07
CA LYS A 400 45.74 12.31 23.03
C LYS A 400 45.26 12.79 24.39
N LYS A 401 45.03 11.82 25.28
CA LYS A 401 44.61 12.14 26.64
C LYS A 401 45.75 12.77 27.44
N ASN A 402 46.98 12.31 27.21
CA ASN A 402 48.16 12.82 27.88
C ASN A 402 48.84 13.91 27.06
N HIS A 403 48.04 14.69 26.33
CA HIS A 403 48.48 15.78 25.44
C HIS A 403 49.36 16.81 26.13
N GLU A 404 49.10 17.09 27.41
CA GLU A 404 49.87 18.10 28.12
C GLU A 404 51.27 17.60 28.48
N MET A 405 51.38 16.35 28.92
CA MET A 405 52.68 15.81 29.31
C MET A 405 53.48 15.35 28.11
N LEU A 406 52.87 14.55 27.23
CA LEU A 406 53.59 14.00 26.08
C LEU A 406 53.70 15.06 25.00
N GLU A 407 54.86 15.10 24.32
CA GLU A 407 55.20 16.18 23.42
C GLU A 407 55.78 15.64 22.11
N GLY A 408 55.79 16.51 21.10
CA GLY A 408 56.36 16.19 19.81
C GLY A 408 55.31 15.86 18.77
N ASN A 409 55.59 14.87 17.92
CA ASN A 409 54.58 14.28 17.06
C ASN A 409 53.72 13.27 17.80
N GLU A 410 54.04 12.97 19.04
CA GLU A 410 53.30 12.02 19.86
C GLU A 410 52.15 12.67 20.61
N ARG A 411 51.91 13.97 20.38
CA ARG A 411 50.72 14.63 20.90
C ARG A 411 49.46 14.24 20.17
N TYR A 412 49.58 13.60 18.99
CA TYR A 412 48.46 13.42 18.10
C TYR A 412 48.26 11.94 17.83
N GLU A 413 47.00 11.56 17.62
CA GLU A 413 46.63 10.22 17.23
C GLU A 413 45.54 10.32 16.16
N GLY A 414 45.29 9.21 15.49
CA GLY A 414 44.23 9.20 14.50
C GLY A 414 44.56 8.45 13.23
N TYR A 415 43.67 8.55 12.24
CA TYR A 415 43.88 7.91 10.95
C TYR A 415 45.06 8.54 10.21
N CYS A 416 45.07 9.88 10.13
CA CYS A 416 46.10 10.56 9.34
C CYS A 416 47.42 10.64 10.09
N VAL A 417 47.43 10.37 11.39
CA VAL A 417 48.69 10.24 12.10
C VAL A 417 49.32 8.88 11.79
N ASP A 418 48.49 7.84 11.72
CA ASP A 418 48.97 6.52 11.31
C ASP A 418 49.33 6.51 9.83
N LEU A 419 48.60 7.26 9.02
CA LEU A 419 48.88 7.33 7.59
C LEU A 419 50.16 8.09 7.29
N ALA A 420 50.46 9.11 8.09
CA ALA A 420 51.71 9.85 7.92
C ALA A 420 52.92 8.99 8.27
N ALA A 421 52.75 8.06 9.21
CA ALA A 421 53.83 7.15 9.57
C ALA A 421 54.06 6.11 8.47
N GLU A 422 52.98 5.70 7.79
CA GLU A 422 53.11 4.72 6.73
C GLU A 422 53.73 5.31 5.48
N ILE A 423 53.43 6.58 5.19
CA ILE A 423 53.99 7.23 4.01
C ILE A 423 55.46 7.57 4.23
N ALA A 424 55.81 8.03 5.43
CA ALA A 424 57.19 8.39 5.72
C ALA A 424 58.08 7.16 5.82
N LYS A 425 57.49 6.00 6.15
CA LYS A 425 58.25 4.76 6.18
C LYS A 425 58.60 4.31 4.76
N HIS A 426 57.70 4.52 3.80
CA HIS A 426 57.92 4.08 2.44
C HIS A 426 58.69 5.10 1.62
N CYS A 427 58.43 6.39 1.82
CA CYS A 427 59.15 7.41 1.07
C CYS A 427 60.51 7.71 1.71
N GLY A 428 60.65 7.47 3.00
CA GLY A 428 61.94 7.58 3.66
C GLY A 428 62.31 8.99 4.11
N PHE A 429 61.41 9.67 4.81
CA PHE A 429 61.70 10.98 5.37
C PHE A 429 61.31 11.02 6.84
N LYS A 430 61.83 12.03 7.52
CA LYS A 430 61.47 12.35 8.89
C LYS A 430 60.57 13.57 8.87
N TYR A 431 59.50 13.55 9.65
CA TYR A 431 58.43 14.52 9.48
C TYR A 431 58.07 15.15 10.81
N LYS A 432 57.42 16.32 10.73
CA LYS A 432 56.89 17.03 11.87
C LYS A 432 55.43 17.37 11.60
N LEU A 433 54.55 16.98 12.52
CA LEU A 433 53.12 17.21 12.37
C LEU A 433 52.74 18.59 12.90
N THR A 434 52.02 19.34 12.07
CA THR A 434 51.55 20.67 12.45
C THR A 434 50.06 20.78 12.15
N ILE A 435 49.32 21.40 13.05
CA ILE A 435 47.91 21.70 12.83
C ILE A 435 47.82 23.08 12.18
N VAL A 436 46.98 23.19 11.15
CA VAL A 436 46.81 24.42 10.38
C VAL A 436 46.22 25.51 11.29
N GLY A 437 46.70 26.74 11.13
CA GLY A 437 46.29 27.83 11.98
C GLY A 437 44.88 28.31 11.74
N ASP A 438 44.51 28.42 10.46
CA ASP A 438 43.17 28.83 10.05
C ASP A 438 42.10 27.86 10.53
N GLY A 439 42.43 26.58 10.56
CA GLY A 439 41.44 25.57 10.90
C GLY A 439 40.50 25.24 9.76
N LYS A 440 40.91 25.51 8.53
CA LYS A 440 40.10 25.29 7.35
C LYS A 440 40.81 24.34 6.40
N TYR A 441 40.06 23.84 5.43
CA TYR A 441 40.60 22.93 4.43
C TYR A 441 41.24 23.70 3.27
N GLY A 442 40.53 24.68 2.74
CA GLY A 442 41.11 25.55 1.74
C GLY A 442 40.16 25.99 0.64
N ALA A 443 40.11 27.30 0.42
CA ALA A 443 39.31 27.91 -0.64
C ALA A 443 39.91 29.27 -0.97
N ARG A 444 39.81 29.68 -2.22
CA ARG A 444 40.30 31.00 -2.63
C ARG A 444 39.19 32.02 -2.43
N ASP A 445 39.58 33.24 -2.06
CA ASP A 445 38.62 34.33 -1.99
C ASP A 445 38.24 34.78 -3.40
N ALA A 446 36.99 35.20 -3.56
CA ALA A 446 36.55 35.71 -4.85
C ALA A 446 37.16 37.06 -5.19
N ASP A 447 37.58 37.84 -4.20
CA ASP A 447 38.20 39.13 -4.43
C ASP A 447 39.71 39.07 -4.22
N THR A 448 40.12 38.51 -3.08
CA THR A 448 41.53 38.61 -2.67
C THR A 448 42.37 37.54 -3.37
N LYS A 449 41.73 36.44 -3.79
CA LYS A 449 42.35 35.30 -4.50
C LYS A 449 43.44 34.63 -3.67
N ILE A 450 43.26 34.59 -2.36
CA ILE A 450 44.19 33.94 -1.44
C ILE A 450 43.51 32.73 -0.81
N TRP A 451 44.21 31.60 -0.85
CA TRP A 451 43.77 30.35 -0.24
C TRP A 451 43.96 30.43 1.27
N ASN A 452 42.95 29.97 2.02
CA ASN A 452 42.97 30.00 3.48
C ASN A 452 42.77 28.60 4.07
N GLY A 453 43.87 27.90 4.29
CA GLY A 453 43.79 26.61 4.95
C GLY A 453 45.02 25.76 4.76
N MET A 454 44.81 24.46 4.57
CA MET A 454 45.93 23.57 4.27
C MET A 454 46.37 23.69 2.82
N VAL A 455 45.44 24.04 1.93
CA VAL A 455 45.81 24.35 0.55
C VAL A 455 46.61 25.65 0.52
N GLY A 456 46.32 26.57 1.45
CA GLY A 456 47.07 27.81 1.51
C GLY A 456 48.51 27.62 1.95
N GLU A 457 48.75 26.70 2.88
CA GLU A 457 50.10 26.49 3.37
C GLU A 457 50.96 25.73 2.36
N LEU A 458 50.33 25.04 1.41
CA LEU A 458 51.07 24.35 0.37
C LEU A 458 51.45 25.29 -0.77
N VAL A 459 50.52 26.15 -1.20
CA VAL A 459 50.79 27.10 -2.27
C VAL A 459 51.79 28.16 -1.83
N TYR A 460 51.74 28.58 -0.57
CA TYR A 460 52.52 29.70 -0.09
C TYR A 460 53.78 29.28 0.65
N GLY A 461 54.12 27.99 0.64
CA GLY A 461 55.42 27.52 1.05
C GLY A 461 55.55 27.07 2.49
N LYS A 462 54.51 27.27 3.31
CA LYS A 462 54.61 26.94 4.72
C LYS A 462 54.59 25.43 4.98
N ALA A 463 54.01 24.65 4.09
CA ALA A 463 53.89 23.21 4.25
C ALA A 463 54.62 22.49 3.13
N ASP A 464 55.02 21.25 3.41
CA ASP A 464 55.63 20.39 2.41
C ASP A 464 54.71 19.26 1.95
N ILE A 465 53.71 18.90 2.75
CA ILE A 465 52.73 17.87 2.41
C ILE A 465 51.52 18.10 3.30
N ALA A 466 50.35 17.67 2.82
CA ALA A 466 49.11 17.72 3.60
C ALA A 466 48.52 16.31 3.64
N ILE A 467 48.88 15.55 4.66
CA ILE A 467 48.36 14.19 4.85
C ILE A 467 47.11 14.33 5.70
N ALA A 468 45.96 14.48 5.05
CA ALA A 468 44.78 15.04 5.70
C ALA A 468 43.55 14.62 4.90
N PRO A 469 42.35 14.66 5.52
CA PRO A 469 41.13 14.42 4.73
C PRO A 469 40.78 15.57 3.79
N LEU A 470 41.57 15.74 2.73
CA LEU A 470 41.45 16.87 1.82
C LEU A 470 40.83 16.39 0.52
N THR A 471 39.66 16.93 0.17
CA THR A 471 38.91 16.47 -0.97
C THR A 471 39.59 16.88 -2.27
N ILE A 472 39.79 15.91 -3.17
CA ILE A 472 40.37 16.17 -4.48
C ILE A 472 39.35 16.96 -5.30
N THR A 473 39.66 18.23 -5.55
CA THR A 473 38.72 19.18 -6.14
C THR A 473 39.36 19.75 -7.40
N LEU A 474 38.51 20.18 -8.34
CA LEU A 474 38.97 20.80 -9.58
C LEU A 474 39.76 22.09 -9.33
N VAL A 475 39.24 22.93 -8.44
CA VAL A 475 39.89 24.23 -8.19
C VAL A 475 41.16 24.04 -7.37
N ARG A 476 41.27 22.92 -6.65
CA ARG A 476 42.46 22.65 -5.86
C ARG A 476 43.55 22.01 -6.69
N GLU A 477 43.18 21.15 -7.65
CA GLU A 477 44.16 20.46 -8.49
C GLU A 477 44.92 21.42 -9.40
N GLU A 478 44.33 22.58 -9.68
CA GLU A 478 45.01 23.60 -10.47
C GLU A 478 46.20 24.21 -9.73
N VAL A 479 46.17 24.21 -8.40
CA VAL A 479 47.23 24.88 -7.63
C VAL A 479 48.12 23.91 -6.85
N ILE A 480 47.66 22.69 -6.54
CA ILE A 480 48.47 21.70 -5.84
C ILE A 480 48.29 20.35 -6.52
N ASP A 481 49.17 19.42 -6.20
CA ASP A 481 49.12 18.06 -6.72
C ASP A 481 48.56 17.12 -5.67
N PHE A 482 47.50 16.40 -6.03
CA PHE A 482 46.95 15.35 -5.20
C PHE A 482 47.51 14.00 -5.62
N SER A 483 47.55 13.08 -4.66
CA SER A 483 47.81 11.69 -4.99
C SER A 483 46.51 11.02 -5.40
N LYS A 484 46.58 9.70 -5.59
CA LYS A 484 45.36 8.93 -5.79
C LYS A 484 44.56 8.90 -4.49
N PRO A 485 43.24 8.72 -4.55
CA PRO A 485 42.43 8.73 -3.33
C PRO A 485 42.76 7.57 -2.39
N PHE A 486 43.11 7.92 -1.15
CA PHE A 486 43.28 6.91 -0.11
C PHE A 486 41.97 6.53 0.55
N MET A 487 40.89 7.26 0.28
CA MET A 487 39.59 6.94 0.83
C MET A 487 38.53 7.43 -0.14
N SER A 488 37.63 6.54 -0.53
CA SER A 488 36.53 6.85 -1.43
C SER A 488 35.25 6.99 -0.63
N LEU A 489 34.46 8.00 -0.99
CA LEU A 489 33.45 8.55 -0.09
C LEU A 489 32.46 9.39 -0.90
N GLY A 490 31.43 9.87 -0.22
CA GLY A 490 30.38 10.60 -0.87
C GLY A 490 29.37 11.14 0.12
N ILE A 491 28.25 11.60 -0.41
CA ILE A 491 27.17 12.15 0.41
C ILE A 491 26.23 11.02 0.79
N SER A 492 25.92 10.92 2.09
CA SER A 492 25.09 9.84 2.61
C SER A 492 23.93 10.41 3.43
N ILE A 493 23.10 9.49 3.94
CA ILE A 493 21.88 9.82 4.68
C ILE A 493 22.02 9.28 6.10
N MET A 494 21.74 10.15 7.07
CA MET A 494 21.74 9.77 8.49
C MET A 494 20.32 9.87 9.03
N ILE A 495 19.72 8.74 9.38
CA ILE A 495 18.42 8.71 10.00
C ILE A 495 18.54 8.11 11.39
N LYS A 496 17.53 8.37 12.22
CA LYS A 496 17.44 7.76 13.54
C LYS A 496 16.91 6.35 13.40
N LYS A 497 17.44 5.44 14.21
CA LYS A 497 16.96 4.06 14.22
C LYS A 497 15.54 4.02 14.78
N PRO A 498 14.65 3.14 14.24
CA PRO A 498 13.28 3.03 14.77
C PRO A 498 13.24 2.57 16.22
N GLN A 499 14.15 1.63 16.51
CA GLN A 499 14.68 1.22 17.81
C GLN A 499 13.74 0.41 18.68
N LYS A 500 12.41 0.59 18.55
CA LYS A 500 11.29 -0.37 18.62
C LYS A 500 9.98 0.40 18.74
N SER A 501 8.86 -0.33 18.77
CA SER A 501 7.65 0.12 19.42
C SER A 501 7.28 -0.91 20.49
N LYS A 502 7.23 -0.46 21.75
CA LYS A 502 7.12 -1.39 22.87
C LYS A 502 5.65 -1.58 23.26
N PRO A 503 5.11 -2.80 23.22
CA PRO A 503 3.74 -3.03 23.64
C PRO A 503 3.62 -2.99 25.15
N GLY A 504 2.54 -2.39 25.64
CA GLY A 504 2.27 -2.36 27.06
C GLY A 504 1.70 -3.66 27.61
N VAL A 505 1.11 -3.59 28.80
CA VAL A 505 0.52 -4.79 29.40
C VAL A 505 -0.81 -5.16 28.75
N PHE A 506 -1.69 -4.20 28.50
CA PHE A 506 -3.01 -4.46 27.96
C PHE A 506 -3.10 -3.90 26.55
N SER A 507 -2.06 -4.14 25.74
CA SER A 507 -2.07 -3.73 24.35
C SER A 507 -2.93 -4.61 23.47
N PHE A 508 -3.40 -5.73 23.98
CA PHE A 508 -4.28 -6.62 23.22
C PHE A 508 -5.69 -6.05 23.17
N LEU A 509 -5.98 -5.07 24.00
CA LEU A 509 -7.27 -4.39 24.00
C LEU A 509 -7.35 -3.29 22.96
N ASP A 510 -6.22 -2.84 22.43
CA ASP A 510 -6.09 -1.71 21.51
C ASP A 510 -6.82 -1.72 20.16
N PRO A 511 -7.22 -2.86 19.56
CA PRO A 511 -8.10 -2.75 18.38
C PRO A 511 -9.45 -2.09 18.63
N LEU A 512 -9.95 -2.12 19.86
CA LEU A 512 -11.17 -1.43 20.22
C LEU A 512 -10.84 -0.35 21.24
N ALA A 513 -11.60 0.74 21.21
CA ALA A 513 -11.38 1.79 22.19
C ALA A 513 -11.85 1.33 23.58
N TYR A 514 -11.39 2.04 24.61
CA TYR A 514 -11.75 1.66 25.96
C TYR A 514 -13.20 1.97 26.29
N GLU A 515 -13.87 2.80 25.48
CA GLU A 515 -15.30 2.99 25.67
C GLU A 515 -16.08 1.80 25.14
N ILE A 516 -15.53 1.10 24.14
CA ILE A 516 -16.16 -0.14 23.67
C ILE A 516 -16.04 -1.23 24.73
N TRP A 517 -14.84 -1.40 25.29
CA TRP A 517 -14.62 -2.44 26.30
C TRP A 517 -15.39 -2.14 27.58
N MET A 518 -15.62 -0.86 27.87
CA MET A 518 -16.47 -0.51 29.01
C MET A 518 -17.92 -0.84 28.73
N CYS A 519 -18.41 -0.54 27.52
CA CYS A 519 -19.82 -0.73 27.23
C CYS A 519 -20.14 -2.19 26.89
N ILE A 520 -19.14 -3.00 26.58
CA ILE A 520 -19.34 -4.45 26.46
C ILE A 520 -19.69 -5.04 27.81
N VAL A 521 -18.97 -4.61 28.86
CA VAL A 521 -19.25 -5.07 30.22
C VAL A 521 -20.62 -4.58 30.68
N PHE A 522 -21.00 -3.38 30.26
CA PHE A 522 -22.35 -2.89 30.54
C PHE A 522 -23.39 -3.69 29.76
N ALA A 523 -23.03 -4.13 28.56
CA ALA A 523 -23.93 -4.98 27.79
C ALA A 523 -23.99 -6.39 28.36
N TYR A 524 -22.86 -6.88 28.89
CA TYR A 524 -22.80 -8.21 29.49
C TYR A 524 -23.64 -8.28 30.76
N ILE A 525 -23.60 -7.24 31.59
CA ILE A 525 -24.44 -7.19 32.78
C ILE A 525 -25.89 -6.97 32.38
N GLY A 526 -26.12 -6.17 31.33
CA GLY A 526 -27.48 -5.86 30.92
C GLY A 526 -28.22 -7.04 30.34
N VAL A 527 -27.51 -7.89 29.59
CA VAL A 527 -28.16 -9.06 28.99
C VAL A 527 -28.45 -10.11 30.06
N SER A 528 -27.56 -10.24 31.05
CA SER A 528 -27.70 -11.27 32.07
C SER A 528 -28.88 -10.99 33.01
N VAL A 529 -29.06 -9.73 33.39
CA VAL A 529 -30.14 -9.40 34.33
C VAL A 529 -31.49 -9.47 33.61
N VAL A 530 -31.51 -9.16 32.32
CA VAL A 530 -32.74 -9.34 31.53
C VAL A 530 -33.02 -10.82 31.29
N LEU A 531 -31.96 -11.64 31.18
CA LEU A 531 -32.12 -13.10 31.13
C LEU A 531 -32.79 -13.63 32.39
N PHE A 532 -32.29 -13.21 33.55
CA PHE A 532 -32.85 -13.58 34.85
C PHE A 532 -34.29 -13.12 35.02
N LEU A 533 -34.57 -11.89 34.57
CA LEU A 533 -35.91 -11.31 34.64
C LEU A 533 -36.90 -12.08 33.77
N VAL A 534 -36.50 -12.40 32.55
CA VAL A 534 -37.41 -12.95 31.54
C VAL A 534 -37.65 -14.43 31.83
N SER A 535 -36.80 -15.06 32.66
CA SER A 535 -36.88 -16.50 32.81
C SER A 535 -37.47 -16.93 34.15
N ARG A 536 -36.93 -16.47 35.27
CA ARG A 536 -37.35 -16.99 36.58
C ARG A 536 -38.65 -16.34 37.05
N PHE A 537 -39.18 -15.36 36.32
CA PHE A 537 -40.56 -14.96 36.49
C PHE A 537 -41.51 -15.78 35.62
N SER A 538 -40.97 -16.45 34.59
CA SER A 538 -41.74 -17.21 33.60
C SER A 538 -41.69 -18.70 33.94
N PRO A 539 -42.59 -19.52 33.35
CA PRO A 539 -42.41 -20.97 33.51
C PRO A 539 -41.25 -21.50 32.66
N ASN A 560 -36.92 -23.14 37.72
CA ASN A 560 -36.15 -22.65 36.57
C ASN A 560 -34.74 -23.21 36.60
N GLU A 561 -34.09 -23.19 35.43
CA GLU A 561 -32.65 -23.37 35.33
C GLU A 561 -31.92 -22.03 35.45
N PHE A 562 -32.53 -20.96 34.96
CA PHE A 562 -31.86 -19.67 34.89
C PHE A 562 -31.95 -18.90 36.22
N GLY A 563 -30.82 -18.76 36.89
CA GLY A 563 -30.61 -17.70 37.86
C GLY A 563 -29.67 -16.67 37.25
N ILE A 564 -29.25 -15.69 38.07
CA ILE A 564 -28.26 -14.73 37.59
C ILE A 564 -26.88 -15.39 37.54
N PHE A 565 -26.71 -16.48 38.28
CA PHE A 565 -25.48 -17.27 38.21
C PHE A 565 -25.40 -18.01 36.88
N ASN A 566 -26.53 -18.44 36.35
CA ASN A 566 -26.54 -19.09 35.05
C ASN A 566 -26.68 -18.09 33.91
N SER A 567 -27.24 -16.91 34.20
CA SER A 567 -27.44 -15.91 33.16
C SER A 567 -26.15 -15.19 32.82
N LEU A 568 -25.28 -14.98 33.83
CA LEU A 568 -23.94 -14.50 33.55
C LEU A 568 -23.12 -15.55 32.81
N TRP A 569 -23.50 -16.81 32.96
CA TRP A 569 -22.77 -17.91 32.32
C TRP A 569 -23.19 -18.10 30.86
N PHE A 570 -24.47 -17.89 30.57
CA PHE A 570 -24.92 -17.95 29.18
C PHE A 570 -24.30 -16.82 28.36
N SER A 571 -24.14 -15.64 28.98
CA SER A 571 -23.65 -14.48 28.25
C SER A 571 -22.13 -14.54 28.07
N LEU A 572 -21.44 -15.34 28.90
CA LEU A 572 -20.02 -15.58 28.67
C LEU A 572 -19.79 -16.42 27.42
N GLY A 573 -20.34 -17.63 27.39
CA GLY A 573 -20.18 -18.56 26.28
C GLY A 573 -20.66 -18.02 24.96
N ALA A 574 -21.65 -17.15 25.00
CA ALA A 574 -22.10 -16.44 23.82
C ALA A 574 -21.11 -15.35 23.40
N PHE A 575 -20.48 -14.68 24.37
CA PHE A 575 -19.53 -13.62 24.03
C PHE A 575 -18.26 -14.17 23.40
N MET A 576 -17.70 -15.21 23.98
CA MET A 576 -16.47 -15.79 23.44
C MET A 576 -16.77 -16.88 22.44
N GLN A 577 -18.03 -16.95 21.98
CA GLN A 577 -18.54 -17.91 21.00
C GLN A 577 -18.28 -19.36 21.37
N GLN A 578 -18.83 -19.79 22.50
CA GLN A 578 -18.82 -21.20 22.87
C GLN A 578 -20.23 -21.78 22.87
N GLY A 579 -21.22 -21.07 23.40
CA GLY A 579 -22.59 -21.55 23.54
C GLY A 579 -22.65 -22.84 24.33
N CYS A 580 -22.01 -22.85 25.50
CA CYS A 580 -21.49 -24.03 26.20
C CYS A 580 -22.50 -25.16 26.38
N ASP A 581 -23.49 -24.95 27.26
CA ASP A 581 -24.87 -25.44 27.14
C ASP A 581 -25.77 -24.81 28.20
N ILE A 582 -26.76 -24.03 27.74
CA ILE A 582 -28.10 -23.80 28.29
C ILE A 582 -28.84 -23.04 27.22
N SER A 583 -30.14 -23.30 27.07
CA SER A 583 -30.90 -22.65 26.01
C SER A 583 -32.17 -22.09 26.62
N PRO A 584 -32.50 -20.82 26.35
CA PRO A 584 -33.82 -20.31 26.75
C PRO A 584 -34.94 -20.99 26.00
N ARG A 585 -36.01 -21.36 26.69
CA ARG A 585 -37.08 -22.15 26.11
C ARG A 585 -38.24 -21.32 25.58
N SER A 586 -38.69 -20.30 26.31
CA SER A 586 -39.76 -19.44 25.86
C SER A 586 -39.25 -18.52 24.77
N LEU A 587 -40.17 -18.02 23.94
CA LEU A 587 -39.85 -17.10 22.85
C LEU A 587 -39.29 -15.79 23.39
N SER A 588 -39.74 -15.39 24.59
CA SER A 588 -39.26 -14.14 25.18
C SER A 588 -37.80 -14.26 25.61
N GLY A 589 -37.41 -15.42 26.12
CA GLY A 589 -36.01 -15.63 26.48
C GLY A 589 -35.13 -15.79 25.26
N ARG A 590 -35.71 -16.23 24.15
CA ARG A 590 -34.94 -16.47 22.93
C ARG A 590 -34.62 -15.16 22.20
N ILE A 591 -35.36 -14.09 22.50
CA ILE A 591 -35.05 -12.78 21.92
C ILE A 591 -33.78 -12.22 22.56
N VAL A 592 -33.62 -12.47 23.86
CA VAL A 592 -32.42 -12.06 24.59
C VAL A 592 -31.20 -12.79 24.05
N GLY A 593 -31.31 -14.11 23.90
CA GLY A 593 -30.22 -14.89 23.34
C GLY A 593 -29.98 -14.59 21.88
N GLY A 594 -30.99 -14.10 21.17
CA GLY A 594 -30.82 -13.81 19.76
C GLY A 594 -29.96 -12.59 19.49
N VAL A 595 -30.25 -11.48 20.18
CA VAL A 595 -29.55 -10.23 19.89
C VAL A 595 -28.16 -10.22 20.50
N TRP A 596 -27.95 -11.00 21.57
CA TRP A 596 -26.62 -11.07 22.15
C TRP A 596 -25.72 -12.02 21.36
N TRP A 597 -26.32 -12.92 20.59
CA TRP A 597 -25.53 -13.70 19.65
C TRP A 597 -25.09 -12.85 18.47
N PHE A 598 -25.95 -11.93 18.02
CA PHE A 598 -25.60 -11.06 16.90
C PHE A 598 -24.63 -9.97 17.33
N PHE A 599 -24.72 -9.55 18.60
CA PHE A 599 -23.84 -8.53 19.14
C PHE A 599 -22.38 -8.96 19.08
N THR A 600 -22.09 -10.15 19.60
CA THR A 600 -20.71 -10.59 19.71
C THR A 600 -20.18 -11.07 18.38
N LEU A 601 -21.07 -11.33 17.42
CA LEU A 601 -20.63 -11.66 16.08
C LEU A 601 -20.01 -10.46 15.40
N ILE A 602 -20.54 -9.27 15.69
CA ILE A 602 -20.00 -8.04 15.12
C ILE A 602 -18.74 -7.60 15.85
N ILE A 603 -18.72 -7.81 17.18
CA ILE A 603 -17.61 -7.31 18.00
C ILE A 603 -16.33 -8.12 17.77
N ILE A 604 -16.45 -9.44 17.67
CA ILE A 604 -15.29 -10.27 17.37
C ILE A 604 -14.81 -10.03 15.95
N SER A 605 -15.74 -9.79 15.02
CA SER A 605 -15.35 -9.47 13.65
C SER A 605 -14.71 -8.09 13.57
N SER A 606 -15.15 -7.15 14.40
CA SER A 606 -14.55 -5.82 14.41
C SER A 606 -13.18 -5.85 15.07
N TYR A 607 -12.98 -6.74 16.04
CA TYR A 607 -11.69 -6.87 16.70
C TYR A 607 -10.66 -7.47 15.76
N THR A 608 -11.05 -8.52 15.02
CA THR A 608 -10.13 -9.21 14.14
C THR A 608 -9.77 -8.35 12.93
N ALA A 609 -10.75 -7.63 12.39
CA ALA A 609 -10.52 -6.85 11.18
C ALA A 609 -9.71 -5.60 11.46
N ASN A 610 -9.90 -4.99 12.64
CA ASN A 610 -9.10 -3.82 12.97
C ASN A 610 -7.67 -4.20 13.32
N LEU A 611 -7.50 -5.37 13.95
CA LEU A 611 -6.15 -5.87 14.22
C LEU A 611 -5.46 -6.30 12.94
N ALA A 612 -6.23 -6.79 11.96
CA ALA A 612 -5.66 -7.11 10.65
C ALA A 612 -5.27 -5.84 9.93
N ALA A 613 -6.00 -4.75 10.16
CA ALA A 613 -5.65 -3.46 9.57
C ALA A 613 -4.37 -2.90 10.17
N PHE A 614 -4.21 -3.06 11.48
CA PHE A 614 -3.03 -2.55 12.17
C PHE A 614 -1.76 -3.28 11.75
N LEU A 615 -1.83 -4.62 11.70
CA LEU A 615 -0.67 -5.41 11.37
C LEU A 615 -0.29 -5.28 9.90
N THR A 616 -1.25 -4.95 9.04
CA THR A 616 -0.95 -4.79 7.62
C THR A 616 -0.28 -3.45 7.35
N VAL A 617 -0.76 -2.39 7.99
CA VAL A 617 -0.22 -1.05 7.76
C VAL A 617 1.21 -0.94 8.29
N GLU A 618 1.53 -1.65 9.38
CA GLU A 618 2.90 -1.57 9.89
C GLU A 618 3.85 -2.44 9.08
N ARG A 619 3.32 -3.39 8.30
CA ARG A 619 4.15 -4.07 7.32
C ARG A 619 4.33 -3.25 6.05
N MET A 620 3.48 -2.24 5.83
CA MET A 620 3.65 -1.33 4.71
C MET A 620 4.71 -0.28 4.98
N VAL A 621 5.18 -0.17 6.22
CA VAL A 621 6.18 0.81 6.60
C VAL A 621 7.52 0.38 6.01
N SER A 622 7.98 1.11 5.01
CA SER A 622 9.27 0.86 4.38
C SER A 622 10.27 1.88 4.88
N PRO A 623 11.40 1.45 5.44
CA PRO A 623 12.41 2.42 5.88
C PRO A 623 13.11 3.06 4.69
N ILE A 624 13.74 4.22 4.96
CA ILE A 624 14.47 4.92 3.92
C ILE A 624 15.71 4.13 3.54
N GLU A 625 15.85 3.83 2.24
CA GLU A 625 17.00 3.08 1.76
C GLU A 625 17.62 3.72 0.52
N SER A 626 17.21 4.93 0.18
CA SER A 626 17.71 5.65 -0.99
C SER A 626 17.36 7.13 -0.88
N ALA A 627 17.93 7.95 -1.77
CA ALA A 627 17.49 9.34 -1.86
C ALA A 627 16.15 9.45 -2.57
N GLU A 628 15.79 8.44 -3.37
CA GLU A 628 14.46 8.39 -3.98
C GLU A 628 13.39 8.20 -2.92
N ASP A 629 13.71 7.50 -1.84
CA ASP A 629 12.79 7.32 -0.74
C ASP A 629 12.55 8.62 0.01
N LEU A 630 13.62 9.41 0.20
CA LEU A 630 13.46 10.73 0.81
C LEU A 630 12.72 11.68 -0.13
N SER A 631 12.95 11.53 -1.44
CA SER A 631 12.31 12.35 -2.46
C SER A 631 10.79 12.20 -2.45
N LYS A 632 10.31 10.96 -2.46
CA LYS A 632 8.88 10.67 -2.44
C LYS A 632 8.25 11.00 -1.08
N GLN A 633 8.73 10.34 -0.03
CA GLN A 633 8.17 10.49 1.31
C GLN A 633 8.47 11.86 1.89
N THR A 634 7.41 12.62 2.22
CA THR A 634 7.56 13.98 2.72
C THR A 634 7.25 14.09 4.22
N GLU A 635 7.03 12.98 4.91
CA GLU A 635 6.79 13.06 6.34
C GLU A 635 8.11 13.15 7.11
N ILE A 636 9.21 12.67 6.54
CA ILE A 636 10.53 12.90 7.09
C ILE A 636 11.13 14.11 6.38
N ALA A 637 11.46 15.14 7.15
CA ALA A 637 12.14 16.31 6.61
C ALA A 637 13.64 16.05 6.56
N TYR A 638 14.27 16.51 5.50
CA TYR A 638 15.71 16.33 5.35
C TYR A 638 16.40 17.65 5.04
N GLY A 639 17.62 17.77 5.54
CA GLY A 639 18.36 19.02 5.46
C GLY A 639 19.85 18.78 5.41
N THR A 640 20.57 19.87 5.18
CA THR A 640 22.00 19.88 4.93
C THR A 640 22.63 20.88 5.92
N LEU A 641 23.96 20.97 5.93
CA LEU A 641 24.62 22.07 6.64
C LEU A 641 24.52 23.34 5.80
N ASP A 642 24.55 24.49 6.48
CA ASP A 642 24.23 25.78 5.86
C ASP A 642 25.39 26.31 5.01
N SER A 643 26.56 25.68 5.12
CA SER A 643 27.73 26.13 4.36
C SER A 643 28.70 24.98 4.13
N GLY A 644 28.83 24.54 2.89
CA GLY A 644 29.74 23.46 2.58
C GLY A 644 29.47 22.91 1.20
N SER A 645 30.24 21.86 0.86
CA SER A 645 30.14 21.28 -0.48
C SER A 645 28.89 20.44 -0.63
N THR A 646 28.34 19.95 0.48
CA THR A 646 27.15 19.11 0.39
C THR A 646 25.92 19.95 0.07
N LYS A 647 25.85 21.17 0.62
CA LYS A 647 24.77 22.09 0.25
C LYS A 647 24.94 22.59 -1.18
N GLU A 648 26.18 22.83 -1.61
CA GLU A 648 26.44 23.30 -2.96
C GLU A 648 26.23 22.20 -3.99
N PHE A 649 26.21 20.94 -3.55
CA PHE A 649 25.98 19.83 -4.47
C PHE A 649 24.55 19.84 -5.01
N PHE A 650 23.58 20.14 -4.13
CA PHE A 650 22.19 20.02 -4.54
C PHE A 650 21.72 21.21 -5.38
N ARG A 651 22.33 22.39 -5.20
CA ARG A 651 21.85 23.55 -5.93
C ARG A 651 22.30 23.52 -7.39
N ARG A 652 23.41 22.84 -7.68
CA ARG A 652 23.90 22.77 -9.04
C ARG A 652 23.62 21.44 -9.71
N SER A 653 22.94 20.52 -9.04
CA SER A 653 22.74 19.19 -9.59
C SER A 653 21.63 19.22 -10.64
N LYS A 654 21.90 18.58 -11.79
CA LYS A 654 20.93 18.45 -12.86
C LYS A 654 20.39 17.03 -12.95
N ILE A 655 20.43 16.32 -11.82
CA ILE A 655 19.90 14.96 -11.70
C ILE A 655 18.49 15.09 -11.13
N ALA A 656 17.55 14.34 -11.71
CA ALA A 656 16.11 14.49 -11.46
C ALA A 656 15.73 14.31 -10.00
N VAL A 657 16.29 13.31 -9.32
CA VAL A 657 15.97 13.09 -7.91
C VAL A 657 16.66 14.14 -7.05
N PHE A 658 17.83 14.61 -7.46
CA PHE A 658 18.58 15.57 -6.66
C PHE A 658 18.09 16.99 -6.89
N ASP A 659 17.51 17.27 -8.05
CA ASP A 659 16.90 18.58 -8.29
C ASP A 659 15.61 18.72 -7.47
N LYS A 660 14.92 17.61 -7.25
CA LYS A 660 13.68 17.65 -6.47
C LYS A 660 13.98 17.79 -4.98
N MET A 661 15.11 17.23 -4.51
CA MET A 661 15.47 17.34 -3.11
C MET A 661 15.88 18.76 -2.74
N TRP A 662 16.57 19.45 -3.65
CA TRP A 662 16.92 20.85 -3.41
C TRP A 662 15.70 21.74 -3.45
N THR A 663 14.72 21.38 -4.28
CA THR A 663 13.42 22.07 -4.35
C THR A 663 12.70 21.99 -3.01
N TYR A 664 12.72 20.80 -2.39
CA TYR A 664 12.12 20.63 -1.08
C TYR A 664 12.86 21.39 0.01
N MET A 665 14.19 21.44 -0.07
CA MET A 665 14.98 22.06 0.99
C MET A 665 15.05 23.58 0.90
N ARG A 666 14.98 24.15 -0.31
CA ARG A 666 15.07 25.60 -0.43
C ARG A 666 13.77 26.27 0.02
N SER A 667 12.66 25.55 -0.03
CA SER A 667 11.35 26.05 0.37
C SER A 667 10.77 25.08 1.40
N ALA A 668 11.12 25.29 2.67
CA ALA A 668 10.61 24.46 3.75
C ALA A 668 10.59 25.29 5.03
N GLU A 669 9.48 25.20 5.76
CA GLU A 669 9.32 25.93 7.01
C GLU A 669 9.09 24.95 8.15
N PRO A 670 9.92 25.02 9.22
CA PRO A 670 11.07 25.91 9.44
C PRO A 670 12.33 25.49 8.68
N SER A 671 13.46 26.12 9.00
CA SER A 671 14.69 25.95 8.25
C SER A 671 15.28 24.56 8.51
N VAL A 672 15.43 23.78 7.44
CA VAL A 672 16.03 22.46 7.56
C VAL A 672 17.55 22.52 7.56
N PHE A 673 18.13 23.66 7.22
CA PHE A 673 19.59 23.79 7.13
C PHE A 673 20.16 24.13 8.50
N VAL A 674 20.84 23.18 9.11
CA VAL A 674 21.59 23.42 10.35
C VAL A 674 22.89 24.13 10.01
N ARG A 675 23.57 24.67 11.02
CA ARG A 675 24.82 25.37 10.78
C ARG A 675 26.04 24.63 11.33
N THR A 676 25.86 23.50 12.01
CA THR A 676 26.97 22.73 12.55
C THR A 676 26.64 21.26 12.34
N THR A 677 27.68 20.44 12.16
CA THR A 677 27.49 19.01 12.04
C THR A 677 26.94 18.41 13.33
N ALA A 678 27.39 18.93 14.47
CA ALA A 678 26.88 18.48 15.78
C ALA A 678 25.42 18.83 15.97
N GLU A 679 25.00 19.97 15.39
CA GLU A 679 23.59 20.35 15.41
C GLU A 679 22.73 19.42 14.56
N GLY A 680 23.25 19.04 13.38
CA GLY A 680 22.49 18.17 12.50
C GLY A 680 22.35 16.76 13.03
N VAL A 681 23.37 16.27 13.75
CA VAL A 681 23.27 14.97 14.41
C VAL A 681 22.30 15.05 15.58
N ALA A 682 22.25 16.20 16.26
CA ALA A 682 21.35 16.39 17.37
C ALA A 682 19.89 16.41 16.90
N ARG A 683 19.63 17.03 15.74
CA ARG A 683 18.26 17.13 15.24
C ARG A 683 17.74 15.77 14.79
N VAL A 684 18.63 14.86 14.38
CA VAL A 684 18.22 13.49 14.08
C VAL A 684 17.74 12.78 15.34
N ARG A 685 18.42 13.02 16.46
CA ARG A 685 18.11 12.30 17.69
C ARG A 685 16.86 12.82 18.38
N LYS A 686 16.62 14.13 18.40
CA LYS A 686 15.39 14.63 19.02
C LYS A 686 14.27 14.84 18.01
N SER A 687 14.02 13.86 17.15
CA SER A 687 12.91 13.98 16.21
C SER A 687 12.15 12.67 16.03
N LYS A 688 12.58 11.62 16.73
CA LYS A 688 11.98 10.28 16.70
C LYS A 688 11.81 9.72 15.29
N GLY A 689 12.83 9.87 14.45
CA GLY A 689 12.77 9.36 13.10
C GLY A 689 12.06 10.25 12.11
N LYS A 690 11.94 11.54 12.39
CA LYS A 690 11.30 12.47 11.47
C LYS A 690 12.30 13.43 10.83
N TYR A 691 13.59 13.23 11.04
CA TYR A 691 14.61 14.06 10.40
C TYR A 691 15.73 13.19 9.86
N ALA A 692 16.26 13.58 8.71
CA ALA A 692 17.33 12.86 8.03
C ALA A 692 18.41 13.86 7.64
N TYR A 693 19.63 13.65 8.13
CA TYR A 693 20.70 14.60 7.89
C TYR A 693 21.63 14.12 6.78
N LEU A 694 21.82 14.96 5.78
CA LEU A 694 22.64 14.67 4.62
C LEU A 694 24.06 15.18 4.88
N LEU A 695 25.02 14.26 4.99
CA LEU A 695 26.36 14.65 5.37
C LEU A 695 27.38 13.78 4.63
N GLU A 696 28.62 13.95 5.01
CA GLU A 696 29.73 13.13 4.54
C GLU A 696 29.61 11.69 5.04
N SER A 697 29.95 10.75 4.16
CA SER A 697 29.80 9.33 4.48
C SER A 697 30.75 8.88 5.57
N THR A 698 31.95 9.46 5.62
CA THR A 698 32.92 9.04 6.61
C THR A 698 32.55 9.56 8.00
N MET A 699 31.89 10.71 8.07
CA MET A 699 31.36 11.18 9.35
C MET A 699 30.13 10.36 9.73
N ASN A 700 29.34 9.95 8.75
CA ASN A 700 28.12 9.18 9.02
C ASN A 700 28.47 7.79 9.54
N GLU A 701 29.57 7.21 9.04
CA GLU A 701 30.02 5.93 9.56
C GLU A 701 30.66 6.06 10.94
N TYR A 702 31.24 7.22 11.24
CA TYR A 702 31.94 7.39 12.51
C TYR A 702 30.98 7.73 13.64
N ILE A 703 30.01 8.60 13.38
CA ILE A 703 29.02 8.99 14.38
C ILE A 703 28.09 7.83 14.70
N GLU A 704 27.88 6.93 13.74
CA GLU A 704 27.10 5.72 13.97
C GLU A 704 27.76 4.80 15.00
N GLN A 705 29.10 4.85 15.11
CA GLN A 705 29.84 4.01 16.05
C GLN A 705 30.12 4.71 17.38
N ARG A 706 29.55 5.89 17.61
CA ARG A 706 29.75 6.63 18.85
C ARG A 706 28.55 6.42 19.76
N LYS A 707 28.80 6.43 21.13
CA LYS A 707 27.63 6.42 21.97
C LYS A 707 26.99 7.80 22.02
N PRO A 708 25.64 7.89 22.05
CA PRO A 708 24.63 6.83 22.00
C PRO A 708 24.44 6.20 20.62
N CYS A 709 24.32 4.87 20.58
CA CYS A 709 24.17 4.15 19.33
C CYS A 709 22.75 4.35 18.79
N ASP A 710 22.50 5.54 18.23
CA ASP A 710 21.14 5.98 17.93
C ASP A 710 20.90 6.24 16.45
N THR A 711 21.91 6.66 15.71
CA THR A 711 21.78 6.98 14.30
C THR A 711 22.33 5.84 13.45
N MET A 712 21.95 5.83 12.18
CA MET A 712 22.42 4.80 11.26
C MET A 712 22.58 5.40 9.87
N LYS A 713 23.43 4.76 9.08
CA LYS A 713 23.68 5.13 7.69
C LYS A 713 22.87 4.25 6.77
N VAL A 714 22.03 4.86 5.93
CA VAL A 714 21.16 4.12 5.04
C VAL A 714 21.50 4.46 3.59
N GLY A 715 21.19 3.51 2.71
CA GLY A 715 21.44 3.65 1.29
C GLY A 715 22.91 3.66 0.94
N GLY A 716 23.17 4.07 -0.30
CA GLY A 716 24.52 4.27 -0.78
C GLY A 716 24.90 5.74 -0.79
N ASN A 717 26.01 6.02 -1.45
CA ASN A 717 26.46 7.40 -1.58
C ASN A 717 25.71 8.09 -2.70
N LEU A 718 25.58 9.41 -2.58
CA LEU A 718 24.89 10.19 -3.59
C LEU A 718 25.84 10.74 -4.65
N ASP A 719 27.13 10.81 -4.37
CA ASP A 719 28.13 11.13 -5.38
C ASP A 719 29.41 10.38 -5.04
N SER A 720 30.42 10.59 -5.87
CA SER A 720 31.70 9.90 -5.72
C SER A 720 32.82 10.93 -5.72
N LYS A 721 33.48 11.08 -4.58
CA LYS A 721 34.66 11.92 -4.45
C LYS A 721 35.64 11.23 -3.51
N GLY A 722 36.84 11.78 -3.39
CA GLY A 722 37.87 11.13 -2.63
C GLY A 722 38.77 12.13 -1.91
N TYR A 723 39.44 11.63 -0.88
CA TYR A 723 40.43 12.39 -0.13
C TYR A 723 41.80 12.02 -0.65
N GLY A 724 42.67 13.02 -0.85
CA GLY A 724 43.99 12.78 -1.38
C GLY A 724 45.06 13.42 -0.52
N ILE A 725 46.29 12.94 -0.72
CA ILE A 725 47.47 13.53 -0.09
C ILE A 725 47.97 14.61 -1.03
N ALA A 726 48.18 15.81 -0.49
CA ALA A 726 48.42 16.98 -1.31
C ALA A 726 49.85 17.48 -1.15
N THR A 727 50.41 17.99 -2.25
CA THR A 727 51.80 18.41 -2.36
C THR A 727 51.89 19.74 -3.09
N PRO A 728 52.93 20.59 -2.77
CA PRO A 728 53.06 21.96 -3.32
C PRO A 728 52.99 22.23 -4.83
N LYS A 729 52.88 21.20 -5.70
CA LYS A 729 52.74 21.25 -7.16
C LYS A 729 54.11 21.44 -7.84
N GLY A 730 55.14 21.68 -7.05
CA GLY A 730 56.49 21.72 -7.58
C GLY A 730 57.42 20.88 -6.73
N SER A 731 56.87 19.88 -6.08
CA SER A 731 57.61 19.11 -5.09
C SER A 731 58.21 17.85 -5.70
N SER A 732 59.36 17.46 -5.18
CA SER A 732 59.99 16.17 -5.51
C SER A 732 59.46 15.04 -4.65
N LEU A 733 58.44 15.31 -3.83
CA LEU A 733 57.86 14.34 -2.93
C LEU A 733 56.55 13.77 -3.44
N GLY A 734 55.88 14.46 -4.36
CA GLY A 734 54.58 14.07 -4.87
C GLY A 734 54.52 12.75 -5.61
N THR A 735 55.61 12.38 -6.29
CA THR A 735 55.62 11.11 -7.02
C THR A 735 55.88 9.89 -6.11
N PRO A 736 56.84 9.91 -5.15
CA PRO A 736 56.90 8.76 -4.23
C PRO A 736 55.70 8.62 -3.30
N VAL A 737 55.03 9.72 -2.97
CA VAL A 737 53.82 9.66 -2.16
C VAL A 737 52.68 9.04 -2.95
N ASN A 738 52.61 9.34 -4.26
CA ASN A 738 51.58 8.75 -5.11
C ASN A 738 51.80 7.24 -5.27
N LEU A 739 53.06 6.82 -5.33
CA LEU A 739 53.36 5.39 -5.36
C LEU A 739 53.15 4.74 -4.00
N ALA A 740 53.20 5.54 -2.92
CA ALA A 740 53.01 4.98 -1.59
C ALA A 740 51.55 4.66 -1.32
N VAL A 741 50.65 5.55 -1.74
CA VAL A 741 49.22 5.38 -1.48
C VAL A 741 48.67 4.19 -2.26
N LEU A 742 49.15 3.98 -3.48
CA LEU A 742 48.72 2.84 -4.27
C LEU A 742 49.27 1.53 -3.71
N LYS A 743 50.43 1.58 -3.04
CA LYS A 743 50.94 0.39 -2.37
C LYS A 743 50.14 0.08 -1.11
N LEU A 744 49.80 1.12 -0.34
CA LEU A 744 49.04 0.92 0.88
C LEU A 744 47.60 0.51 0.60
N SER A 745 47.07 0.87 -0.58
CA SER A 745 45.74 0.41 -0.96
C SER A 745 45.73 -1.08 -1.25
N GLU A 746 46.80 -1.58 -1.86
CA GLU A 746 46.84 -2.98 -2.29
C GLU A 746 47.34 -3.90 -1.17
N GLN A 747 48.12 -3.37 -0.24
CA GLN A 747 48.55 -4.15 0.92
C GLN A 747 47.50 -4.17 2.03
N GLY A 748 46.33 -3.58 1.81
CA GLY A 748 45.28 -3.57 2.80
C GLY A 748 45.57 -2.75 4.03
N VAL A 749 46.53 -1.82 3.95
CA VAL A 749 46.86 -0.99 5.10
C VAL A 749 45.79 0.07 5.33
N LEU A 750 45.23 0.61 4.25
CA LEU A 750 44.24 1.68 4.37
C LEU A 750 42.91 1.14 4.88
N ASP A 751 42.56 -0.10 4.51
CA ASP A 751 41.37 -0.72 5.08
C ASP A 751 41.63 -1.17 6.51
N LYS A 752 42.88 -1.49 6.85
CA LYS A 752 43.23 -1.84 8.22
C LYS A 752 43.12 -0.64 9.13
N LEU A 753 43.59 0.52 8.67
CA LEU A 753 43.54 1.72 9.51
C LEU A 753 42.13 2.27 9.61
N LYS A 754 41.28 2.01 8.62
CA LYS A 754 39.89 2.48 8.69
C LYS A 754 39.09 1.61 9.65
N ASN A 755 39.35 0.30 9.64
CA ASN A 755 38.69 -0.60 10.58
C ASN A 755 39.12 -0.32 12.01
N LYS A 756 40.37 0.13 12.18
CA LYS A 756 40.94 0.45 13.48
C LYS A 756 40.22 1.61 14.16
N TRP A 757 40.10 2.73 13.46
CA TRP A 757 39.62 3.97 14.07
C TRP A 757 38.10 4.08 14.03
N TRP A 758 37.49 3.68 12.93
CA TRP A 758 36.03 3.70 12.83
C TRP A 758 35.38 2.56 13.60
N TYR A 759 35.87 1.33 13.44
CA TYR A 759 35.14 0.17 13.96
C TYR A 759 35.78 -0.49 15.18
N ASP A 760 37.09 -0.70 15.17
CA ASP A 760 37.76 -1.34 16.30
C ASP A 760 37.80 -0.47 17.54
N LYS A 761 37.84 0.85 17.35
CA LYS A 761 37.67 1.80 18.47
C LYS A 761 36.25 2.33 18.54
N GLY A 762 35.30 1.56 18.01
CA GLY A 762 33.92 1.98 17.98
C GLY A 762 33.23 1.69 19.29
N GLU A 763 32.46 2.67 19.77
CA GLU A 763 31.75 2.55 21.04
C GLU A 763 30.49 1.69 20.94
N CYS A 764 30.07 1.34 19.73
CA CYS A 764 28.94 0.44 19.52
C CYS A 764 29.49 -0.98 19.31
N GLY A 765 28.63 -1.90 18.90
CA GLY A 765 29.05 -3.27 18.67
C GLY A 765 29.59 -3.52 17.28
N ALA A 766 29.04 -4.52 16.61
CA ALA A 766 29.38 -4.94 15.23
C ALA A 766 30.88 -5.21 15.04
N THR A 775 11.51 -11.32 11.58
CA THR A 775 10.95 -12.65 11.82
C THR A 775 9.46 -12.71 11.46
N SER A 776 8.81 -11.53 11.52
CA SER A 776 7.45 -11.24 11.06
C SER A 776 6.35 -11.88 11.91
N ALA A 777 6.72 -12.76 12.84
CA ALA A 777 5.72 -13.44 13.64
C ALA A 777 5.28 -12.56 14.80
N LEU A 778 4.14 -12.91 15.38
CA LEU A 778 3.64 -12.16 16.52
C LEU A 778 4.39 -12.60 17.77
N SER A 779 4.90 -11.63 18.51
CA SER A 779 5.75 -11.91 19.66
C SER A 779 4.92 -12.15 20.91
N LEU A 780 5.58 -12.74 21.92
CA LEU A 780 4.92 -13.03 23.19
C LEU A 780 4.63 -11.77 24.00
N SER A 781 5.32 -10.67 23.74
CA SER A 781 5.05 -9.41 24.42
C SER A 781 3.81 -8.70 23.92
N ASN A 782 3.39 -9.00 22.69
CA ASN A 782 2.15 -8.43 22.14
C ASN A 782 0.91 -8.97 22.83
N VAL A 783 0.94 -10.22 23.31
CA VAL A 783 -0.22 -10.86 23.91
C VAL A 783 0.03 -11.31 25.33
N ALA A 784 0.97 -10.69 26.05
CA ALA A 784 1.31 -11.15 27.40
C ALA A 784 0.21 -10.83 28.40
N GLY A 785 -0.65 -9.85 28.09
CA GLY A 785 -1.68 -9.45 29.03
C GLY A 785 -2.83 -10.42 29.11
N VAL A 786 -3.11 -11.13 28.02
CA VAL A 786 -4.21 -12.10 28.05
C VAL A 786 -3.77 -13.36 28.77
N PHE A 787 -2.45 -13.58 28.87
CA PHE A 787 -1.93 -14.58 29.80
C PHE A 787 -2.09 -14.11 31.24
N TYR A 788 -1.95 -12.80 31.47
CA TYR A 788 -2.00 -12.27 32.83
C TYR A 788 -3.42 -12.31 33.39
N ILE A 789 -4.41 -12.14 32.52
CA ILE A 789 -5.81 -12.35 32.90
C ILE A 789 -6.02 -13.84 33.16
N LEU A 790 -5.37 -14.68 32.36
CA LEU A 790 -5.54 -16.12 32.47
C LEU A 790 -4.93 -16.67 33.75
N VAL A 791 -3.72 -16.23 34.08
CA VAL A 791 -3.08 -16.57 35.36
C VAL A 791 -3.87 -15.92 36.49
N GLY A 792 -4.29 -14.68 36.28
CA GLY A 792 -5.16 -13.98 37.22
C GLY A 792 -6.51 -14.64 37.41
N GLY A 793 -7.05 -15.22 36.33
CA GLY A 793 -8.29 -15.95 36.41
C GLY A 793 -8.18 -17.24 37.20
N LEU A 794 -7.08 -17.97 37.00
CA LEU A 794 -6.88 -19.21 37.76
C LEU A 794 -6.56 -18.91 39.22
N GLY A 795 -5.94 -17.77 39.48
CA GLY A 795 -5.72 -17.36 40.86
C GLY A 795 -6.99 -16.92 41.54
N LEU A 796 -7.86 -16.23 40.80
CA LEU A 796 -9.16 -15.84 41.33
C LEU A 796 -10.09 -17.04 41.51
N ALA A 797 -9.91 -18.09 40.70
CA ALA A 797 -10.75 -19.28 40.82
C ALA A 797 -10.40 -20.09 42.06
N MET A 798 -9.11 -20.13 42.43
CA MET A 798 -8.72 -20.77 43.67
C MET A 798 -9.18 -19.98 44.89
N LEU A 799 -9.41 -18.67 44.72
CA LEU A 799 -9.93 -17.85 45.82
C LEU A 799 -11.38 -18.20 46.12
N VAL A 800 -12.19 -18.41 45.08
CA VAL A 800 -13.59 -18.77 45.27
C VAL A 800 -13.72 -20.22 45.74
N ALA A 801 -12.71 -21.06 45.42
CA ALA A 801 -12.72 -22.46 45.83
C ALA A 801 -12.63 -22.61 47.34
N LEU A 802 -11.99 -21.66 48.01
CA LEU A 802 -11.97 -21.66 49.47
C LEU A 802 -13.33 -21.32 50.05
N ILE A 803 -13.96 -20.25 49.53
CA ILE A 803 -15.18 -19.75 50.17
C ILE A 803 -16.38 -20.61 49.81
N GLU A 804 -16.29 -21.35 48.70
CA GLU A 804 -17.37 -22.28 48.37
C GLU A 804 -17.23 -23.59 49.14
N PHE A 805 -16.00 -24.01 49.43
CA PHE A 805 -15.79 -25.13 50.33
C PHE A 805 -16.12 -24.74 51.76
N CYS A 806 -15.94 -23.46 52.10
CA CYS A 806 -16.29 -22.97 53.43
C CYS A 806 -17.80 -22.90 53.61
N TYR A 807 -18.53 -22.58 52.54
CA TYR A 807 -19.98 -22.40 52.63
C TYR A 807 -20.69 -23.72 52.89
N LYS A 808 -20.22 -24.80 52.25
CA LYS A 808 -20.80 -26.12 52.46
C LYS A 808 -20.47 -26.67 53.84
N SER A 809 -19.23 -26.48 54.28
CA SER A 809 -18.74 -26.99 55.56
C SER A 809 -19.43 -26.35 56.75
N ARG A 810 -19.49 -25.02 56.79
CA ARG A 810 -20.07 -24.30 57.91
C ARG A 810 -21.58 -24.45 57.95
N ALA A 811 -22.25 -24.10 56.85
CA ALA A 811 -23.71 -24.21 56.79
C ALA A 811 -24.13 -25.66 56.58
N GLY A 824 -31.04 -14.93 54.77
CA GLY A 824 -32.21 -15.28 53.98
C GLY A 824 -32.81 -14.08 53.27
N ARG A 825 -34.10 -13.84 53.52
CA ARG A 825 -34.78 -12.71 52.90
C ARG A 825 -34.49 -11.40 53.62
N LYS A 826 -33.93 -11.44 54.82
CA LYS A 826 -33.78 -10.24 55.65
C LYS A 826 -32.69 -9.32 55.11
N ALA A 827 -31.49 -9.85 54.89
CA ALA A 827 -30.43 -9.06 54.26
C ALA A 827 -30.75 -8.81 52.79
N LEU A 828 -31.52 -9.70 52.18
CA LEU A 828 -32.01 -9.55 50.81
C LEU A 828 -32.95 -8.36 50.71
N THR A 829 -33.76 -8.17 51.75
CA THR A 829 -34.57 -6.96 51.87
C THR A 829 -33.68 -5.74 52.07
N LEU A 830 -32.60 -5.90 52.82
CA LEU A 830 -31.75 -4.77 53.18
C LEU A 830 -30.88 -4.33 51.99
N LEU A 831 -30.31 -5.29 51.26
CA LEU A 831 -29.42 -4.95 50.15
C LEU A 831 -30.18 -4.36 48.98
N SER A 832 -31.45 -4.74 48.82
CA SER A 832 -32.31 -4.16 47.79
C SER A 832 -32.53 -2.68 48.04
N SER A 833 -32.71 -2.29 49.30
CA SER A 833 -32.93 -0.90 49.65
C SER A 833 -31.65 -0.08 49.52
N VAL A 834 -30.57 -0.55 50.16
CA VAL A 834 -29.38 0.29 50.35
C VAL A 834 -28.62 0.47 49.03
N PHE A 835 -28.80 -0.45 48.09
CA PHE A 835 -28.26 -0.24 46.75
C PHE A 835 -29.12 0.77 45.98
N ALA A 836 -30.42 0.76 46.24
CA ALA A 836 -31.31 1.72 45.59
C ALA A 836 -31.16 3.11 46.20
N VAL A 837 -30.76 3.18 47.47
CA VAL A 837 -30.50 4.48 48.10
C VAL A 837 -29.27 5.13 47.48
N CYS A 838 -28.16 4.38 47.41
CA CYS A 838 -26.94 4.90 46.82
C CYS A 838 -27.08 5.08 45.31
N GLY A 839 -27.86 4.21 44.67
CA GLY A 839 -28.10 4.30 43.24
C GLY A 839 -28.87 5.54 42.82
N LEU A 840 -29.89 5.89 43.61
CA LEU A 840 -30.65 7.11 43.36
C LEU A 840 -29.81 8.34 43.68
N GLY A 841 -28.89 8.22 44.63
CA GLY A 841 -28.09 9.37 45.03
C GLY A 841 -26.96 9.67 44.06
N LEU A 842 -26.30 8.62 43.56
CA LEU A 842 -25.10 8.81 42.74
C LEU A 842 -25.45 9.33 41.35
N LEU A 843 -26.59 8.90 40.79
CA LEU A 843 -27.00 9.41 39.48
C LEU A 843 -27.47 10.85 39.60
N GLY A 844 -28.17 11.18 40.70
CA GLY A 844 -28.67 12.51 40.96
C GLY A 844 -27.59 13.58 41.08
N ILE A 845 -26.51 13.27 41.79
CA ILE A 845 -25.43 14.23 41.98
C ILE A 845 -24.53 14.26 40.75
N ALA A 846 -24.65 13.27 39.87
CA ALA A 846 -23.85 13.25 38.66
C ALA A 846 -24.46 14.10 37.56
N VAL A 847 -25.78 14.01 37.39
CA VAL A 847 -26.49 14.74 36.34
C VAL A 847 -26.56 16.22 36.71
N SER A 848 -26.46 16.52 38.01
CA SER A 848 -26.54 17.90 38.46
C SER A 848 -25.18 18.60 38.33
N THR A 849 -24.12 17.93 38.76
CA THR A 849 -22.79 18.53 38.76
C THR A 849 -22.25 18.52 37.33
N ASP A 850 -21.23 19.34 37.06
CA ASP A 850 -20.71 19.53 35.70
C ASP A 850 -19.22 19.15 35.66
N TYR A 851 -18.97 17.86 35.49
CA TYR A 851 -17.63 17.34 35.26
C TYR A 851 -17.62 16.20 34.24
N TRP A 852 -18.65 16.10 33.40
CA TRP A 852 -18.85 14.96 32.50
C TRP A 852 -17.80 14.90 31.39
N LEU A 853 -17.16 16.01 31.07
CA LEU A 853 -16.22 16.02 29.96
C LEU A 853 -15.12 17.05 30.12
N TYR A 854 -13.90 16.59 30.40
CA TYR A 854 -12.73 17.42 30.26
C TYR A 854 -12.34 17.49 28.79
N LEU A 855 -11.78 18.62 28.37
CA LEU A 855 -11.38 18.80 26.98
C LEU A 855 -10.29 19.87 26.87
N GLU A 856 -9.10 19.49 26.44
CA GLU A 856 -8.00 20.43 26.26
C GLU A 856 -7.74 20.70 24.78
N GLU A 857 -7.26 21.91 24.50
CA GLU A 857 -6.88 22.35 23.16
C GLU A 857 -5.57 23.11 23.26
N GLY A 858 -4.81 23.15 22.17
CA GLY A 858 -3.59 23.93 22.16
C GLY A 858 -2.78 23.65 20.91
N ILE A 859 -1.50 24.04 20.99
CA ILE A 859 -0.54 23.85 19.91
C ILE A 859 0.65 23.08 20.44
N ILE A 860 1.32 22.37 19.53
CA ILE A 860 2.51 21.58 19.85
C ILE A 860 3.72 22.45 19.55
N LEU A 861 4.46 22.81 20.59
CA LEU A 861 5.72 23.50 20.41
C LEU A 861 6.75 22.53 19.81
N PRO A 862 7.64 23.00 18.91
CA PRO A 862 8.61 22.10 18.27
C PRO A 862 9.62 21.50 19.24
N GLN A 863 10.22 22.34 20.09
CA GLN A 863 11.19 21.87 21.06
C GLN A 863 10.52 21.07 22.17
N ASN A 864 10.96 19.81 22.34
CA ASN A 864 10.58 18.88 23.40
C ASN A 864 9.12 18.48 23.42
N GLN A 865 8.35 18.89 22.40
CA GLN A 865 6.90 18.70 22.27
C GLN A 865 6.13 19.22 23.48
N SER A 866 6.67 20.27 24.12
CA SER A 866 6.08 20.89 25.30
C SER A 866 4.73 21.50 24.97
N THR A 867 3.70 21.11 25.70
CA THR A 867 2.34 21.54 25.38
C THR A 867 2.00 22.86 26.04
N GLU A 868 1.03 23.57 25.47
CA GLU A 868 0.44 24.75 26.07
C GLU A 868 -1.06 24.71 25.86
N VAL A 869 -1.83 24.70 26.95
CA VAL A 869 -3.27 24.54 26.82
C VAL A 869 -3.93 25.88 26.51
N LYS A 870 -4.37 26.03 25.26
CA LYS A 870 -5.05 27.25 24.83
C LYS A 870 -6.46 27.31 25.39
N MET A 871 -7.09 26.15 25.60
CA MET A 871 -8.43 26.11 26.15
C MET A 871 -8.73 24.79 26.87
N SER A 872 -8.99 24.85 28.16
CA SER A 872 -9.57 23.73 28.89
C SER A 872 -11.08 23.91 28.97
N LEU A 873 -11.79 22.85 29.36
CA LEU A 873 -13.24 22.93 29.49
C LEU A 873 -13.73 22.12 30.68
N HIS A 874 -14.91 22.48 31.18
CA HIS A 874 -15.73 21.58 31.99
C HIS A 874 -17.04 21.42 31.25
N SER A 875 -17.76 20.35 31.58
CA SER A 875 -19.02 20.10 30.89
C SER A 875 -19.94 19.29 31.80
N GLY A 876 -21.23 19.56 31.66
CA GLY A 876 -22.28 18.77 32.28
C GLY A 876 -23.30 18.38 31.23
N LEU A 877 -24.57 18.44 31.58
CA LEU A 877 -25.61 18.21 30.57
C LEU A 877 -26.25 19.51 30.10
N TRP A 878 -26.39 20.50 30.99
CA TRP A 878 -26.97 21.79 30.64
C TRP A 878 -26.11 22.92 31.22
N ARG A 879 -24.84 22.62 31.49
CA ARG A 879 -23.95 23.62 32.08
C ARG A 879 -22.48 23.33 31.81
N VAL A 880 -21.86 24.09 30.91
CA VAL A 880 -20.41 23.98 30.70
C VAL A 880 -19.72 25.13 31.41
N CYS A 881 -18.44 24.95 31.72
CA CYS A 881 -17.64 25.97 32.40
C CYS A 881 -16.23 25.98 31.82
N PHE A 882 -15.68 27.16 31.53
CA PHE A 882 -14.35 27.21 30.95
C PHE A 882 -13.31 27.12 32.08
N LEU A 883 -12.04 27.10 31.72
CA LEU A 883 -10.98 26.81 32.68
C LEU A 883 -9.67 27.42 32.18
N ALA A 884 -8.52 26.97 32.72
CA ALA A 884 -7.22 27.66 32.76
C ALA A 884 -6.79 28.40 31.50
N GLY A 885 -6.91 27.76 30.33
CA GLY A 885 -6.71 28.47 29.08
C GLY A 885 -7.81 29.50 28.90
N GLU A 886 -7.45 30.79 29.05
CA GLU A 886 -8.40 31.89 29.28
C GLU A 886 -9.25 31.55 30.50
N GLU A 887 -8.65 31.68 31.69
CA GLU A 887 -9.01 31.04 32.96
C GLU A 887 -10.40 31.41 33.52
N ARG A 888 -11.21 32.15 32.75
CA ARG A 888 -12.53 32.67 33.10
C ARG A 888 -13.46 31.69 33.83
N GLY A 889 -14.17 32.19 34.83
CA GLY A 889 -15.13 31.40 35.58
C GLY A 889 -16.52 31.46 34.99
N ARG A 890 -16.61 31.90 33.74
CA ARG A 890 -17.89 32.15 33.07
C ARG A 890 -18.57 30.84 32.68
N CYS A 891 -19.36 30.29 33.60
CA CYS A 891 -20.07 29.04 33.36
C CYS A 891 -21.23 29.24 32.39
N PHE A 892 -20.95 29.03 31.11
CA PHE A 892 -21.90 29.24 30.01
C PHE A 892 -23.02 28.19 30.09
N THR A 893 -24.27 28.66 30.16
CA THR A 893 -25.39 27.74 30.01
C THR A 893 -25.51 27.32 28.55
N ILE A 894 -26.07 26.14 28.31
CA ILE A 894 -26.19 25.63 26.95
C ILE A 894 -27.48 26.12 26.28
N GLU A 895 -28.44 26.61 27.08
CA GLU A 895 -29.69 27.18 26.59
C GLU A 895 -29.48 28.37 25.66
N TYR A 896 -28.53 29.25 26.00
CA TYR A 896 -28.13 30.33 25.11
C TYR A 896 -26.74 30.81 25.55
N VAL A 897 -25.78 30.75 24.61
CA VAL A 897 -24.49 31.43 24.67
C VAL A 897 -23.86 31.40 23.28
N MET A 898 -23.03 32.41 22.98
CA MET A 898 -22.07 32.41 21.88
C MET A 898 -22.70 32.30 20.50
N VAL A 910 -21.35 25.19 21.19
CA VAL A 910 -21.20 24.71 19.82
C VAL A 910 -22.15 23.54 19.55
N ASN A 911 -21.93 22.84 18.44
CA ASN A 911 -22.84 21.80 18.00
C ASN A 911 -22.72 20.52 18.82
N VAL A 912 -21.55 20.19 19.36
CA VAL A 912 -21.41 19.01 20.20
C VAL A 912 -22.09 19.19 21.54
N LEU A 913 -22.25 20.44 22.01
CA LEU A 913 -23.09 20.72 23.16
C LEU A 913 -24.57 20.61 22.83
N LYS A 914 -24.93 20.68 21.54
CA LYS A 914 -26.29 20.37 21.12
C LYS A 914 -26.46 18.89 20.82
N MET A 915 -25.37 18.16 20.58
CA MET A 915 -25.47 16.72 20.39
C MET A 915 -25.67 16.00 21.71
N ILE A 916 -25.09 16.53 22.80
CA ILE A 916 -25.31 15.91 24.11
C ILE A 916 -26.66 16.33 24.67
N ARG A 917 -27.32 17.32 24.08
CA ARG A 917 -28.70 17.67 24.40
C ARG A 917 -29.62 16.53 23.97
N SER A 918 -29.29 15.88 22.87
CA SER A 918 -29.99 14.66 22.46
C SER A 918 -29.70 13.51 23.41
N ALA A 919 -28.49 13.49 23.98
CA ALA A 919 -28.11 12.46 24.94
C ALA A 919 -28.76 12.67 26.30
N THR A 920 -28.96 13.94 26.67
CA THR A 920 -29.50 14.44 27.94
C THR A 920 -30.75 13.74 28.48
N PRO A 921 -31.86 13.47 27.69
CA PRO A 921 -33.07 12.90 28.32
C PRO A 921 -32.93 11.50 28.90
N PHE A 922 -31.98 10.70 28.39
CA PHE A 922 -31.90 9.30 28.83
C PHE A 922 -31.37 9.11 30.24
N PRO A 923 -30.38 9.89 30.75
CA PRO A 923 -30.16 9.86 32.21
C PRO A 923 -31.30 10.45 33.02
N LEU A 924 -32.12 11.34 32.43
CA LEU A 924 -33.25 11.89 33.15
C LEU A 924 -34.37 10.87 33.28
N VAL A 925 -34.60 10.09 32.22
CA VAL A 925 -35.57 8.99 32.29
C VAL A 925 -35.04 7.88 33.18
N SER A 926 -33.72 7.70 33.21
CA SER A 926 -33.09 6.71 34.09
C SER A 926 -33.31 7.05 35.55
N LEU A 927 -33.21 8.34 35.90
CA LEU A 927 -33.48 8.77 37.26
C LEU A 927 -34.97 8.70 37.56
N PHE A 928 -35.80 8.88 36.53
CA PHE A 928 -37.25 8.85 36.72
C PHE A 928 -37.76 7.43 36.94
N PHE A 929 -37.21 6.46 36.20
CA PHE A 929 -37.57 5.06 36.41
C PHE A 929 -37.01 4.54 37.73
N MET A 930 -35.89 5.11 38.18
CA MET A 930 -35.25 4.61 39.39
C MET A 930 -35.99 5.07 40.65
N PHE A 931 -36.60 6.26 40.60
CA PHE A 931 -37.30 6.80 41.76
C PHE A 931 -38.61 6.06 42.00
N ILE A 932 -39.33 5.73 40.93
CA ILE A 932 -40.58 5.00 41.02
C ILE A 932 -40.28 3.58 41.49
N GLY A 933 -39.16 3.02 41.03
CA GLY A 933 -38.75 1.70 41.50
C GLY A 933 -38.30 1.72 42.95
N PHE A 934 -37.80 2.87 43.41
CA PHE A 934 -37.37 3.00 44.80
C PHE A 934 -38.57 3.09 45.75
N ILE A 935 -39.57 3.90 45.39
CA ILE A 935 -40.69 4.14 46.31
C ILE A 935 -41.61 2.93 46.37
N LEU A 936 -41.67 2.16 45.28
CA LEU A 936 -42.40 0.89 45.32
C LEU A 936 -41.61 -0.18 46.07
N SER A 937 -40.28 -0.07 46.08
CA SER A 937 -39.47 -0.94 46.92
C SER A 937 -39.62 -0.58 48.39
N ASN A 938 -39.92 0.69 48.70
CA ASN A 938 -40.04 1.10 50.08
C ASN A 938 -41.39 0.71 50.66
N ILE A 939 -42.48 0.95 49.93
CA ILE A 939 -43.80 0.59 50.44
C ILE A 939 -44.07 -0.90 50.30
N GLY A 940 -43.26 -1.62 49.53
CA GLY A 940 -43.26 -3.07 49.61
C GLY A 940 -42.66 -3.56 50.90
N HIS A 941 -41.78 -2.77 51.51
CA HIS A 941 -41.21 -3.11 52.81
C HIS A 941 -42.05 -2.53 53.94
N ILE A 942 -42.69 -1.38 53.71
CA ILE A 942 -43.64 -0.82 54.66
C ILE A 942 -44.89 -1.69 54.71
N ARG A 943 -45.44 -2.02 53.54
CA ARG A 943 -46.63 -2.84 53.44
C ARG A 943 -46.33 -4.13 52.67
N PRO A 944 -45.88 -5.21 53.34
CA PRO A 944 -45.62 -6.47 52.62
C PRO A 944 -46.86 -7.32 52.41
N HIS A 945 -48.05 -6.72 52.53
CA HIS A 945 -49.35 -7.39 52.41
C HIS A 945 -49.52 -8.17 51.11
N ARG A 946 -49.38 -7.49 49.98
CA ARG A 946 -49.40 -8.17 48.70
C ARG A 946 -47.96 -8.45 48.26
N THR A 947 -47.79 -9.04 47.08
CA THR A 947 -46.47 -9.46 46.60
C THR A 947 -46.08 -8.71 45.33
N ILE A 948 -47.05 -8.38 44.47
CA ILE A 948 -46.84 -7.99 43.08
C ILE A 948 -46.04 -6.68 42.95
N LEU A 949 -46.07 -5.84 43.98
CA LEU A 949 -45.40 -4.54 43.88
C LEU A 949 -43.88 -4.67 44.01
N ALA A 950 -43.39 -5.82 44.46
CA ALA A 950 -41.95 -6.06 44.45
C ALA A 950 -41.42 -6.34 43.06
N PHE A 951 -42.19 -7.05 42.24
CA PHE A 951 -41.76 -7.32 40.86
C PHE A 951 -41.85 -6.07 40.00
N VAL A 952 -42.82 -5.19 40.26
CA VAL A 952 -42.93 -3.94 39.54
C VAL A 952 -41.75 -3.03 39.87
N SER A 953 -41.22 -3.14 41.08
CA SER A 953 -39.96 -2.49 41.42
C SER A 953 -38.81 -3.06 40.59
N GLY A 954 -38.75 -4.38 40.47
CA GLY A 954 -37.70 -5.07 39.72
C GLY A 954 -37.66 -4.73 38.24
N ILE A 955 -38.83 -4.44 37.66
CA ILE A 955 -38.88 -3.98 36.27
C ILE A 955 -38.21 -2.61 36.13
N PHE A 956 -38.44 -1.74 37.11
CA PHE A 956 -38.09 -0.33 36.95
C PHE A 956 -36.60 -0.09 37.16
N PHE A 957 -35.93 -0.90 37.98
CA PHE A 957 -34.49 -0.76 38.11
C PHE A 957 -33.77 -1.28 36.88
N ILE A 958 -34.32 -2.29 36.22
CA ILE A 958 -33.68 -2.84 35.03
C ILE A 958 -33.87 -1.91 33.85
N LEU A 959 -35.06 -1.33 33.70
CA LEU A 959 -35.31 -0.38 32.62
C LEU A 959 -34.54 0.91 32.82
N SER A 960 -34.25 1.27 34.08
CA SER A 960 -33.43 2.44 34.34
C SER A 960 -31.98 2.20 33.96
N GLY A 961 -31.49 0.99 34.19
CA GLY A 961 -30.12 0.65 33.80
C GLY A 961 -29.96 0.54 32.29
N LEU A 962 -30.98 -0.01 31.62
CA LEU A 962 -30.92 -0.10 30.17
C LEU A 962 -31.09 1.25 29.50
N SER A 963 -31.74 2.20 30.18
CA SER A 963 -31.83 3.56 29.66
C SER A 963 -30.50 4.29 29.84
N LEU A 964 -29.71 3.89 30.86
CA LEU A 964 -28.37 4.42 31.01
C LEU A 964 -27.44 3.93 29.91
N VAL A 965 -27.64 2.70 29.41
CA VAL A 965 -26.80 2.19 28.33
C VAL A 965 -27.07 2.95 27.04
N VAL A 966 -28.34 3.22 26.76
CA VAL A 966 -28.71 4.04 25.60
C VAL A 966 -28.18 5.46 25.77
N GLY A 967 -28.19 5.97 27.01
CA GLY A 967 -27.67 7.29 27.29
C GLY A 967 -26.17 7.43 27.16
N LEU A 968 -25.41 6.48 27.72
CA LEU A 968 -23.96 6.60 27.70
C LEU A 968 -23.37 6.28 26.32
N VAL A 969 -24.01 5.39 25.57
CA VAL A 969 -23.54 5.10 24.22
C VAL A 969 -23.83 6.29 23.29
N LEU A 970 -24.96 6.96 23.49
CA LEU A 970 -25.25 8.20 22.77
C LEU A 970 -24.29 9.31 23.15
N TYR A 971 -23.94 9.40 24.43
CA TYR A 971 -23.08 10.47 24.91
C TYR A 971 -21.67 10.33 24.36
N ILE A 972 -21.16 9.10 24.32
CA ILE A 972 -19.80 8.88 23.85
C ILE A 972 -19.73 8.99 22.33
N SER A 973 -20.76 8.49 21.63
CA SER A 973 -20.75 8.53 20.17
C SER A 973 -20.92 9.96 19.65
N SER A 974 -21.53 10.83 20.45
CA SER A 974 -21.63 12.23 20.08
C SER A 974 -20.27 12.92 20.15
N ILE A 975 -19.43 12.48 21.09
CA ILE A 975 -18.10 13.08 21.24
C ILE A 975 -17.17 12.62 20.12
N ASN A 976 -17.21 11.32 19.79
CA ASN A 976 -16.25 10.78 18.83
C ASN A 976 -16.58 11.21 17.40
N ASP A 977 -17.83 11.59 17.13
CA ASP A 977 -18.16 12.11 15.81
C ASP A 977 -17.58 13.49 15.61
N GLU A 978 -17.54 14.31 16.66
CA GLU A 978 -17.04 15.67 16.52
C GLU A 978 -15.53 15.72 16.73
N MET A 979 -14.95 14.67 17.34
CA MET A 979 -13.51 14.51 17.31
C MET A 979 -13.00 14.21 15.91
N LEU A 980 -13.82 13.56 15.08
CA LEU A 980 -13.43 13.28 13.70
C LEU A 980 -13.57 14.51 12.82
N ASN A 981 -14.61 15.31 13.06
CA ASN A 981 -14.85 16.55 12.32
C ASN A 981 -14.04 17.67 12.95
N ARG A 982 -12.74 17.71 12.66
CA ARG A 982 -11.88 18.66 13.35
C ARG A 982 -10.93 19.35 12.36
N THR A 983 -10.90 18.86 11.12
CA THR A 983 -9.88 19.22 10.12
C THR A 983 -8.48 19.04 10.70
N LYS A 984 -8.13 17.77 10.89
CA LYS A 984 -6.91 17.27 11.56
C LYS A 984 -5.63 17.93 11.06
N ASP A 985 -4.86 18.47 11.98
CA ASP A 985 -3.62 19.19 11.69
C ASP A 985 -2.49 18.60 12.53
N ALA A 986 -1.25 18.84 12.11
CA ALA A 986 -0.08 18.37 12.83
C ALA A 986 0.40 19.36 13.88
N GLU A 987 -0.29 20.48 14.06
CA GLU A 987 0.05 21.45 15.09
C GLU A 987 -1.08 21.65 16.10
N THR A 988 -2.11 20.82 16.06
CA THR A 988 -3.19 20.87 17.04
C THR A 988 -3.26 19.55 17.80
N TYR A 989 -3.81 19.60 19.02
CA TYR A 989 -3.99 18.39 19.81
C TYR A 989 -5.22 18.50 20.69
N PHE A 990 -5.97 17.41 20.82
CA PHE A 990 -7.12 17.34 21.68
C PHE A 990 -7.02 16.15 22.63
N ASN A 991 -7.37 16.40 23.90
CA ASN A 991 -7.13 15.47 25.00
C ASN A 991 -8.41 15.35 25.83
N TYR A 992 -9.52 15.03 25.16
CA TYR A 992 -10.81 14.86 25.83
C TYR A 992 -10.74 13.73 26.85
N LYS A 993 -11.43 13.95 27.97
CA LYS A 993 -11.36 13.08 29.13
C LYS A 993 -12.71 13.14 29.85
N TYR A 994 -13.05 12.07 30.54
CA TYR A 994 -14.26 12.02 31.35
C TYR A 994 -13.89 12.28 32.80
N GLY A 995 -14.91 12.53 33.62
CA GLY A 995 -14.66 12.88 35.01
C GLY A 995 -15.43 12.02 36.00
N TRP A 996 -15.52 12.49 37.24
CA TRP A 996 -16.23 11.72 38.26
C TRP A 996 -17.75 11.82 38.10
N SER A 997 -18.24 12.81 37.34
CA SER A 997 -19.66 12.86 37.03
C SER A 997 -20.03 11.79 36.00
N PHE A 998 -19.13 11.52 35.06
CA PHE A 998 -19.34 10.40 34.14
C PHE A 998 -19.18 9.07 34.87
N ALA A 999 -18.29 9.03 35.86
CA ALA A 999 -17.97 7.77 36.52
C ALA A 999 -19.09 7.32 37.45
N PHE A 1000 -19.80 8.26 38.07
CA PHE A 1000 -20.87 7.88 38.99
C PHE A 1000 -22.11 7.39 38.25
N ALA A 1001 -22.27 7.79 36.98
CA ALA A 1001 -23.33 7.24 36.16
C ALA A 1001 -23.01 5.79 35.78
N ALA A 1002 -21.73 5.47 35.64
CA ALA A 1002 -21.33 4.08 35.42
C ALA A 1002 -21.57 3.24 36.68
N ILE A 1003 -21.33 3.83 37.85
CA ILE A 1003 -21.63 3.17 39.12
C ILE A 1003 -23.14 3.06 39.31
N SER A 1004 -23.90 4.03 38.80
CA SER A 1004 -25.36 4.01 38.90
C SER A 1004 -25.95 2.85 38.10
N PHE A 1005 -25.27 2.44 37.02
CA PHE A 1005 -25.68 1.27 36.27
C PHE A 1005 -25.54 -0.02 37.08
N LEU A 1006 -24.36 -0.23 37.68
CA LEU A 1006 -24.07 -1.51 38.34
C LEU A 1006 -24.93 -1.71 39.58
N LEU A 1007 -25.25 -0.63 40.29
CA LEU A 1007 -26.02 -0.76 41.53
C LEU A 1007 -27.49 -1.04 41.26
N THR A 1008 -28.06 -0.41 40.23
CA THR A 1008 -29.48 -0.61 39.95
C THR A 1008 -29.72 -1.95 39.26
N GLU A 1009 -28.78 -2.39 38.45
CA GLU A 1009 -28.86 -3.74 37.90
C GLU A 1009 -28.64 -4.78 38.99
N SER A 1010 -27.85 -4.45 40.02
CA SER A 1010 -27.73 -5.33 41.17
C SER A 1010 -28.99 -5.29 42.02
N ALA A 1011 -29.55 -4.09 42.23
CA ALA A 1011 -30.82 -3.95 42.95
C ALA A 1011 -31.98 -4.50 42.14
N GLY A 1012 -31.81 -4.59 40.82
CA GLY A 1012 -32.80 -5.31 40.01
C GLY A 1012 -32.75 -6.81 40.24
N VAL A 1013 -31.55 -7.35 40.48
CA VAL A 1013 -31.41 -8.76 40.84
C VAL A 1013 -31.95 -8.99 42.26
N MET A 1014 -31.69 -8.04 43.16
CA MET A 1014 -32.15 -8.14 44.54
C MET A 1014 -33.68 -8.07 44.63
N SER A 1015 -34.30 -7.25 43.78
CA SER A 1015 -35.75 -7.05 43.84
C SER A 1015 -36.51 -8.28 43.34
N VAL A 1016 -36.02 -8.93 42.29
CA VAL A 1016 -36.70 -10.12 41.78
C VAL A 1016 -36.39 -11.33 42.67
N TYR A 1017 -35.28 -11.28 43.42
CA TYR A 1017 -34.97 -12.33 44.38
C TYR A 1017 -36.01 -12.47 45.48
N LEU A 1018 -36.31 -11.39 46.21
CA LEU A 1018 -37.24 -11.53 47.33
C LEU A 1018 -38.68 -11.60 46.87
N PHE A 1019 -38.98 -11.17 45.64
CA PHE A 1019 -40.29 -11.41 45.07
C PHE A 1019 -40.55 -12.90 44.86
N MET A 1020 -39.50 -13.65 44.52
CA MET A 1020 -39.63 -15.10 44.46
C MET A 1020 -39.70 -15.70 45.86
N LYS A 1021 -39.18 -14.99 46.86
CA LYS A 1021 -39.28 -15.47 48.24
C LYS A 1021 -40.70 -15.28 48.78
N ARG A 1022 -41.41 -14.28 48.28
CA ARG A 1022 -42.80 -14.08 48.69
C ARG A 1022 -43.73 -15.12 48.08
N TYR A 1023 -43.38 -15.63 46.90
CA TYR A 1023 -44.11 -16.75 46.33
C TYR A 1023 -43.78 -18.05 47.05
N THR A 1024 -42.50 -18.23 47.39
CA THR A 1024 -42.02 -19.43 48.07
C THR A 1024 -42.62 -19.58 49.46
N ALA A 1025 -42.44 -18.56 50.31
CA ALA A 1025 -42.96 -18.61 51.68
C ALA A 1025 -44.46 -18.40 51.69
N GLN B 383 17.91 54.18 -22.98
CA GLN B 383 17.23 54.11 -24.27
C GLN B 383 15.83 54.77 -24.18
N LYS B 384 14.96 54.20 -23.35
CA LYS B 384 13.73 54.71 -22.74
C LYS B 384 13.28 53.68 -21.73
N THR B 385 12.61 54.10 -20.67
CA THR B 385 12.14 53.16 -19.66
C THR B 385 10.68 52.78 -19.95
N VAL B 386 10.38 51.51 -19.74
CA VAL B 386 9.03 51.00 -19.97
C VAL B 386 8.31 50.90 -18.63
N VAL B 387 7.17 51.57 -18.51
CA VAL B 387 6.38 51.53 -17.30
C VAL B 387 5.39 50.39 -17.44
N VAL B 388 5.66 49.28 -16.76
CA VAL B 388 4.75 48.13 -16.78
C VAL B 388 3.73 48.37 -15.67
N THR B 389 2.58 47.72 -15.77
CA THR B 389 1.59 47.83 -14.71
C THR B 389 1.05 46.47 -14.33
N THR B 390 1.05 46.17 -13.03
CA THR B 390 0.46 44.95 -12.53
C THR B 390 -0.40 45.33 -11.32
N ILE B 391 -0.99 44.34 -10.67
CA ILE B 391 -1.89 44.51 -9.55
C ILE B 391 -1.37 43.62 -8.43
N LEU B 392 -1.71 43.96 -7.19
CA LEU B 392 -1.31 43.19 -6.02
C LEU B 392 -2.25 42.00 -5.89
N GLU B 393 -1.77 40.84 -6.34
CA GLU B 393 -2.54 39.60 -6.25
C GLU B 393 -1.58 38.44 -6.28
N SER B 394 -1.70 37.53 -5.32
CA SER B 394 -0.88 36.33 -5.24
C SER B 394 -1.38 35.30 -6.23
N PRO B 395 -0.50 34.55 -6.90
CA PRO B 395 0.96 34.58 -6.88
C PRO B 395 1.55 35.50 -7.93
N TYR B 396 0.76 36.42 -8.46
CA TYR B 396 1.18 37.18 -9.64
C TYR B 396 2.18 38.27 -9.29
N VAL B 397 1.79 39.19 -8.41
CA VAL B 397 2.72 40.14 -7.81
C VAL B 397 2.47 40.16 -6.32
N MET B 398 3.49 39.80 -5.55
CA MET B 398 3.47 39.86 -4.11
C MET B 398 4.59 40.76 -3.64
N MET B 399 4.35 41.47 -2.54
CA MET B 399 5.40 42.24 -1.90
C MET B 399 6.35 41.30 -1.18
N LYS B 400 7.64 41.43 -1.49
CA LYS B 400 8.65 40.58 -0.89
C LYS B 400 8.83 40.97 0.57
N LYS B 401 9.31 40.02 1.38
CA LYS B 401 9.44 40.14 2.84
C LYS B 401 10.29 41.34 3.26
N ASN B 402 11.31 41.68 2.47
CA ASN B 402 12.20 42.78 2.81
C ASN B 402 12.00 43.97 1.87
N HIS B 403 10.74 44.29 1.56
CA HIS B 403 10.47 45.34 0.57
C HIS B 403 10.73 46.74 1.10
N GLU B 404 10.80 46.92 2.43
CA GLU B 404 11.07 48.24 2.97
C GLU B 404 12.54 48.62 2.86
N MET B 405 13.43 47.65 2.70
CA MET B 405 14.85 47.91 2.51
C MET B 405 15.31 47.70 1.07
N LEU B 406 14.61 46.86 0.31
CA LEU B 406 14.85 46.74 -1.12
C LEU B 406 14.14 47.86 -1.86
N GLU B 407 14.64 48.19 -3.05
CA GLU B 407 14.09 49.29 -3.81
C GLU B 407 14.36 49.06 -5.29
N GLY B 408 13.36 49.36 -6.12
CA GLY B 408 13.46 49.19 -7.56
C GLY B 408 12.48 48.16 -8.07
N ASN B 409 12.95 47.24 -8.91
CA ASN B 409 12.16 46.10 -9.33
C ASN B 409 12.37 44.89 -8.43
N GLU B 410 13.06 45.09 -7.31
CA GLU B 410 13.33 44.02 -6.35
C GLU B 410 12.41 44.06 -5.15
N ARG B 411 11.51 45.04 -5.07
CA ARG B 411 10.52 45.08 -4.01
C ARG B 411 9.47 43.99 -4.18
N TYR B 412 9.22 43.57 -5.41
CA TYR B 412 8.11 42.69 -5.73
C TYR B 412 8.62 41.34 -6.23
N GLU B 413 7.86 40.29 -5.94
CA GLU B 413 8.09 38.96 -6.46
C GLU B 413 6.78 38.37 -6.93
N GLY B 414 6.87 37.31 -7.71
CA GLY B 414 5.67 36.60 -8.11
C GLY B 414 5.76 36.06 -9.52
N TYR B 415 4.61 35.62 -10.01
CA TYR B 415 4.51 35.08 -11.37
C TYR B 415 4.73 36.17 -12.42
N CYS B 416 4.06 37.31 -12.26
CA CYS B 416 4.17 38.37 -13.27
C CYS B 416 5.47 39.15 -13.12
N VAL B 417 6.13 39.06 -11.97
CA VAL B 417 7.46 39.64 -11.85
C VAL B 417 8.47 38.80 -12.62
N ASP B 418 8.37 37.47 -12.51
CA ASP B 418 9.23 36.59 -13.31
C ASP B 418 8.83 36.61 -14.78
N LEU B 419 7.56 36.87 -15.08
CA LEU B 419 7.13 36.96 -16.46
C LEU B 419 7.62 38.24 -17.12
N ALA B 420 7.62 39.36 -16.38
CA ALA B 420 8.13 40.62 -16.93
C ALA B 420 9.63 40.56 -17.18
N ALA B 421 10.35 39.75 -16.40
CA ALA B 421 11.77 39.55 -16.63
C ALA B 421 12.01 38.75 -17.90
N GLU B 422 11.11 37.80 -18.20
CA GLU B 422 11.26 36.98 -19.40
C GLU B 422 10.84 37.74 -20.65
N ILE B 423 9.84 38.62 -20.54
CA ILE B 423 9.45 39.45 -21.68
C ILE B 423 10.56 40.44 -22.02
N ALA B 424 11.24 40.96 -21.00
CA ALA B 424 12.27 41.98 -21.22
C ALA B 424 13.51 41.40 -21.89
N LYS B 425 13.87 40.15 -21.55
CA LYS B 425 15.07 39.57 -22.13
C LYS B 425 14.85 39.10 -23.56
N HIS B 426 13.60 38.91 -23.97
CA HIS B 426 13.31 38.57 -25.36
C HIS B 426 13.03 39.80 -26.21
N CYS B 427 12.32 40.79 -25.68
CA CYS B 427 11.97 41.98 -26.45
C CYS B 427 13.02 43.09 -26.33
N GLY B 428 13.97 42.96 -25.41
CA GLY B 428 15.06 43.90 -25.27
C GLY B 428 14.65 45.28 -24.80
N PHE B 429 14.20 45.39 -23.55
CA PHE B 429 13.89 46.69 -22.97
C PHE B 429 14.18 46.65 -21.48
N LYS B 430 14.26 47.83 -20.88
CA LYS B 430 14.40 47.99 -19.44
C LYS B 430 13.08 48.48 -18.88
N TYR B 431 12.64 47.87 -17.78
CA TYR B 431 11.28 48.06 -17.31
C TYR B 431 11.27 48.55 -15.87
N LYS B 432 10.19 49.23 -15.51
CA LYS B 432 9.95 49.74 -14.17
C LYS B 432 8.62 49.16 -13.68
N LEU B 433 8.67 48.32 -12.65
CA LEU B 433 7.46 47.74 -12.07
C LEU B 433 6.64 48.81 -11.36
N THR B 434 5.34 48.85 -11.63
CA THR B 434 4.48 49.89 -11.09
C THR B 434 3.09 49.35 -10.80
N ILE B 435 2.72 49.25 -9.52
CA ILE B 435 1.38 48.80 -9.13
C ILE B 435 0.38 49.89 -9.50
N VAL B 436 -0.80 49.50 -9.98
CA VAL B 436 -1.85 50.43 -10.36
C VAL B 436 -2.40 51.11 -9.12
N GLY B 437 -2.54 52.43 -9.22
CA GLY B 437 -3.02 53.24 -8.11
C GLY B 437 -4.47 52.98 -7.77
N ASP B 438 -5.30 52.88 -8.80
CA ASP B 438 -6.72 52.58 -8.67
C ASP B 438 -6.95 51.22 -8.03
N GLY B 439 -6.09 50.25 -8.35
CA GLY B 439 -6.17 48.95 -7.72
C GLY B 439 -7.15 47.99 -8.33
N LYS B 440 -7.71 48.32 -9.49
CA LYS B 440 -8.64 47.47 -10.21
C LYS B 440 -8.00 46.96 -11.49
N TYR B 441 -8.72 46.08 -12.18
CA TYR B 441 -8.26 45.49 -13.43
C TYR B 441 -8.61 46.33 -14.64
N GLY B 442 -9.82 46.88 -14.67
CA GLY B 442 -10.20 47.78 -15.74
C GLY B 442 -11.63 47.58 -16.24
N ALA B 443 -12.40 48.65 -16.22
CA ALA B 443 -13.78 48.65 -16.69
C ALA B 443 -14.15 50.05 -17.13
N ARG B 444 -15.13 50.14 -18.02
CA ARG B 444 -15.61 51.41 -18.54
C ARG B 444 -16.87 51.80 -17.80
N ASP B 445 -16.89 53.01 -17.25
CA ASP B 445 -18.07 53.53 -16.57
C ASP B 445 -19.17 53.80 -17.58
N ALA B 446 -20.41 53.45 -17.22
CA ALA B 446 -21.53 53.59 -18.14
C ALA B 446 -21.97 55.04 -18.32
N ASP B 447 -21.46 55.98 -17.51
CA ASP B 447 -21.85 57.37 -17.61
C ASP B 447 -20.70 58.24 -18.12
N THR B 448 -19.52 58.17 -17.48
CA THR B 448 -18.43 59.05 -17.86
C THR B 448 -17.61 58.49 -19.01
N LYS B 449 -17.77 57.20 -19.30
CA LYS B 449 -17.03 56.46 -20.34
C LYS B 449 -15.52 56.50 -20.12
N ILE B 450 -15.09 56.52 -18.87
CA ILE B 450 -13.67 56.57 -18.53
C ILE B 450 -13.27 55.22 -17.96
N TRP B 451 -12.11 54.73 -18.39
CA TRP B 451 -11.64 53.39 -18.05
C TRP B 451 -10.89 53.42 -16.73
N ASN B 452 -11.29 52.54 -15.81
CA ASN B 452 -10.60 52.34 -14.54
C ASN B 452 -9.41 51.41 -14.73
N GLY B 453 -8.68 51.22 -13.65
CA GLY B 453 -7.76 50.11 -13.52
C GLY B 453 -6.54 50.15 -14.43
N MET B 454 -6.02 48.97 -14.70
CA MET B 454 -4.84 48.83 -15.55
C MET B 454 -5.17 49.10 -17.02
N VAL B 455 -6.41 48.89 -17.42
CA VAL B 455 -6.83 49.22 -18.78
C VAL B 455 -6.80 50.73 -18.97
N GLY B 456 -7.17 51.47 -17.93
CA GLY B 456 -7.18 52.92 -18.03
C GLY B 456 -5.80 53.54 -18.12
N GLU B 457 -4.79 52.89 -17.55
CA GLU B 457 -3.44 53.44 -17.62
C GLU B 457 -2.81 53.20 -18.99
N LEU B 458 -3.36 52.26 -19.75
CA LEU B 458 -2.86 52.00 -21.10
C LEU B 458 -3.58 52.85 -22.14
N VAL B 459 -4.88 53.09 -21.94
CA VAL B 459 -5.65 53.89 -22.89
C VAL B 459 -5.23 55.35 -22.88
N TYR B 460 -5.03 55.95 -21.71
CA TYR B 460 -4.81 57.38 -21.58
C TYR B 460 -3.33 57.72 -21.62
N GLY B 461 -2.44 56.81 -21.21
CA GLY B 461 -1.03 57.03 -21.47
C GLY B 461 -0.09 56.78 -20.32
N LYS B 462 -0.62 56.38 -19.16
CA LYS B 462 0.20 56.29 -17.96
C LYS B 462 1.08 55.05 -17.94
N ALA B 463 0.90 54.13 -18.88
CA ALA B 463 1.70 52.91 -18.93
C ALA B 463 1.97 52.52 -20.38
N ASP B 464 2.98 51.65 -20.54
CA ASP B 464 3.37 51.16 -21.84
C ASP B 464 3.00 49.71 -22.07
N ILE B 465 2.77 48.94 -21.01
CA ILE B 465 2.39 47.54 -21.10
C ILE B 465 1.77 47.17 -19.75
N ALA B 466 0.92 46.14 -19.76
CA ALA B 466 0.31 45.62 -18.53
C ALA B 466 0.56 44.12 -18.48
N ILE B 467 1.70 43.73 -17.90
CA ILE B 467 2.04 42.32 -17.77
C ILE B 467 1.37 41.81 -16.50
N ALA B 468 0.15 41.33 -16.62
CA ALA B 468 -0.77 41.16 -15.50
C ALA B 468 -1.80 40.11 -15.85
N PRO B 469 -2.49 39.53 -14.86
CA PRO B 469 -3.62 38.65 -15.19
C PRO B 469 -4.87 39.39 -15.62
N LEU B 470 -4.84 40.01 -16.80
CA LEU B 470 -6.01 40.62 -17.40
C LEU B 470 -6.75 39.62 -18.27
N THR B 471 -8.03 39.43 -17.99
CA THR B 471 -8.87 38.55 -18.80
C THR B 471 -9.10 39.19 -20.16
N ILE B 472 -8.81 38.43 -21.23
CA ILE B 472 -9.02 38.89 -22.59
C ILE B 472 -10.52 38.91 -22.87
N THR B 473 -11.12 40.09 -22.91
CA THR B 473 -12.54 40.22 -23.11
C THR B 473 -12.85 41.03 -24.36
N LEU B 474 -14.13 41.07 -24.72
CA LEU B 474 -14.56 41.75 -25.93
C LEU B 474 -14.48 43.26 -25.79
N VAL B 475 -14.89 43.79 -24.63
CA VAL B 475 -14.91 45.24 -24.43
C VAL B 475 -13.53 45.83 -24.26
N ARG B 476 -12.54 45.04 -23.87
CA ARG B 476 -11.19 45.53 -23.71
C ARG B 476 -10.38 45.46 -24.99
N GLU B 477 -10.59 44.45 -25.82
CA GLU B 477 -9.89 44.30 -27.11
C GLU B 477 -10.19 45.44 -28.07
N GLU B 478 -11.33 46.12 -27.91
CA GLU B 478 -11.66 47.27 -28.74
C GLU B 478 -10.81 48.50 -28.45
N VAL B 479 -10.16 48.58 -27.29
CA VAL B 479 -9.41 49.77 -26.89
C VAL B 479 -7.94 49.48 -26.64
N ILE B 480 -7.58 48.25 -26.29
CA ILE B 480 -6.18 47.88 -26.07
C ILE B 480 -5.89 46.59 -26.84
N ASP B 481 -4.60 46.29 -26.96
CA ASP B 481 -4.16 45.10 -27.70
C ASP B 481 -3.65 44.04 -26.73
N PHE B 482 -4.26 42.85 -26.77
CA PHE B 482 -3.82 41.71 -25.99
C PHE B 482 -2.88 40.84 -26.81
N SER B 483 -2.05 40.09 -26.11
CA SER B 483 -1.27 39.03 -26.74
C SER B 483 -2.05 37.72 -26.71
N LYS B 484 -1.38 36.64 -27.07
CA LYS B 484 -1.96 35.32 -26.88
C LYS B 484 -2.00 35.01 -25.38
N PRO B 485 -2.93 34.15 -24.95
CA PRO B 485 -3.02 33.83 -23.53
C PRO B 485 -1.80 33.09 -23.02
N PHE B 486 -1.12 33.70 -22.05
CA PHE B 486 -0.04 33.01 -21.35
C PHE B 486 -0.57 32.06 -20.29
N MET B 487 -1.84 32.20 -19.92
CA MET B 487 -2.47 31.32 -18.95
C MET B 487 -3.93 31.11 -19.35
N SER B 488 -4.34 29.86 -19.40
CA SER B 488 -5.71 29.49 -19.70
C SER B 488 -6.41 29.07 -18.41
N LEU B 489 -7.66 29.51 -18.25
CA LEU B 489 -8.38 29.26 -17.01
C LEU B 489 -9.87 29.25 -17.28
N GLY B 490 -10.64 28.99 -16.24
CA GLY B 490 -12.08 29.06 -16.32
C GLY B 490 -12.67 29.06 -14.92
N ILE B 491 -13.98 28.91 -14.87
CA ILE B 491 -14.71 28.87 -13.61
C ILE B 491 -14.68 27.44 -13.08
N SER B 492 -14.29 27.28 -11.83
CA SER B 492 -14.14 25.96 -11.21
C SER B 492 -14.92 25.90 -9.91
N ILE B 493 -14.90 24.73 -9.29
CA ILE B 493 -15.66 24.44 -8.08
C ILE B 493 -14.68 24.22 -6.93
N MET B 494 -14.93 24.92 -5.81
CA MET B 494 -14.14 24.76 -4.59
C MET B 494 -15.03 24.17 -3.52
N ILE B 495 -14.79 22.91 -3.18
CA ILE B 495 -15.46 22.27 -2.06
C ILE B 495 -14.44 22.05 -0.96
N LYS B 496 -14.94 21.72 0.22
CA LYS B 496 -14.08 21.36 1.34
C LYS B 496 -13.51 19.97 1.09
N LYS B 497 -12.24 19.78 1.44
CA LYS B 497 -11.55 18.50 1.22
C LYS B 497 -12.20 17.40 2.05
N PRO B 498 -12.64 16.29 1.43
CA PRO B 498 -13.44 15.31 2.16
C PRO B 498 -12.68 14.55 3.24
N GLN B 499 -13.37 14.34 4.35
CA GLN B 499 -12.85 13.63 5.50
C GLN B 499 -13.60 12.31 5.62
N LYS B 500 -13.38 11.60 6.74
CA LYS B 500 -13.72 10.18 6.84
C LYS B 500 -15.20 9.89 6.64
N SER B 501 -16.04 10.19 7.66
CA SER B 501 -17.48 10.42 7.65
C SER B 501 -17.94 10.57 9.09
N LYS B 502 -19.17 11.01 9.30
CA LYS B 502 -19.68 10.63 10.62
C LYS B 502 -20.46 9.32 10.51
N PRO B 503 -20.24 8.36 11.41
CA PRO B 503 -20.96 7.08 11.31
C PRO B 503 -22.40 7.21 11.76
N GLY B 504 -23.29 6.55 11.04
CA GLY B 504 -24.69 6.49 11.42
C GLY B 504 -24.99 5.42 12.44
N VAL B 505 -26.24 4.96 12.49
CA VAL B 505 -26.64 3.87 13.36
C VAL B 505 -26.43 2.51 12.73
N PHE B 506 -26.81 2.34 11.46
CA PHE B 506 -26.66 1.06 10.77
C PHE B 506 -25.39 1.07 9.94
N SER B 507 -24.34 1.72 10.45
CA SER B 507 -23.07 1.77 9.75
C SER B 507 -22.32 0.45 9.88
N PHE B 508 -22.69 -0.37 10.86
CA PHE B 508 -22.06 -1.65 11.10
C PHE B 508 -22.48 -2.68 10.05
N LEU B 509 -23.57 -2.41 9.34
CA LEU B 509 -24.06 -3.30 8.29
C LEU B 509 -23.32 -3.13 6.97
N ASP B 510 -22.64 -2.00 6.77
CA ASP B 510 -21.99 -1.59 5.53
C ASP B 510 -20.89 -2.47 4.91
N PRO B 511 -20.18 -3.37 5.64
CA PRO B 511 -19.35 -4.36 4.91
C PRO B 511 -20.11 -5.27 3.95
N LEU B 512 -21.40 -5.48 4.16
CA LEU B 512 -22.22 -6.22 3.21
C LEU B 512 -23.29 -5.29 2.65
N ALA B 513 -23.64 -5.49 1.39
CA ALA B 513 -24.66 -4.65 0.79
C ALA B 513 -26.04 -5.01 1.33
N TYR B 514 -26.99 -4.10 1.13
CA TYR B 514 -28.35 -4.32 1.62
C TYR B 514 -29.05 -5.45 0.87
N GLU B 515 -28.62 -5.74 -0.35
CA GLU B 515 -29.13 -6.90 -1.08
C GLU B 515 -28.74 -8.20 -0.36
N ILE B 516 -27.56 -8.23 0.24
CA ILE B 516 -27.11 -9.43 0.95
C ILE B 516 -27.89 -9.61 2.25
N TRP B 517 -28.03 -8.53 3.03
CA TRP B 517 -28.67 -8.60 4.35
C TRP B 517 -30.14 -9.00 4.25
N MET B 518 -30.82 -8.59 3.18
CA MET B 518 -32.22 -8.97 3.00
C MET B 518 -32.33 -10.42 2.56
N CYS B 519 -31.38 -10.90 1.76
CA CYS B 519 -31.42 -12.29 1.31
C CYS B 519 -31.06 -13.25 2.44
N ILE B 520 -30.30 -12.78 3.44
CA ILE B 520 -30.03 -13.62 4.60
C ILE B 520 -31.27 -13.78 5.45
N VAL B 521 -32.01 -12.68 5.65
CA VAL B 521 -33.27 -12.72 6.39
C VAL B 521 -34.29 -13.58 5.65
N PHE B 522 -34.30 -13.48 4.32
CA PHE B 522 -35.16 -14.35 3.51
C PHE B 522 -34.75 -15.80 3.62
N ALA B 523 -33.44 -16.06 3.71
CA ALA B 523 -32.96 -17.43 3.81
C ALA B 523 -33.16 -17.99 5.21
N TYR B 524 -33.05 -17.14 6.23
CA TYR B 524 -33.28 -17.57 7.61
C TYR B 524 -34.73 -17.97 7.83
N ILE B 525 -35.66 -17.20 7.25
CA ILE B 525 -37.05 -17.63 7.21
C ILE B 525 -37.17 -18.85 6.30
N GLY B 526 -36.34 -18.90 5.25
CA GLY B 526 -36.40 -20.01 4.32
C GLY B 526 -35.95 -21.34 4.93
N VAL B 527 -34.83 -21.33 5.66
CA VAL B 527 -34.34 -22.59 6.24
C VAL B 527 -35.14 -22.97 7.47
N SER B 528 -35.92 -22.04 8.03
CA SER B 528 -36.73 -22.36 9.19
C SER B 528 -38.08 -22.94 8.78
N VAL B 529 -38.66 -22.44 7.69
CA VAL B 529 -39.91 -23.01 7.17
C VAL B 529 -39.66 -24.42 6.64
N VAL B 530 -38.52 -24.63 5.99
CA VAL B 530 -38.19 -25.96 5.46
C VAL B 530 -37.94 -26.95 6.59
N LEU B 531 -37.23 -26.53 7.64
CA LEU B 531 -36.94 -27.41 8.76
C LEU B 531 -38.21 -27.74 9.54
N PHE B 532 -39.20 -26.83 9.50
CA PHE B 532 -40.52 -27.13 10.02
C PHE B 532 -41.21 -28.22 9.22
N LEU B 533 -41.13 -28.14 7.89
CA LEU B 533 -41.75 -29.13 7.02
C LEU B 533 -40.94 -30.43 6.99
N VAL B 534 -39.63 -30.34 7.25
CA VAL B 534 -38.78 -31.53 7.34
C VAL B 534 -39.16 -32.36 8.57
N SER B 535 -39.49 -31.69 9.67
CA SER B 535 -39.75 -32.38 10.93
C SER B 535 -41.22 -32.78 11.12
N ARG B 536 -42.15 -31.86 10.88
CA ARG B 536 -43.57 -32.15 11.11
C ARG B 536 -44.11 -33.10 10.06
N PHE B 537 -44.09 -32.70 8.79
CA PHE B 537 -44.28 -33.66 7.71
C PHE B 537 -43.02 -34.51 7.62
N SER B 538 -43.14 -35.76 7.13
CA SER B 538 -42.08 -36.75 7.04
C SER B 538 -41.38 -36.94 8.39
N PRO B 539 -42.03 -37.58 9.37
CA PRO B 539 -41.51 -37.55 10.74
C PRO B 539 -40.32 -38.47 10.95
N TYR B 540 -39.83 -38.45 12.19
CA TYR B 540 -38.72 -39.30 12.60
C TYR B 540 -39.17 -40.32 13.64
N ASN B 560 -41.97 -32.87 15.80
CA ASN B 560 -41.21 -33.49 16.89
C ASN B 560 -40.84 -32.42 17.92
N GLU B 561 -39.60 -31.95 17.86
CA GLU B 561 -39.14 -30.85 18.71
C GLU B 561 -38.76 -29.64 17.86
N PHE B 562 -39.26 -29.58 16.63
CA PHE B 562 -39.02 -28.46 15.73
C PHE B 562 -40.36 -27.84 15.34
N GLY B 563 -40.82 -26.90 16.16
CA GLY B 563 -41.94 -26.06 15.78
C GLY B 563 -41.50 -24.92 14.89
N ILE B 564 -42.43 -24.00 14.63
CA ILE B 564 -42.07 -22.80 13.88
C ILE B 564 -41.23 -21.86 14.75
N PHE B 565 -41.33 -22.01 16.07
CA PHE B 565 -40.51 -21.20 16.97
C PHE B 565 -39.17 -21.88 17.22
N ASN B 566 -39.15 -23.22 17.22
CA ASN B 566 -37.90 -23.94 17.45
C ASN B 566 -37.01 -23.95 16.20
N SER B 567 -37.61 -23.99 15.01
CA SER B 567 -36.82 -24.02 13.78
C SER B 567 -36.17 -22.66 13.51
N LEU B 568 -36.82 -21.58 13.97
CA LEU B 568 -36.18 -20.27 13.97
C LEU B 568 -35.04 -20.22 14.97
N TRP B 569 -35.09 -21.05 16.02
CA TRP B 569 -34.12 -20.97 17.10
C TRP B 569 -32.89 -21.83 16.82
N PHE B 570 -33.06 -22.92 16.06
CA PHE B 570 -31.91 -23.69 15.62
C PHE B 570 -31.10 -22.92 14.58
N SER B 571 -31.79 -22.30 13.62
CA SER B 571 -31.10 -21.61 12.54
C SER B 571 -30.50 -20.29 12.99
N LEU B 572 -30.99 -19.76 14.12
CA LEU B 572 -30.45 -18.49 14.61
C LEU B 572 -29.07 -18.69 15.22
N GLY B 573 -28.93 -19.65 16.14
CA GLY B 573 -27.62 -19.92 16.73
C GLY B 573 -26.64 -20.51 15.73
N ALA B 574 -27.17 -21.13 14.68
CA ALA B 574 -26.35 -21.54 13.55
C ALA B 574 -25.74 -20.36 12.81
N PHE B 575 -26.47 -19.24 12.76
CA PHE B 575 -25.99 -18.04 12.08
C PHE B 575 -24.83 -17.41 12.84
N MET B 576 -25.00 -17.17 14.14
CA MET B 576 -23.97 -16.49 14.91
C MET B 576 -22.98 -17.47 15.52
N GLN B 577 -23.01 -18.72 15.05
CA GLN B 577 -22.08 -19.79 15.41
C GLN B 577 -22.08 -20.06 16.92
N GLN B 578 -23.25 -20.47 17.40
CA GLN B 578 -23.46 -20.73 18.82
C GLN B 578 -23.96 -22.15 19.00
N GLY B 579 -24.26 -22.51 20.24
CA GLY B 579 -24.77 -23.84 20.57
C GLY B 579 -26.27 -23.82 20.74
N CYS B 580 -26.92 -24.87 20.23
CA CYS B 580 -28.36 -25.03 20.31
C CYS B 580 -28.71 -26.11 21.33
N ASP B 581 -30.01 -26.23 21.60
CA ASP B 581 -30.46 -27.20 22.58
C ASP B 581 -30.48 -28.62 22.01
N ILE B 582 -31.08 -28.79 20.83
CA ILE B 582 -31.24 -30.11 20.23
C ILE B 582 -30.90 -30.04 18.75
N SER B 583 -30.42 -31.16 18.21
CA SER B 583 -30.03 -31.30 16.82
C SER B 583 -31.09 -32.05 16.03
N PRO B 584 -31.18 -31.84 14.71
CA PRO B 584 -32.02 -32.70 13.87
C PRO B 584 -31.52 -34.13 13.85
N ARG B 585 -32.43 -35.10 13.67
CA ARG B 585 -32.06 -36.51 13.72
C ARG B 585 -32.46 -37.26 12.45
N SER B 586 -33.15 -36.60 11.52
CA SER B 586 -33.41 -37.15 10.20
C SER B 586 -32.40 -36.56 9.23
N LEU B 587 -32.06 -37.34 8.20
CA LEU B 587 -31.03 -36.97 7.24
C LEU B 587 -31.44 -35.72 6.46
N SER B 588 -32.74 -35.54 6.28
CA SER B 588 -33.25 -34.30 5.70
C SER B 588 -32.96 -33.11 6.62
N GLY B 589 -33.09 -33.31 7.93
CA GLY B 589 -32.75 -32.25 8.86
C GLY B 589 -31.25 -32.06 9.01
N ARG B 590 -30.47 -33.10 8.74
CA ARG B 590 -29.02 -32.98 8.81
C ARG B 590 -28.48 -32.14 7.65
N ILE B 591 -29.18 -32.15 6.52
CA ILE B 591 -28.78 -31.32 5.39
C ILE B 591 -29.11 -29.86 5.66
N VAL B 592 -30.30 -29.62 6.25
CA VAL B 592 -30.72 -28.26 6.59
C VAL B 592 -29.77 -27.65 7.62
N GLY B 593 -29.29 -28.47 8.54
CA GLY B 593 -28.26 -28.05 9.48
C GLY B 593 -26.94 -27.69 8.82
N GLY B 594 -26.32 -28.66 8.14
CA GLY B 594 -24.94 -28.49 7.72
C GLY B 594 -24.73 -27.53 6.57
N VAL B 595 -25.74 -27.41 5.69
CA VAL B 595 -25.60 -26.51 4.54
C VAL B 595 -25.79 -25.06 4.97
N TRP B 596 -26.75 -24.82 5.88
CA TRP B 596 -26.88 -23.50 6.47
C TRP B 596 -25.68 -23.17 7.36
N TRP B 597 -25.03 -24.19 7.91
CA TRP B 597 -23.77 -23.98 8.63
C TRP B 597 -22.66 -23.51 7.71
N PHE B 598 -22.61 -24.05 6.49
CA PHE B 598 -21.58 -23.62 5.54
C PHE B 598 -21.92 -22.25 4.97
N PHE B 599 -23.21 -21.89 4.95
CA PHE B 599 -23.63 -20.57 4.51
C PHE B 599 -23.08 -19.48 5.41
N THR B 600 -23.30 -19.60 6.72
CA THR B 600 -22.94 -18.53 7.64
C THR B 600 -21.44 -18.50 7.88
N LEU B 601 -20.75 -19.60 7.58
CA LEU B 601 -19.29 -19.61 7.66
C LEU B 601 -18.68 -18.67 6.62
N ILE B 602 -19.28 -18.62 5.43
CA ILE B 602 -18.78 -17.76 4.37
C ILE B 602 -19.20 -16.31 4.63
N ILE B 603 -20.39 -16.10 5.19
CA ILE B 603 -20.93 -14.76 5.39
C ILE B 603 -20.19 -14.02 6.49
N ILE B 604 -19.89 -14.71 7.60
CA ILE B 604 -19.12 -14.12 8.69
C ILE B 604 -17.69 -13.81 8.24
N SER B 605 -17.09 -14.71 7.47
CA SER B 605 -15.75 -14.49 6.95
C SER B 605 -15.73 -13.37 5.91
N SER B 606 -16.82 -13.22 5.14
CA SER B 606 -16.89 -12.14 4.17
C SER B 606 -17.10 -10.79 4.85
N TYR B 607 -17.81 -10.80 5.97
CA TYR B 607 -18.01 -9.57 6.74
C TYR B 607 -16.70 -9.09 7.36
N THR B 608 -15.95 -10.01 7.95
CA THR B 608 -14.72 -9.66 8.65
C THR B 608 -13.64 -9.22 7.66
N ALA B 609 -13.58 -9.88 6.51
CA ALA B 609 -12.53 -9.59 5.54
C ALA B 609 -12.79 -8.27 4.81
N ASN B 610 -14.05 -7.94 4.55
CA ASN B 610 -14.34 -6.69 3.87
C ASN B 610 -14.21 -5.50 4.84
N LEU B 611 -14.49 -5.73 6.12
CA LEU B 611 -14.26 -4.70 7.12
C LEU B 611 -12.77 -4.48 7.35
N ALA B 612 -11.96 -5.53 7.19
CA ALA B 612 -10.51 -5.38 7.31
C ALA B 612 -9.94 -4.57 6.15
N ALA B 613 -10.56 -4.70 4.97
CA ALA B 613 -10.13 -3.93 3.81
C ALA B 613 -10.49 -2.45 3.95
N PHE B 614 -11.64 -2.18 4.57
CA PHE B 614 -12.07 -0.80 4.78
C PHE B 614 -11.22 -0.10 5.81
N LEU B 615 -10.89 -0.80 6.89
CA LEU B 615 -10.10 -0.20 7.96
C LEU B 615 -8.63 -0.06 7.60
N THR B 616 -8.17 -0.76 6.57
CA THR B 616 -6.77 -0.68 6.15
C THR B 616 -6.53 0.42 5.12
N VAL B 617 -7.38 0.48 4.09
CA VAL B 617 -7.20 1.41 2.99
C VAL B 617 -8.26 2.49 3.09
N GLU B 618 -7.83 3.71 3.39
CA GLU B 618 -8.72 4.86 3.47
C GLU B 618 -8.96 5.40 2.06
N ARG B 619 -10.18 5.25 1.57
CA ARG B 619 -10.53 5.65 0.21
C ARG B 619 -11.68 6.64 0.30
N MET B 620 -11.35 7.92 0.43
CA MET B 620 -12.35 8.96 0.60
C MET B 620 -12.81 9.47 -0.76
N VAL B 621 -14.10 9.81 -0.84
CA VAL B 621 -14.72 10.28 -2.07
C VAL B 621 -15.42 11.60 -1.79
N SER B 622 -15.66 12.35 -2.86
CA SER B 622 -16.41 13.59 -2.84
C SER B 622 -17.83 13.35 -3.34
N PRO B 623 -18.82 14.07 -2.81
CA PRO B 623 -20.18 13.95 -3.35
C PRO B 623 -20.30 14.60 -4.72
N ILE B 624 -19.44 15.58 -4.98
CA ILE B 624 -19.48 16.38 -6.19
C ILE B 624 -18.25 16.07 -7.03
N GLU B 625 -18.47 15.75 -8.31
CA GLU B 625 -17.37 15.62 -9.25
C GLU B 625 -17.54 16.49 -10.49
N SER B 626 -18.62 17.28 -10.55
CA SER B 626 -18.94 18.11 -11.70
C SER B 626 -19.99 19.15 -11.33
N ALA B 627 -20.24 20.11 -12.22
CA ALA B 627 -21.38 21.00 -12.06
C ALA B 627 -22.69 20.33 -12.44
N GLU B 628 -22.62 19.21 -13.18
CA GLU B 628 -23.79 18.36 -13.37
C GLU B 628 -24.23 17.74 -12.06
N ASP B 629 -23.27 17.45 -11.18
CA ASP B 629 -23.59 16.89 -9.87
C ASP B 629 -24.20 17.95 -8.95
N LEU B 630 -23.71 19.19 -9.05
CA LEU B 630 -24.23 20.27 -8.21
C LEU B 630 -25.66 20.65 -8.58
N SER B 631 -26.02 20.53 -9.86
CA SER B 631 -27.35 20.92 -10.31
C SER B 631 -28.41 19.93 -9.82
N LYS B 632 -28.07 18.65 -9.77
CA LYS B 632 -29.02 17.61 -9.43
C LYS B 632 -29.32 17.54 -7.93
N GLN B 633 -28.44 18.10 -7.11
CA GLN B 633 -28.55 17.97 -5.66
C GLN B 633 -29.06 19.27 -5.06
N THR B 634 -29.44 19.20 -3.78
CA THR B 634 -29.93 20.37 -3.06
C THR B 634 -29.31 20.44 -1.67
N GLU B 635 -28.54 19.41 -1.30
CA GLU B 635 -27.94 19.36 0.03
C GLU B 635 -26.80 20.37 0.15
N ILE B 636 -25.84 20.30 -0.76
CA ILE B 636 -24.73 21.24 -0.77
C ILE B 636 -25.17 22.52 -1.47
N ALA B 637 -25.04 23.65 -0.80
CA ALA B 637 -25.33 24.94 -1.39
C ALA B 637 -24.13 25.42 -2.19
N TYR B 638 -24.40 26.24 -3.20
CA TYR B 638 -23.33 26.76 -4.04
C TYR B 638 -23.66 28.17 -4.48
N GLY B 639 -22.61 28.99 -4.58
CA GLY B 639 -22.77 30.39 -4.92
C GLY B 639 -21.47 30.97 -5.44
N THR B 640 -21.59 32.19 -5.96
CA THR B 640 -20.48 32.93 -6.53
C THR B 640 -20.23 34.18 -5.70
N LEU B 641 -19.37 35.06 -6.19
CA LEU B 641 -19.19 36.35 -5.56
C LEU B 641 -20.32 37.28 -6.01
N ASP B 642 -20.62 38.30 -5.19
CA ASP B 642 -21.79 39.16 -5.42
C ASP B 642 -21.64 40.07 -6.63
N SER B 643 -20.41 40.33 -7.08
CA SER B 643 -20.17 41.15 -8.27
C SER B 643 -18.90 40.68 -8.97
N GLY B 644 -19.01 40.39 -10.25
CA GLY B 644 -17.86 39.96 -11.02
C GLY B 644 -18.28 39.22 -12.26
N SER B 645 -17.28 38.60 -12.91
CA SER B 645 -17.52 37.92 -14.17
C SER B 645 -18.14 36.55 -13.95
N THR B 646 -17.91 35.95 -12.77
CA THR B 646 -18.43 34.63 -12.50
C THR B 646 -19.94 34.64 -12.29
N LYS B 647 -20.43 35.61 -11.52
CA LYS B 647 -21.87 35.76 -11.34
C LYS B 647 -22.54 36.21 -12.64
N GLU B 648 -21.85 37.05 -13.41
CA GLU B 648 -22.37 37.48 -14.70
C GLU B 648 -22.41 36.34 -15.71
N PHE B 649 -21.52 35.35 -15.55
CA PHE B 649 -21.52 34.17 -16.43
C PHE B 649 -22.80 33.36 -16.28
N PHE B 650 -23.22 33.09 -15.04
CA PHE B 650 -24.42 32.30 -14.82
C PHE B 650 -25.68 33.10 -15.13
N ARG B 651 -25.59 34.43 -15.04
CA ARG B 651 -26.74 35.28 -15.29
C ARG B 651 -27.20 35.21 -16.75
N ARG B 652 -26.27 35.24 -17.69
CA ARG B 652 -26.60 35.23 -19.10
C ARG B 652 -26.31 33.91 -19.80
N SER B 653 -26.05 32.83 -19.06
CA SER B 653 -25.79 31.54 -19.69
C SER B 653 -27.09 30.94 -20.20
N LYS B 654 -26.96 30.05 -21.19
CA LYS B 654 -28.17 29.51 -21.82
C LYS B 654 -28.10 28.02 -22.13
N ILE B 655 -27.17 27.23 -21.59
CA ILE B 655 -26.88 25.96 -22.24
C ILE B 655 -27.84 24.87 -21.78
N ALA B 656 -27.62 24.29 -20.61
CA ALA B 656 -28.63 23.47 -19.96
C ALA B 656 -28.56 23.61 -18.44
N VAL B 657 -27.33 23.64 -17.93
CA VAL B 657 -27.08 23.38 -16.53
C VAL B 657 -26.85 24.70 -15.79
N PHE B 658 -26.15 25.63 -16.43
CA PHE B 658 -25.80 26.89 -15.79
C PHE B 658 -27.02 27.79 -15.65
N ASP B 659 -28.04 27.56 -16.46
CA ASP B 659 -29.34 28.20 -16.24
C ASP B 659 -30.03 27.60 -15.03
N LYS B 660 -29.94 26.27 -14.85
CA LYS B 660 -30.49 25.63 -13.67
C LYS B 660 -29.76 26.04 -12.41
N MET B 661 -28.44 26.22 -12.51
CA MET B 661 -27.65 26.64 -11.36
C MET B 661 -27.95 28.09 -10.98
N TRP B 662 -28.30 28.92 -11.97
CA TRP B 662 -28.55 30.33 -11.69
C TRP B 662 -29.91 30.54 -11.04
N THR B 663 -30.92 29.79 -11.49
CA THR B 663 -32.24 29.86 -10.87
C THR B 663 -32.21 29.38 -9.42
N TYR B 664 -31.31 28.45 -9.11
CA TYR B 664 -31.04 28.07 -7.74
C TYR B 664 -30.47 29.25 -6.95
N MET B 665 -29.37 29.84 -7.46
CA MET B 665 -28.61 30.84 -6.70
C MET B 665 -29.40 32.13 -6.52
N ARG B 666 -30.18 32.51 -7.54
CA ARG B 666 -31.00 33.72 -7.49
C ARG B 666 -32.08 33.60 -6.42
N SER B 667 -32.70 32.42 -6.31
CA SER B 667 -33.82 32.18 -5.42
C SER B 667 -33.41 31.92 -3.98
N ALA B 668 -32.35 31.14 -3.78
CA ALA B 668 -31.95 30.53 -2.51
C ALA B 668 -31.83 31.48 -1.32
N GLU B 669 -32.39 31.06 -0.18
CA GLU B 669 -32.33 31.77 1.08
C GLU B 669 -31.74 30.79 2.09
N PRO B 670 -30.68 31.18 2.82
CA PRO B 670 -29.96 32.46 2.86
C PRO B 670 -29.06 32.71 1.65
N SER B 671 -28.37 33.85 1.64
CA SER B 671 -27.62 34.28 0.48
C SER B 671 -26.40 33.39 0.26
N VAL B 672 -26.27 32.89 -0.96
CA VAL B 672 -25.13 32.06 -1.35
C VAL B 672 -24.04 32.97 -1.93
N PHE B 673 -24.39 34.21 -2.23
CA PHE B 673 -23.46 35.15 -2.83
C PHE B 673 -22.63 35.83 -1.74
N VAL B 674 -21.34 35.52 -1.68
CA VAL B 674 -20.42 36.20 -0.78
C VAL B 674 -19.98 37.50 -1.42
N ARG B 675 -19.34 38.37 -0.65
CA ARG B 675 -18.89 39.64 -1.18
C ARG B 675 -17.39 39.74 -1.39
N THR B 676 -16.61 38.78 -0.90
CA THR B 676 -15.16 38.79 -1.04
C THR B 676 -14.73 37.36 -1.31
N THR B 677 -13.59 37.19 -1.98
CA THR B 677 -13.04 35.86 -2.21
C THR B 677 -12.65 35.19 -0.90
N ALA B 678 -12.11 35.97 0.05
CA ALA B 678 -11.74 35.41 1.35
C ALA B 678 -12.97 35.04 2.17
N GLU B 679 -14.10 35.68 1.91
CA GLU B 679 -15.35 35.29 2.57
C GLU B 679 -15.87 33.98 2.00
N GLY B 680 -15.74 33.79 0.67
CA GLY B 680 -16.21 32.57 0.05
C GLY B 680 -15.37 31.35 0.39
N VAL B 681 -14.07 31.55 0.62
CA VAL B 681 -13.20 30.44 0.99
C VAL B 681 -13.44 30.05 2.44
N ALA B 682 -13.63 31.04 3.32
CA ALA B 682 -13.92 30.77 4.72
C ALA B 682 -15.31 30.16 4.90
N ARG B 683 -16.22 30.45 3.98
CA ARG B 683 -17.55 29.84 4.05
C ARG B 683 -17.50 28.38 3.61
N VAL B 684 -16.56 28.03 2.73
CA VAL B 684 -16.38 26.62 2.36
C VAL B 684 -15.84 25.81 3.53
N ARG B 685 -14.87 26.37 4.25
CA ARG B 685 -14.24 25.66 5.35
C ARG B 685 -15.18 25.56 6.55
N LYS B 686 -15.92 26.61 6.84
CA LYS B 686 -16.87 26.62 7.96
C LYS B 686 -18.28 26.32 7.44
N SER B 687 -18.42 25.20 6.75
CA SER B 687 -19.75 24.70 6.44
C SER B 687 -19.80 23.18 6.51
N LYS B 688 -18.67 22.58 6.88
CA LYS B 688 -18.51 21.14 7.11
C LYS B 688 -18.84 20.33 5.85
N GLY B 689 -18.46 20.88 4.70
CA GLY B 689 -18.68 20.21 3.44
C GLY B 689 -20.04 20.41 2.83
N LYS B 690 -20.74 21.50 3.16
CA LYS B 690 -22.07 21.76 2.62
C LYS B 690 -22.12 23.03 1.79
N TYR B 691 -20.98 23.64 1.47
CA TYR B 691 -20.94 24.82 0.63
C TYR B 691 -19.84 24.68 -0.39
N ALA B 692 -20.16 25.02 -1.65
CA ALA B 692 -19.21 25.01 -2.75
C ALA B 692 -19.10 26.42 -3.31
N TYR B 693 -17.89 26.89 -3.53
CA TYR B 693 -17.69 28.24 -4.02
C TYR B 693 -17.21 28.21 -5.47
N LEU B 694 -17.98 28.84 -6.35
CA LEU B 694 -17.71 28.87 -7.79
C LEU B 694 -16.80 30.06 -8.07
N LEU B 695 -15.55 29.77 -8.41
CA LEU B 695 -14.57 30.82 -8.63
C LEU B 695 -13.59 30.42 -9.73
N GLU B 696 -12.57 31.24 -9.97
CA GLU B 696 -11.67 31.01 -11.09
C GLU B 696 -10.68 29.90 -10.75
N SER B 697 -10.23 29.19 -11.79
CA SER B 697 -9.44 27.98 -11.56
C SER B 697 -8.03 28.29 -11.07
N THR B 698 -7.52 29.49 -11.35
CA THR B 698 -6.15 29.81 -10.94
C THR B 698 -6.08 30.13 -9.45
N MET B 699 -7.08 30.82 -8.92
CA MET B 699 -7.14 31.02 -7.48
C MET B 699 -7.52 29.74 -6.75
N ASN B 700 -8.33 28.89 -7.40
CA ASN B 700 -8.77 27.64 -6.79
C ASN B 700 -7.60 26.68 -6.61
N GLU B 701 -6.68 26.64 -7.58
CA GLU B 701 -5.50 25.81 -7.45
C GLU B 701 -4.51 26.39 -6.44
N TYR B 702 -4.53 27.71 -6.26
CA TYR B 702 -3.58 28.35 -5.35
C TYR B 702 -4.02 28.23 -3.90
N ILE B 703 -5.32 28.44 -3.64
CA ILE B 703 -5.86 28.32 -2.29
C ILE B 703 -5.80 26.87 -1.81
N GLU B 704 -5.90 25.91 -2.75
CA GLU B 704 -5.73 24.50 -2.43
C GLU B 704 -4.31 24.20 -1.95
N GLN B 705 -3.32 24.97 -2.38
CA GLN B 705 -1.94 24.83 -1.94
C GLN B 705 -1.57 25.79 -0.81
N ARG B 706 -2.54 26.31 -0.07
CA ARG B 706 -2.25 27.12 1.10
C ARG B 706 -2.43 26.26 2.36
N LYS B 707 -2.36 26.90 3.53
CA LYS B 707 -2.68 26.25 4.79
C LYS B 707 -3.99 26.80 5.31
N PRO B 708 -4.90 25.96 5.83
CA PRO B 708 -4.81 24.50 5.96
C PRO B 708 -5.02 23.74 4.65
N CYS B 709 -4.94 22.42 4.70
CA CYS B 709 -5.19 21.60 3.53
C CYS B 709 -6.68 21.26 3.48
N ASP B 710 -7.53 22.29 3.39
CA ASP B 710 -8.95 22.13 3.70
C ASP B 710 -9.83 22.21 2.48
N THR B 711 -9.38 22.84 1.40
CA THR B 711 -10.19 23.03 0.20
C THR B 711 -9.66 22.15 -0.94
N MET B 712 -10.54 21.92 -1.91
CA MET B 712 -10.24 21.01 -3.01
C MET B 712 -10.92 21.52 -4.27
N LYS B 713 -10.23 21.35 -5.40
CA LYS B 713 -10.76 21.66 -6.72
C LYS B 713 -11.26 20.37 -7.36
N VAL B 714 -12.53 20.37 -7.78
CA VAL B 714 -13.17 19.18 -8.35
C VAL B 714 -13.67 19.50 -9.75
N GLY B 715 -13.72 18.48 -10.60
CA GLY B 715 -14.26 18.64 -11.93
C GLY B 715 -13.30 19.37 -12.85
N GLY B 716 -13.84 19.82 -13.98
CA GLY B 716 -13.09 20.64 -14.90
C GLY B 716 -13.58 22.07 -14.87
N ASN B 717 -13.20 22.86 -15.86
CA ASN B 717 -13.64 24.26 -15.90
C ASN B 717 -15.02 24.35 -16.53
N LEU B 718 -15.71 25.44 -16.20
CA LEU B 718 -17.05 25.66 -16.74
C LEU B 718 -17.04 26.48 -18.02
N ASP B 719 -16.16 27.47 -18.10
CA ASP B 719 -15.93 28.20 -19.33
C ASP B 719 -14.44 28.16 -19.66
N SER B 720 -14.03 28.93 -20.65
CA SER B 720 -12.63 28.98 -21.08
C SER B 720 -12.24 30.44 -21.27
N LYS B 721 -11.43 30.96 -20.36
CA LYS B 721 -10.91 32.32 -20.41
C LYS B 721 -9.42 32.28 -20.66
N GLY B 722 -8.83 33.45 -20.83
CA GLY B 722 -7.40 33.57 -20.98
C GLY B 722 -6.90 34.87 -20.37
N TYR B 723 -5.70 34.79 -19.81
CA TYR B 723 -4.98 35.95 -19.31
C TYR B 723 -3.97 36.39 -20.35
N GLY B 724 -4.04 37.66 -20.75
CA GLY B 724 -3.16 38.19 -21.77
C GLY B 724 -2.36 39.37 -21.26
N ILE B 725 -1.29 39.66 -21.99
CA ILE B 725 -0.43 40.80 -21.71
C ILE B 725 -0.86 41.94 -22.61
N ALA B 726 -1.27 43.05 -22.01
CA ALA B 726 -1.91 44.10 -22.76
C ALA B 726 -0.95 45.24 -23.07
N THR B 727 -1.09 45.80 -24.27
CA THR B 727 -0.37 46.99 -24.72
C THR B 727 -1.40 47.97 -25.22
N PRO B 728 -1.07 49.26 -25.28
CA PRO B 728 -1.98 50.23 -25.92
C PRO B 728 -2.09 49.97 -27.41
N LYS B 729 -3.19 50.45 -27.98
CA LYS B 729 -3.47 50.22 -29.39
C LYS B 729 -2.59 51.12 -30.24
N GLY B 730 -1.77 50.51 -31.09
CA GLY B 730 -0.83 51.24 -31.90
C GLY B 730 0.50 51.42 -31.20
N SER B 731 1.01 50.36 -30.60
CA SER B 731 2.24 50.40 -29.82
C SER B 731 3.33 49.62 -30.53
N SER B 732 4.58 50.01 -30.27
CA SER B 732 5.74 49.33 -30.82
C SER B 732 6.11 48.07 -30.04
N LEU B 733 5.42 47.79 -28.94
CA LEU B 733 5.65 46.59 -28.16
C LEU B 733 4.61 45.51 -28.42
N GLY B 734 3.54 45.81 -29.17
CA GLY B 734 2.46 44.87 -29.42
C GLY B 734 2.86 43.59 -30.10
N THR B 735 3.54 43.70 -31.23
CA THR B 735 4.02 42.52 -31.96
C THR B 735 5.15 41.75 -31.27
N PRO B 736 6.23 42.35 -30.74
CA PRO B 736 7.28 41.50 -30.14
C PRO B 736 6.88 40.80 -28.85
N VAL B 737 6.01 41.41 -28.04
CA VAL B 737 5.54 40.74 -26.83
C VAL B 737 4.60 39.58 -27.19
N ASN B 738 3.82 39.76 -28.27
CA ASN B 738 2.96 38.68 -28.76
C ASN B 738 3.80 37.50 -29.25
N LEU B 739 4.92 37.77 -29.90
CA LEU B 739 5.82 36.69 -30.28
C LEU B 739 6.61 36.16 -29.10
N ALA B 740 6.73 36.95 -28.02
CA ALA B 740 7.47 36.50 -26.85
C ALA B 740 6.66 35.50 -26.03
N VAL B 741 5.34 35.70 -25.96
CA VAL B 741 4.47 34.80 -25.18
C VAL B 741 4.42 33.43 -25.83
N LEU B 742 4.34 33.39 -27.17
CA LEU B 742 4.30 32.11 -27.86
C LEU B 742 5.64 31.40 -27.82
N LYS B 743 6.73 32.15 -27.63
CA LYS B 743 8.04 31.51 -27.49
C LYS B 743 8.21 30.93 -26.09
N LEU B 744 7.74 31.65 -25.07
CA LEU B 744 7.84 31.16 -23.70
C LEU B 744 6.90 30.00 -23.45
N SER B 745 5.80 29.94 -24.18
CA SER B 745 4.83 28.86 -24.01
C SER B 745 5.37 27.54 -24.53
N GLU B 746 5.98 27.56 -25.71
CA GLU B 746 6.45 26.34 -26.35
C GLU B 746 7.76 25.82 -25.78
N GLN B 747 8.53 26.67 -25.09
CA GLN B 747 9.75 26.23 -24.44
C GLN B 747 9.52 25.64 -23.06
N GLY B 748 8.35 25.85 -22.48
CA GLY B 748 8.03 25.35 -21.16
C GLY B 748 8.25 26.34 -20.05
N VAL B 749 8.54 27.60 -20.37
CA VAL B 749 8.85 28.60 -19.34
C VAL B 749 7.59 28.96 -18.58
N LEU B 750 6.46 29.10 -19.28
CA LEU B 750 5.20 29.44 -18.63
C LEU B 750 4.70 28.29 -17.77
N ASP B 751 4.92 27.05 -18.21
CA ASP B 751 4.63 25.90 -17.36
C ASP B 751 5.58 25.82 -16.18
N LYS B 752 6.84 26.23 -16.38
CA LYS B 752 7.83 26.17 -15.31
C LYS B 752 7.52 27.20 -14.23
N LEU B 753 7.10 28.40 -14.62
CA LEU B 753 6.79 29.43 -13.64
C LEU B 753 5.50 29.12 -12.89
N LYS B 754 4.58 28.39 -13.53
CA LYS B 754 3.33 28.04 -12.85
C LYS B 754 3.55 26.91 -11.85
N ASN B 755 4.43 25.96 -12.19
CA ASN B 755 4.81 24.93 -11.22
C ASN B 755 5.60 25.52 -10.06
N LYS B 756 6.29 26.63 -10.29
CA LYS B 756 7.08 27.22 -9.21
C LYS B 756 6.19 27.94 -8.21
N TRP B 757 5.37 28.87 -8.69
CA TRP B 757 4.60 29.76 -7.82
C TRP B 757 3.29 29.15 -7.32
N TRP B 758 2.88 28.01 -7.83
CA TRP B 758 1.71 27.31 -7.31
C TRP B 758 2.05 26.03 -6.56
N TYR B 759 3.11 25.33 -6.94
CA TYR B 759 3.42 24.02 -6.38
C TYR B 759 4.78 23.96 -5.70
N ASP B 760 5.83 24.53 -6.31
CA ASP B 760 7.14 24.49 -5.68
C ASP B 760 7.23 25.47 -4.52
N LYS B 761 6.73 26.70 -4.71
CA LYS B 761 6.58 27.66 -3.63
C LYS B 761 5.27 27.46 -2.87
N GLY B 762 4.56 26.38 -3.13
CA GLY B 762 3.28 26.11 -2.52
C GLY B 762 3.41 25.08 -1.42
N GLU B 763 2.95 25.46 -0.23
CA GLU B 763 2.86 24.57 0.93
C GLU B 763 1.75 23.54 0.74
N CYS B 764 1.66 22.57 1.66
CA CYS B 764 0.77 21.41 1.56
C CYS B 764 1.02 20.65 0.26
N GLY B 765 2.21 20.09 0.10
CA GLY B 765 2.62 19.47 -1.14
C GLY B 765 1.88 18.20 -1.54
N ALA B 766 2.29 17.62 -2.67
CA ALA B 766 1.71 16.42 -3.29
C ALA B 766 0.20 16.53 -3.50
N GLU B 773 -3.10 7.14 8.31
CA GLU B 773 -1.93 6.29 8.53
C GLU B 773 -1.81 6.07 10.03
N LYS B 774 -1.17 4.96 10.43
CA LYS B 774 -1.09 4.48 11.81
C LYS B 774 -2.49 4.30 12.37
N THR B 775 -3.15 3.23 11.88
CA THR B 775 -4.52 2.86 12.21
C THR B 775 -4.84 2.95 13.70
N SER B 776 -5.90 3.70 14.00
CA SER B 776 -6.32 3.97 15.35
C SER B 776 -7.39 2.99 15.79
N ALA B 777 -7.70 3.01 17.09
CA ALA B 777 -8.75 2.17 17.65
C ALA B 777 -10.11 2.57 17.11
N LEU B 778 -10.99 1.59 17.01
CA LEU B 778 -12.38 1.85 16.64
C LEU B 778 -13.09 2.57 17.77
N SER B 779 -13.76 3.67 17.44
CA SER B 779 -14.53 4.40 18.43
C SER B 779 -15.88 3.73 18.64
N LEU B 780 -16.57 4.17 19.70
CA LEU B 780 -17.90 3.63 20.00
C LEU B 780 -18.93 4.06 18.97
N SER B 781 -18.67 5.15 18.23
CA SER B 781 -19.55 5.64 17.18
C SER B 781 -19.74 4.65 16.05
N ASN B 782 -18.75 3.82 15.76
CA ASN B 782 -18.80 2.88 14.66
C ASN B 782 -19.67 1.67 14.94
N VAL B 783 -19.85 1.32 16.21
CA VAL B 783 -20.57 0.10 16.59
C VAL B 783 -21.73 0.44 17.53
N ALA B 784 -22.12 1.72 17.56
CA ALA B 784 -23.15 2.17 18.50
C ALA B 784 -24.51 1.61 18.17
N GLY B 785 -24.79 1.33 16.88
CA GLY B 785 -26.07 0.78 16.51
C GLY B 785 -26.25 -0.66 16.92
N VAL B 786 -25.14 -1.35 17.21
CA VAL B 786 -25.24 -2.73 17.69
C VAL B 786 -25.69 -2.75 19.15
N PHE B 787 -25.28 -1.74 19.91
CA PHE B 787 -25.78 -1.57 21.28
C PHE B 787 -27.26 -1.22 21.28
N TYR B 788 -27.69 -0.47 20.27
CA TYR B 788 -29.07 0.01 20.23
C TYR B 788 -30.04 -1.11 19.90
N ILE B 789 -29.64 -2.02 19.01
CA ILE B 789 -30.44 -3.20 18.72
C ILE B 789 -30.42 -4.17 19.90
N LEU B 790 -29.29 -4.20 20.62
CA LEU B 790 -29.16 -5.07 21.79
C LEU B 790 -30.09 -4.66 22.92
N VAL B 791 -30.02 -3.39 23.32
CA VAL B 791 -30.90 -2.90 24.39
C VAL B 791 -32.34 -2.84 23.90
N GLY B 792 -32.54 -2.55 22.61
CA GLY B 792 -33.86 -2.68 22.02
C GLY B 792 -34.36 -4.11 22.00
N GLY B 793 -33.43 -5.06 21.88
CA GLY B 793 -33.80 -6.46 22.04
C GLY B 793 -34.11 -6.82 23.48
N LEU B 794 -33.39 -6.19 24.43
CA LEU B 794 -33.69 -6.41 25.83
C LEU B 794 -34.99 -5.72 26.24
N GLY B 795 -35.32 -4.61 25.58
CA GLY B 795 -36.58 -3.95 25.86
C GLY B 795 -37.77 -4.68 25.26
N LEU B 796 -37.60 -5.18 24.03
CA LEU B 796 -38.65 -5.97 23.37
C LEU B 796 -38.77 -7.38 23.90
N ALA B 797 -37.98 -7.77 24.90
CA ALA B 797 -38.15 -9.09 25.51
C ALA B 797 -38.87 -8.97 26.84
N MET B 798 -38.67 -7.86 27.55
CA MET B 798 -39.44 -7.60 28.76
C MET B 798 -40.88 -7.25 28.43
N LEU B 799 -41.14 -6.74 27.23
CA LEU B 799 -42.51 -6.44 26.82
C LEU B 799 -43.29 -7.69 26.45
N VAL B 800 -42.67 -8.60 25.67
CA VAL B 800 -43.36 -9.82 25.25
C VAL B 800 -43.56 -10.75 26.43
N ALA B 801 -42.65 -10.71 27.42
CA ALA B 801 -42.89 -11.41 28.68
C ALA B 801 -44.04 -10.80 29.47
N LEU B 802 -44.24 -9.49 29.35
CA LEU B 802 -45.41 -8.85 29.95
C LEU B 802 -46.67 -9.10 29.11
N ILE B 803 -46.50 -9.22 27.79
CA ILE B 803 -47.60 -9.67 26.93
C ILE B 803 -47.98 -11.11 27.26
N GLU B 804 -46.98 -11.93 27.64
CA GLU B 804 -47.24 -13.34 27.93
C GLU B 804 -48.10 -13.53 29.16
N PHE B 805 -47.85 -12.78 30.24
CA PHE B 805 -48.66 -12.91 31.44
C PHE B 805 -49.96 -12.13 31.38
N CYS B 806 -50.33 -11.60 30.22
CA CYS B 806 -51.71 -11.16 30.02
C CYS B 806 -52.63 -12.33 29.68
N TYR B 807 -52.08 -13.44 29.19
CA TYR B 807 -52.88 -14.64 28.96
C TYR B 807 -52.42 -15.85 29.77
N LYS B 808 -51.43 -15.69 30.64
CA LYS B 808 -51.06 -16.76 31.57
C LYS B 808 -51.79 -16.60 32.90
N GLN C 383 -19.49 42.40 -52.54
CA GLN C 383 -18.08 42.15 -52.77
C GLN C 383 -17.85 40.69 -53.20
N LYS C 384 -16.57 40.29 -53.24
CA LYS C 384 -16.21 38.94 -53.64
C LYS C 384 -16.57 37.94 -52.54
N THR C 385 -16.44 36.66 -52.86
CA THR C 385 -16.68 35.60 -51.89
C THR C 385 -15.38 35.22 -51.20
N VAL C 386 -15.41 35.20 -49.87
CA VAL C 386 -14.24 34.81 -49.09
C VAL C 386 -14.02 33.31 -49.22
N VAL C 387 -12.80 32.91 -49.58
CA VAL C 387 -12.46 31.51 -49.76
C VAL C 387 -12.02 30.96 -48.42
N VAL C 388 -12.82 30.08 -47.83
CA VAL C 388 -12.52 29.48 -46.54
C VAL C 388 -11.86 28.13 -46.78
N THR C 389 -10.63 27.99 -46.33
CA THR C 389 -9.90 26.73 -46.44
C THR C 389 -9.96 25.97 -45.12
N THR C 390 -10.40 24.72 -45.20
CA THR C 390 -10.49 23.88 -44.02
C THR C 390 -9.91 22.51 -44.39
N ILE C 391 -9.83 21.62 -43.40
CA ILE C 391 -9.33 20.27 -43.56
C ILE C 391 -10.43 19.30 -43.13
N LEU C 392 -10.43 18.09 -43.68
CA LEU C 392 -11.39 17.08 -43.29
C LEU C 392 -10.95 16.43 -41.98
N GLU C 393 -11.66 16.74 -40.90
CA GLU C 393 -11.35 16.22 -39.59
C GLU C 393 -12.63 16.23 -38.76
N SER C 394 -12.92 15.12 -38.09
CA SER C 394 -14.14 15.00 -37.32
C SER C 394 -13.90 15.45 -35.89
N PRO C 395 -14.83 16.19 -35.26
CA PRO C 395 -16.10 16.64 -35.81
C PRO C 395 -16.06 18.07 -36.32
N TYR C 396 -14.90 18.51 -36.83
CA TYR C 396 -14.73 19.88 -37.27
C TYR C 396 -15.33 20.13 -38.65
N VAL C 397 -14.92 19.34 -39.65
CA VAL C 397 -15.56 19.32 -40.96
C VAL C 397 -15.77 17.87 -41.36
N MET C 398 -17.03 17.51 -41.61
CA MET C 398 -17.40 16.19 -42.07
C MET C 398 -18.29 16.34 -43.30
N MET C 399 -18.18 15.39 -44.21
CA MET C 399 -19.08 15.35 -45.37
C MET C 399 -20.40 14.72 -44.95
N LYS C 400 -21.50 15.28 -45.44
CA LYS C 400 -22.81 14.78 -45.05
C LYS C 400 -23.12 13.44 -45.69
N LYS C 401 -24.24 12.85 -45.28
CA LYS C 401 -24.67 11.57 -45.83
C LYS C 401 -25.14 11.74 -47.27
N ASN C 402 -25.82 12.84 -47.56
CA ASN C 402 -26.32 13.14 -48.90
C ASN C 402 -25.33 14.00 -49.69
N HIS C 403 -24.04 13.78 -49.45
CA HIS C 403 -22.93 14.50 -50.09
C HIS C 403 -22.96 14.47 -51.61
N GLU C 404 -23.44 13.37 -52.20
CA GLU C 404 -23.46 13.26 -53.65
C GLU C 404 -24.56 14.11 -54.27
N MET C 405 -25.74 14.12 -53.65
CA MET C 405 -26.86 14.88 -54.20
C MET C 405 -26.78 16.36 -53.83
N LEU C 406 -26.57 16.65 -52.54
CA LEU C 406 -26.55 18.03 -52.08
C LEU C 406 -25.20 18.67 -52.42
N GLU C 407 -25.23 19.93 -52.82
CA GLU C 407 -24.06 20.59 -53.39
C GLU C 407 -23.87 21.99 -52.78
N GLY C 408 -22.67 22.53 -52.96
CA GLY C 408 -22.33 23.86 -52.51
C GLY C 408 -21.53 23.87 -51.23
N ASN C 409 -21.82 24.82 -50.34
CA ASN C 409 -21.31 24.78 -48.97
C ASN C 409 -22.13 23.86 -48.09
N GLU C 410 -23.22 23.30 -48.61
CA GLU C 410 -24.07 22.39 -47.87
C GLU C 410 -23.62 20.94 -47.98
N ARG C 411 -22.49 20.68 -48.64
CA ARG C 411 -21.87 19.38 -48.64
C ARG C 411 -21.22 19.03 -47.31
N TYR C 412 -21.00 20.02 -46.45
CA TYR C 412 -20.15 19.86 -45.29
C TYR C 412 -20.95 20.16 -44.03
N GLU C 413 -20.59 19.46 -42.95
CA GLU C 413 -21.14 19.70 -41.63
C GLU C 413 -20.01 19.63 -40.63
N GLY C 414 -20.27 20.11 -39.41
CA GLY C 414 -19.27 20.01 -38.36
C GLY C 414 -19.16 21.25 -37.50
N TYR C 415 -18.15 21.26 -36.63
CA TYR C 415 -17.91 22.40 -35.75
C TYR C 415 -17.49 23.62 -36.55
N CYS C 416 -16.51 23.45 -37.45
CA CYS C 416 -15.96 24.59 -38.18
C CYS C 416 -16.87 25.03 -39.31
N VAL C 417 -17.84 24.20 -39.70
CA VAL C 417 -18.86 24.64 -40.64
C VAL C 417 -19.86 25.54 -39.93
N ASP C 418 -20.22 25.18 -38.69
CA ASP C 418 -21.08 26.04 -37.89
C ASP C 418 -20.35 27.30 -37.46
N LEU C 419 -19.04 27.19 -37.20
CA LEU C 419 -18.24 28.35 -36.80
C LEU C 419 -18.04 29.32 -37.94
N ALA C 420 -17.93 28.82 -39.17
CA ALA C 420 -17.79 29.69 -40.33
C ALA C 420 -19.08 30.48 -40.59
N ALA C 421 -20.23 29.88 -40.24
CA ALA C 421 -21.50 30.58 -40.38
C ALA C 421 -21.65 31.67 -39.33
N GLU C 422 -21.10 31.44 -38.13
CA GLU C 422 -21.21 32.42 -37.06
C GLU C 422 -20.29 33.60 -37.30
N ILE C 423 -19.11 33.36 -37.87
CA ILE C 423 -18.16 34.44 -38.15
C ILE C 423 -18.63 35.27 -39.33
N ALA C 424 -19.17 34.64 -40.36
CA ALA C 424 -19.64 35.37 -41.53
C ALA C 424 -20.90 36.15 -41.24
N LYS C 425 -21.68 35.72 -40.25
CA LYS C 425 -22.85 36.48 -39.83
C LYS C 425 -22.45 37.76 -39.12
N HIS C 426 -21.39 37.71 -38.33
CA HIS C 426 -20.95 38.87 -37.57
C HIS C 426 -20.04 39.80 -38.37
N CYS C 427 -19.16 39.24 -39.20
CA CYS C 427 -18.28 40.07 -40.01
C CYS C 427 -18.99 40.56 -41.26
N GLY C 428 -19.99 39.84 -41.74
CA GLY C 428 -20.81 40.30 -42.85
C GLY C 428 -20.26 40.02 -44.22
N PHE C 429 -19.84 38.77 -44.48
CA PHE C 429 -19.38 38.37 -45.80
C PHE C 429 -20.08 37.09 -46.22
N LYS C 430 -20.00 36.82 -47.52
CA LYS C 430 -20.45 35.57 -48.13
C LYS C 430 -19.23 34.73 -48.45
N TYR C 431 -19.30 33.44 -48.14
CA TYR C 431 -18.10 32.61 -48.12
C TYR C 431 -18.32 31.34 -48.93
N LYS C 432 -17.20 30.73 -49.32
CA LYS C 432 -17.19 29.44 -50.00
C LYS C 432 -16.21 28.52 -49.28
N LEU C 433 -16.70 27.34 -48.89
CA LEU C 433 -15.88 26.38 -48.16
C LEU C 433 -15.09 25.51 -49.12
N THR C 434 -13.79 25.39 -48.87
CA THR C 434 -12.91 24.57 -49.68
C THR C 434 -12.06 23.70 -48.76
N ILE C 435 -11.89 22.45 -49.16
CA ILE C 435 -10.99 21.53 -48.46
C ILE C 435 -9.61 21.66 -49.07
N VAL C 436 -8.58 21.73 -48.23
CA VAL C 436 -7.19 21.91 -48.66
C VAL C 436 -6.76 20.67 -49.46
N GLY C 437 -5.99 20.91 -50.52
CA GLY C 437 -5.57 19.85 -51.41
C GLY C 437 -4.55 18.91 -50.82
N ASP C 438 -3.55 19.48 -50.14
CA ASP C 438 -2.49 18.74 -49.46
C ASP C 438 -3.05 17.82 -48.39
N GLY C 439 -4.09 18.26 -47.69
CA GLY C 439 -4.60 17.51 -46.57
C GLY C 439 -3.79 17.67 -45.31
N LYS C 440 -3.02 18.74 -45.21
CA LYS C 440 -2.14 18.99 -44.08
C LYS C 440 -2.51 20.31 -43.42
N TYR C 441 -1.98 20.52 -42.22
CA TYR C 441 -2.24 21.75 -41.48
C TYR C 441 -1.26 22.85 -41.88
N GLY C 442 0.04 22.53 -41.92
CA GLY C 442 1.01 23.45 -42.43
C GLY C 442 2.35 23.43 -41.72
N ALA C 443 3.43 23.31 -42.50
CA ALA C 443 4.80 23.34 -42.01
C ALA C 443 5.70 23.75 -43.16
N ARG C 444 6.78 24.45 -42.85
CA ARG C 444 7.75 24.84 -43.87
C ARG C 444 8.77 23.73 -44.03
N ASP C 445 9.25 23.54 -45.25
CA ASP C 445 10.35 22.62 -45.49
C ASP C 445 11.65 23.21 -44.97
N ALA C 446 12.53 22.35 -44.47
CA ALA C 446 13.84 22.81 -44.02
C ALA C 446 14.75 23.24 -45.15
N ASP C 447 14.52 22.73 -46.37
CA ASP C 447 15.32 23.09 -47.53
C ASP C 447 14.57 24.04 -48.44
N THR C 448 13.33 23.66 -48.81
CA THR C 448 12.60 24.38 -49.84
C THR C 448 11.95 25.64 -49.29
N LYS C 449 11.69 25.68 -47.97
CA LYS C 449 11.08 26.80 -47.24
C LYS C 449 9.68 27.14 -47.77
N ILE C 450 8.93 26.12 -48.20
CA ILE C 450 7.57 26.30 -48.67
C ILE C 450 6.62 25.60 -47.72
N TRP C 451 5.57 26.33 -47.32
CA TRP C 451 4.51 25.83 -46.46
C TRP C 451 3.58 24.93 -47.26
N ASN C 452 3.20 23.79 -46.68
CA ASN C 452 2.34 22.81 -47.34
C ASN C 452 1.09 22.52 -46.51
N GLY C 453 0.04 23.29 -46.75
CA GLY C 453 -1.23 23.01 -46.10
C GLY C 453 -2.18 24.18 -46.13
N MET C 454 -2.89 24.39 -45.03
CA MET C 454 -3.78 25.56 -44.93
C MET C 454 -2.99 26.82 -44.65
N VAL C 455 -1.85 26.70 -43.98
CA VAL C 455 -0.95 27.83 -43.82
C VAL C 455 -0.34 28.19 -45.16
N GLY C 456 -0.14 27.20 -46.03
CA GLY C 456 0.40 27.47 -47.35
C GLY C 456 -0.56 28.23 -48.24
N GLU C 457 -1.86 27.94 -48.14
CA GLU C 457 -2.82 28.63 -49.00
C GLU C 457 -3.09 30.06 -48.53
N LEU C 458 -2.75 30.36 -47.27
CA LEU C 458 -2.89 31.73 -46.77
C LEU C 458 -1.71 32.60 -47.15
N VAL C 459 -0.49 32.06 -47.03
CA VAL C 459 0.71 32.81 -47.38
C VAL C 459 0.80 33.04 -48.89
N TYR C 460 0.35 32.08 -49.69
CA TYR C 460 0.54 32.11 -51.14
C TYR C 460 -0.68 32.58 -51.89
N GLY C 461 -1.71 33.07 -51.18
CA GLY C 461 -2.79 33.81 -51.79
C GLY C 461 -4.02 33.01 -52.16
N LYS C 462 -3.97 31.68 -52.05
CA LYS C 462 -5.10 30.86 -52.49
C LYS C 462 -6.29 30.94 -51.55
N ALA C 463 -6.07 31.27 -50.28
CA ALA C 463 -7.13 31.33 -49.29
C ALA C 463 -7.24 32.74 -48.71
N ASP C 464 -8.43 33.05 -48.21
CA ASP C 464 -8.67 34.31 -47.54
C ASP C 464 -8.83 34.17 -46.04
N ILE C 465 -9.15 32.99 -45.55
CA ILE C 465 -9.28 32.70 -44.12
C ILE C 465 -9.19 31.19 -43.96
N ALA C 466 -8.75 30.75 -42.78
CA ALA C 466 -8.70 29.33 -42.43
C ALA C 466 -9.47 29.14 -41.13
N ILE C 467 -10.76 28.85 -41.24
CA ILE C 467 -11.61 28.59 -40.09
C ILE C 467 -11.53 27.09 -39.82
N ALA C 468 -10.58 26.68 -38.98
CA ALA C 468 -10.13 25.30 -38.96
C ALA C 468 -9.47 25.04 -37.62
N PRO C 469 -9.34 23.75 -37.22
CA PRO C 469 -8.55 23.45 -36.01
C PRO C 469 -7.05 23.63 -36.20
N LEU C 470 -6.60 24.88 -36.32
CA LEU C 470 -5.23 25.20 -36.65
C LEU C 470 -4.53 25.72 -35.39
N THR C 471 -3.49 25.03 -34.95
CA THR C 471 -2.83 25.35 -33.69
C THR C 471 -2.03 26.64 -33.82
N ILE C 472 -2.25 27.55 -32.88
CA ILE C 472 -1.51 28.80 -32.83
C ILE C 472 -0.06 28.48 -32.44
N THR C 473 0.86 28.65 -33.38
CA THR C 473 2.23 28.20 -33.25
C THR C 473 3.15 29.41 -33.48
N LEU C 474 4.33 29.36 -32.87
CA LEU C 474 5.33 30.42 -33.04
C LEU C 474 5.77 30.57 -34.50
N VAL C 475 6.03 29.46 -35.18
CA VAL C 475 6.53 29.52 -36.55
C VAL C 475 5.41 29.91 -37.51
N ARG C 476 4.16 29.70 -37.10
CA ARG C 476 3.03 30.07 -37.94
C ARG C 476 2.65 31.53 -37.77
N GLU C 477 2.77 32.07 -36.55
CA GLU C 477 2.40 33.46 -36.28
C GLU C 477 3.33 34.44 -37.00
N GLU C 478 4.54 34.00 -37.34
CA GLU C 478 5.46 34.83 -38.11
C GLU C 478 4.98 35.07 -39.53
N VAL C 479 4.19 34.15 -40.08
CA VAL C 479 3.77 34.28 -41.48
C VAL C 479 2.28 34.57 -41.67
N ILE C 480 1.43 34.25 -40.70
CA ILE C 480 0.00 34.52 -40.77
C ILE C 480 -0.45 35.10 -39.44
N ASP C 481 -1.65 35.69 -39.44
CA ASP C 481 -2.26 36.24 -38.24
C ASP C 481 -3.33 35.30 -37.71
N PHE C 482 -3.20 34.92 -36.45
CA PHE C 482 -4.22 34.14 -35.75
C PHE C 482 -5.12 35.07 -34.97
N SER C 483 -6.36 34.63 -34.76
CA SER C 483 -7.24 35.28 -33.82
C SER C 483 -6.95 34.75 -32.41
N LYS C 484 -7.77 35.16 -31.46
CA LYS C 484 -7.72 34.56 -30.13
C LYS C 484 -8.22 33.11 -30.21
N PRO C 485 -7.77 32.25 -29.30
CA PRO C 485 -8.20 30.85 -29.35
C PRO C 485 -9.69 30.65 -29.15
N PHE C 486 -10.34 30.00 -30.12
CA PHE C 486 -11.73 29.61 -29.97
C PHE C 486 -11.88 28.29 -29.23
N MET C 487 -10.78 27.58 -29.00
CA MET C 487 -10.83 26.33 -28.26
C MET C 487 -9.49 26.13 -27.57
N SER C 488 -9.52 25.91 -26.26
CA SER C 488 -8.33 25.67 -25.46
C SER C 488 -8.22 24.19 -25.15
N LEU C 489 -7.00 23.69 -25.24
CA LEU C 489 -6.76 22.26 -25.42
C LEU C 489 -5.30 21.95 -25.09
N GLY C 490 -4.97 20.66 -25.12
CA GLY C 490 -3.64 20.22 -24.73
C GLY C 490 -3.49 18.73 -24.95
N ILE C 491 -2.40 18.21 -24.40
CA ILE C 491 -2.08 16.78 -24.51
C ILE C 491 -2.73 16.04 -23.35
N SER C 492 -3.46 14.98 -23.64
CA SER C 492 -4.20 14.22 -22.65
C SER C 492 -3.85 12.74 -22.71
N ILE C 493 -4.47 11.96 -21.82
CA ILE C 493 -4.20 10.54 -21.67
C ILE C 493 -5.48 9.77 -21.98
N MET C 494 -5.36 8.75 -22.83
CA MET C 494 -6.47 7.87 -23.17
C MET C 494 -6.18 6.47 -22.65
N ILE C 495 -6.94 6.01 -21.67
CA ILE C 495 -6.82 4.66 -21.16
C ILE C 495 -8.12 3.92 -21.42
N LYS C 496 -8.04 2.59 -21.37
CA LYS C 496 -9.22 1.75 -21.47
C LYS C 496 -9.93 1.71 -20.11
N LYS C 497 -11.26 1.71 -20.13
CA LYS C 497 -12.03 1.61 -18.91
C LYS C 497 -11.84 0.22 -18.29
N PRO C 498 -11.79 0.10 -16.94
CA PRO C 498 -11.64 -1.22 -16.30
C PRO C 498 -12.82 -2.13 -16.58
N GLN C 499 -14.00 -1.51 -16.57
CA GLN C 499 -15.27 -1.92 -17.16
C GLN C 499 -16.01 -3.05 -16.43
N LYS C 500 -15.28 -3.95 -15.73
CA LYS C 500 -15.54 -4.62 -14.44
C LYS C 500 -14.57 -5.78 -14.27
N SER C 501 -14.66 -6.46 -13.13
CA SER C 501 -14.26 -7.86 -13.02
C SER C 501 -15.47 -8.66 -12.55
N LYS C 502 -15.90 -9.63 -13.37
CA LYS C 502 -17.18 -10.30 -13.14
C LYS C 502 -16.97 -11.57 -12.33
N PRO C 503 -17.59 -11.70 -11.16
CA PRO C 503 -17.46 -12.94 -10.39
C PRO C 503 -18.29 -14.05 -10.99
N GLY C 504 -17.75 -15.26 -11.00
CA GLY C 504 -18.48 -16.42 -11.47
C GLY C 504 -19.49 -16.96 -10.48
N VAL C 505 -19.93 -18.20 -10.67
CA VAL C 505 -20.89 -18.81 -9.77
C VAL C 505 -20.24 -19.26 -8.47
N PHE C 506 -19.08 -19.89 -8.52
CA PHE C 506 -18.42 -20.42 -7.34
C PHE C 506 -17.14 -19.65 -7.07
N SER C 507 -17.23 -18.32 -7.15
CA SER C 507 -16.11 -17.45 -6.85
C SER C 507 -15.86 -17.30 -5.36
N PHE C 508 -16.77 -17.80 -4.52
CA PHE C 508 -16.59 -17.75 -3.08
C PHE C 508 -15.61 -18.82 -2.62
N LEU C 509 -15.30 -19.78 -3.50
CA LEU C 509 -14.32 -20.82 -3.21
C LEU C 509 -12.90 -20.37 -3.49
N ASP C 510 -12.71 -19.28 -4.23
CA ASP C 510 -11.43 -18.78 -4.69
C ASP C 510 -10.33 -18.38 -3.69
N PRO C 511 -10.61 -18.05 -2.41
CA PRO C 511 -9.48 -17.91 -1.47
C PRO C 511 -8.65 -19.16 -1.25
N LEU C 512 -9.21 -20.35 -1.47
CA LEU C 512 -8.47 -21.59 -1.39
C LEU C 512 -8.45 -22.24 -2.76
N ALA C 513 -7.37 -22.96 -3.08
CA ALA C 513 -7.33 -23.65 -4.36
C ALA C 513 -8.29 -24.84 -4.36
N TYR C 514 -8.60 -25.33 -5.56
CA TYR C 514 -9.53 -26.43 -5.67
C TYR C 514 -8.94 -27.76 -5.19
N GLU C 515 -7.62 -27.83 -5.03
CA GLU C 515 -7.04 -29.01 -4.42
C GLU C 515 -7.25 -29.01 -2.91
N ILE C 516 -7.35 -27.82 -2.31
CA ILE C 516 -7.69 -27.73 -0.88
C ILE C 516 -9.13 -28.16 -0.66
N TRP C 517 -10.06 -27.64 -1.47
CA TRP C 517 -11.47 -27.98 -1.31
C TRP C 517 -11.73 -29.45 -1.62
N MET C 518 -10.93 -30.04 -2.50
CA MET C 518 -11.03 -31.47 -2.74
C MET C 518 -10.53 -32.28 -1.55
N CYS C 519 -9.40 -31.86 -0.96
CA CYS C 519 -8.81 -32.63 0.12
C CYS C 519 -9.49 -32.38 1.46
N ILE C 520 -10.27 -31.29 1.57
CA ILE C 520 -11.12 -31.11 2.75
C ILE C 520 -12.22 -32.16 2.78
N VAL C 521 -12.82 -32.44 1.63
CA VAL C 521 -13.86 -33.47 1.52
C VAL C 521 -13.26 -34.84 1.76
N PHE C 522 -12.01 -35.05 1.34
CA PHE C 522 -11.31 -36.30 1.65
C PHE C 522 -11.00 -36.37 3.14
N ALA C 523 -10.72 -35.23 3.77
CA ALA C 523 -10.50 -35.19 5.20
C ALA C 523 -11.81 -35.38 5.96
N TYR C 524 -12.90 -34.83 5.43
CA TYR C 524 -14.21 -34.95 6.05
C TYR C 524 -14.70 -36.40 6.05
N ILE C 525 -14.48 -37.11 4.94
CA ILE C 525 -14.84 -38.53 4.89
C ILE C 525 -13.88 -39.33 5.75
N GLY C 526 -12.61 -38.93 5.78
CA GLY C 526 -11.60 -39.68 6.52
C GLY C 526 -11.80 -39.61 8.01
N VAL C 527 -12.21 -38.45 8.52
CA VAL C 527 -12.42 -38.30 9.96
C VAL C 527 -13.68 -39.04 10.40
N SER C 528 -14.70 -39.05 9.55
CA SER C 528 -15.99 -39.65 9.91
C SER C 528 -15.89 -41.17 10.00
N VAL C 529 -15.17 -41.79 9.06
CA VAL C 529 -15.08 -43.26 9.06
C VAL C 529 -14.17 -43.73 10.20
N VAL C 530 -13.16 -42.92 10.55
CA VAL C 530 -12.34 -43.24 11.70
C VAL C 530 -13.12 -43.01 13.00
N LEU C 531 -14.04 -42.03 13.01
CA LEU C 531 -14.96 -41.85 14.13
C LEU C 531 -15.83 -43.08 14.35
N PHE C 532 -16.43 -43.59 13.27
CA PHE C 532 -17.26 -44.80 13.30
C PHE C 532 -16.46 -46.02 13.74
N LEU C 533 -15.23 -46.14 13.24
CA LEU C 533 -14.35 -47.26 13.59
C LEU C 533 -13.97 -47.24 15.07
N VAL C 534 -13.62 -46.06 15.58
CA VAL C 534 -13.05 -45.95 16.92
C VAL C 534 -14.15 -46.05 17.97
N SER C 535 -15.41 -45.87 17.55
CA SER C 535 -16.49 -45.77 18.52
C SER C 535 -17.36 -47.02 18.60
N ARG C 536 -17.93 -47.48 17.49
CA ARG C 536 -18.90 -48.57 17.53
C ARG C 536 -18.23 -49.94 17.63
N PHE C 537 -16.90 -50.00 17.56
CA PHE C 537 -16.19 -51.18 18.01
C PHE C 537 -15.86 -51.11 19.50
N SER C 538 -15.92 -49.91 20.10
CA SER C 538 -15.56 -49.66 21.48
C SER C 538 -16.81 -49.59 22.35
N PRO C 539 -16.68 -49.69 23.69
CA PRO C 539 -17.86 -49.40 24.54
C PRO C 539 -18.17 -47.91 24.60
N ASN C 560 -24.04 -47.92 21.05
CA ASN C 560 -23.32 -46.69 20.76
C ASN C 560 -24.28 -45.59 20.33
N GLU C 561 -23.82 -44.35 20.43
CA GLU C 561 -24.45 -43.22 19.77
C GLU C 561 -23.87 -43.01 18.37
N PHE C 562 -22.59 -43.32 18.18
CA PHE C 562 -21.91 -43.03 16.92
C PHE C 562 -22.13 -44.12 15.89
N GLY C 563 -22.88 -43.79 14.83
CA GLY C 563 -22.80 -44.48 13.57
C GLY C 563 -22.10 -43.59 12.57
N ILE C 564 -22.07 -44.01 11.30
CA ILE C 564 -21.49 -43.15 10.26
C ILE C 564 -22.46 -42.00 9.95
N PHE C 565 -23.74 -42.20 10.28
CA PHE C 565 -24.72 -41.12 10.16
C PHE C 565 -24.48 -40.03 11.19
N ASN C 566 -24.01 -40.41 12.37
CA ASN C 566 -23.68 -39.43 13.39
C ASN C 566 -22.24 -38.93 13.26
N SER C 567 -21.38 -39.74 12.64
CA SER C 567 -19.97 -39.37 12.51
C SER C 567 -19.78 -38.34 11.41
N LEU C 568 -20.56 -38.44 10.33
CA LEU C 568 -20.59 -37.37 9.34
C LEU C 568 -21.19 -36.10 9.91
N TRP C 569 -22.03 -36.24 10.95
CA TRP C 569 -22.70 -35.10 11.56
C TRP C 569 -21.79 -34.37 12.55
N PHE C 570 -20.96 -35.13 13.28
CA PHE C 570 -19.99 -34.50 14.17
C PHE C 570 -18.94 -33.72 13.38
N SER C 571 -18.56 -34.23 12.22
CA SER C 571 -17.51 -33.59 11.43
C SER C 571 -18.04 -32.38 10.67
N LEU C 572 -19.36 -32.30 10.48
CA LEU C 572 -19.95 -31.08 9.92
C LEU C 572 -19.88 -29.92 10.90
N GLY C 573 -20.49 -30.08 12.07
CA GLY C 573 -20.53 -29.06 13.10
C GLY C 573 -19.18 -28.60 13.57
N ALA C 574 -18.20 -29.50 13.51
CA ALA C 574 -16.83 -29.14 13.79
C ALA C 574 -16.19 -28.36 12.65
N PHE C 575 -16.55 -28.67 11.40
CA PHE C 575 -15.99 -27.95 10.26
C PHE C 575 -16.48 -26.53 10.17
N MET C 576 -17.79 -26.33 10.33
CA MET C 576 -18.33 -24.98 10.24
C MET C 576 -18.39 -24.32 11.62
N GLN C 577 -17.67 -24.90 12.59
CA GLN C 577 -17.54 -24.43 13.97
C GLN C 577 -18.88 -24.23 14.67
N GLN C 578 -19.64 -25.31 14.79
CA GLN C 578 -20.84 -25.30 15.61
C GLN C 578 -20.71 -26.20 16.82
N GLY C 579 -20.14 -27.41 16.67
CA GLY C 579 -20.03 -28.38 17.74
C GLY C 579 -21.38 -28.73 18.34
N CYS C 580 -22.34 -29.06 17.46
CA CYS C 580 -23.78 -28.96 17.69
C CYS C 580 -24.28 -29.59 18.97
N ASP C 581 -24.28 -30.93 19.04
CA ASP C 581 -24.01 -31.75 20.21
C ASP C 581 -23.86 -33.23 19.85
N ILE C 582 -22.65 -33.76 20.08
CA ILE C 582 -22.30 -35.13 20.46
C ILE C 582 -20.83 -35.08 20.81
N SER C 583 -20.41 -35.85 21.81
CA SER C 583 -19.03 -35.81 22.25
C SER C 583 -18.51 -37.23 22.34
N PRO C 584 -17.34 -37.51 21.77
CA PRO C 584 -16.70 -38.82 22.00
C PRO C 584 -16.28 -38.98 23.45
N ARG C 585 -16.54 -40.16 24.01
CA ARG C 585 -16.33 -40.39 25.44
C ARG C 585 -14.97 -41.01 25.76
N SER C 586 -14.53 -42.00 25.01
CA SER C 586 -13.23 -42.63 25.22
C SER C 586 -12.14 -41.68 24.76
N LEU C 587 -10.93 -41.89 25.30
CA LEU C 587 -9.77 -41.08 24.94
C LEU C 587 -9.39 -41.29 23.48
N SER C 588 -9.65 -42.48 22.94
CA SER C 588 -9.33 -42.75 21.54
C SER C 588 -10.24 -41.98 20.60
N GLY C 589 -11.51 -41.83 20.96
CA GLY C 589 -12.42 -41.04 20.14
C GLY C 589 -12.14 -39.55 20.26
N ARG C 590 -11.55 -39.15 21.38
CA ARG C 590 -11.29 -37.73 21.62
C ARG C 590 -10.06 -37.24 20.85
N ILE C 591 -9.21 -38.17 20.41
CA ILE C 591 -8.07 -37.79 19.56
C ILE C 591 -8.56 -37.41 18.17
N VAL C 592 -9.58 -38.14 17.69
CA VAL C 592 -10.19 -37.84 16.39
C VAL C 592 -10.86 -36.46 16.43
N GLY C 593 -11.65 -36.22 17.47
CA GLY C 593 -12.27 -34.92 17.63
C GLY C 593 -11.29 -33.80 17.90
N GLY C 594 -10.13 -34.14 18.45
CA GLY C 594 -9.14 -33.11 18.76
C GLY C 594 -8.46 -32.55 17.53
N VAL C 595 -8.00 -33.41 16.62
CA VAL C 595 -7.22 -32.95 15.49
C VAL C 595 -8.12 -32.35 14.41
N TRP C 596 -9.39 -32.79 14.38
CA TRP C 596 -10.31 -32.22 13.40
C TRP C 596 -10.85 -30.88 13.88
N TRP C 597 -10.79 -30.62 15.19
CA TRP C 597 -11.07 -29.28 15.68
C TRP C 597 -9.93 -28.32 15.33
N PHE C 598 -8.69 -28.80 15.38
CA PHE C 598 -7.55 -27.94 15.05
C PHE C 598 -7.43 -27.74 13.55
N PHE C 599 -7.86 -28.73 12.78
CA PHE C 599 -7.81 -28.65 11.32
C PHE C 599 -8.66 -27.49 10.80
N THR C 600 -9.90 -27.43 11.23
CA THR C 600 -10.82 -26.44 10.69
C THR C 600 -10.57 -25.07 11.29
N LEU C 601 -9.83 -25.00 12.39
CA LEU C 601 -9.42 -23.73 12.95
C LEU C 601 -8.41 -23.04 12.04
N ILE C 602 -7.55 -23.83 11.40
CA ILE C 602 -6.55 -23.29 10.48
C ILE C 602 -7.19 -22.96 9.13
N ILE C 603 -8.14 -23.78 8.69
CA ILE C 603 -8.72 -23.65 7.35
C ILE C 603 -9.63 -22.43 7.27
N ILE C 604 -10.46 -22.21 8.31
CA ILE C 604 -11.32 -21.03 8.35
C ILE C 604 -10.48 -19.76 8.51
N SER C 605 -9.39 -19.84 9.28
CA SER C 605 -8.49 -18.71 9.42
C SER C 605 -7.73 -18.44 8.13
N SER C 606 -7.40 -19.48 7.37
CA SER C 606 -6.72 -19.30 6.09
C SER C 606 -7.67 -18.76 5.04
N TYR C 607 -8.95 -19.12 5.13
CA TYR C 607 -9.95 -18.60 4.19
C TYR C 607 -10.20 -17.12 4.41
N THR C 608 -10.33 -16.73 5.69
CA THR C 608 -10.65 -15.34 6.01
C THR C 608 -9.46 -14.43 5.72
N ALA C 609 -8.26 -14.89 6.02
CA ALA C 609 -7.07 -14.05 5.87
C ALA C 609 -6.69 -13.88 4.40
N ASN C 610 -6.89 -14.92 3.59
CA ASN C 610 -6.58 -14.79 2.17
C ASN C 610 -7.62 -13.94 1.46
N LEU C 611 -8.89 -14.02 1.89
CA LEU C 611 -9.92 -13.15 1.35
C LEU C 611 -9.72 -11.72 1.81
N ALA C 612 -9.17 -11.52 3.00
CA ALA C 612 -8.84 -10.18 3.46
C ALA C 612 -7.66 -9.62 2.66
N ALA C 613 -6.76 -10.51 2.22
CA ALA C 613 -5.64 -10.08 1.39
C ALA C 613 -6.11 -9.67 0.00
N PHE C 614 -7.09 -10.42 -0.54
CA PHE C 614 -7.59 -10.13 -1.88
C PHE C 614 -8.35 -8.81 -1.92
N LEU C 615 -9.22 -8.59 -0.94
CA LEU C 615 -10.04 -7.38 -0.91
C LEU C 615 -9.21 -6.14 -0.59
N THR C 616 -8.08 -6.32 0.11
CA THR C 616 -7.24 -5.16 0.43
C THR C 616 -6.40 -4.74 -0.77
N VAL C 617 -5.85 -5.72 -1.50
CA VAL C 617 -4.99 -5.42 -2.65
C VAL C 617 -5.80 -4.77 -3.78
N GLU C 618 -7.07 -5.15 -3.95
CA GLU C 618 -7.86 -4.53 -5.01
C GLU C 618 -8.36 -3.14 -4.61
N ARG C 619 -8.34 -2.82 -3.31
CA ARG C 619 -8.54 -1.44 -2.89
C ARG C 619 -7.28 -0.61 -3.02
N MET C 620 -6.11 -1.24 -3.14
CA MET C 620 -4.87 -0.53 -3.39
C MET C 620 -4.71 -0.14 -4.85
N VAL C 621 -5.58 -0.66 -5.73
CA VAL C 621 -5.50 -0.38 -7.14
C VAL C 621 -5.97 1.05 -7.37
N SER C 622 -5.04 1.92 -7.72
CA SER C 622 -5.35 3.32 -8.01
C SER C 622 -5.33 3.52 -9.51
N PRO C 623 -6.41 4.02 -10.11
CA PRO C 623 -6.39 4.27 -11.56
C PRO C 623 -5.50 5.46 -11.90
N ILE C 624 -5.10 5.52 -13.18
CA ILE C 624 -4.27 6.62 -13.65
C ILE C 624 -5.09 7.91 -13.65
N GLU C 625 -4.56 8.94 -12.98
CA GLU C 625 -5.25 10.23 -12.91
C GLU C 625 -4.31 11.39 -13.17
N SER C 626 -3.09 11.10 -13.64
CA SER C 626 -2.08 12.12 -13.92
C SER C 626 -0.98 11.53 -14.80
N ALA C 627 -0.08 12.39 -15.31
CA ALA C 627 1.11 11.89 -15.97
C ALA C 627 2.13 11.39 -14.97
N GLU C 628 2.04 11.85 -13.72
CA GLU C 628 2.90 11.32 -12.66
C GLU C 628 2.55 9.87 -12.37
N ASP C 629 1.28 9.51 -12.53
CA ASP C 629 0.86 8.13 -12.33
C ASP C 629 1.41 7.22 -13.43
N LEU C 630 1.43 7.72 -14.68
CA LEU C 630 2.05 6.95 -15.75
C LEU C 630 3.56 6.89 -15.59
N SER C 631 4.15 7.96 -15.05
CA SER C 631 5.59 8.04 -14.82
C SER C 631 6.07 6.97 -13.84
N LYS C 632 5.40 6.87 -12.69
CA LYS C 632 5.74 5.87 -11.68
C LYS C 632 5.40 4.45 -12.12
N GLN C 633 4.12 4.19 -12.40
CA GLN C 633 3.64 2.87 -12.75
C GLN C 633 4.13 2.44 -14.12
N THR C 634 4.88 1.33 -14.18
CA THR C 634 5.47 0.85 -15.42
C THR C 634 4.77 -0.40 -15.96
N GLU C 635 3.67 -0.82 -15.35
CA GLU C 635 2.95 -1.97 -15.89
C GLU C 635 2.04 -1.57 -17.03
N ILE C 636 1.62 -0.31 -17.09
CA ILE C 636 0.93 0.23 -18.26
C ILE C 636 1.96 0.91 -19.15
N ALA C 637 2.10 0.45 -20.38
CA ALA C 637 2.97 1.08 -21.35
C ALA C 637 2.23 2.24 -22.02
N TYR C 638 2.94 3.33 -22.25
CA TYR C 638 2.34 4.50 -22.88
C TYR C 638 3.18 4.96 -24.07
N GLY C 639 2.49 5.47 -25.08
CA GLY C 639 3.13 5.83 -26.34
C GLY C 639 2.41 6.97 -27.01
N THR C 640 3.01 7.45 -28.09
CA THR C 640 2.61 8.64 -28.82
C THR C 640 2.47 8.25 -30.30
N LEU C 641 2.02 9.17 -31.14
CA LEU C 641 2.08 8.97 -32.57
C LEU C 641 3.51 9.23 -33.04
N ASP C 642 3.90 8.59 -34.15
CA ASP C 642 5.28 8.55 -34.60
C ASP C 642 5.72 9.85 -35.28
N SER C 643 4.77 10.74 -35.56
CA SER C 643 5.08 12.00 -36.22
C SER C 643 4.03 13.06 -35.89
N GLY C 644 4.42 14.07 -35.13
CA GLY C 644 3.49 15.12 -34.76
C GLY C 644 4.04 15.96 -33.64
N SER C 645 3.22 16.92 -33.21
CA SER C 645 3.66 17.86 -32.18
C SER C 645 3.66 17.23 -30.80
N THR C 646 2.85 16.17 -30.62
CA THR C 646 2.79 15.52 -29.32
C THR C 646 4.05 14.71 -29.05
N LYS C 647 4.60 14.08 -30.08
CA LYS C 647 5.87 13.39 -29.95
C LYS C 647 7.02 14.38 -29.77
N GLU C 648 6.96 15.52 -30.47
CA GLU C 648 8.01 16.52 -30.37
C GLU C 648 7.93 17.28 -29.05
N PHE C 649 6.80 17.20 -28.35
CA PHE C 649 6.67 17.85 -27.05
C PHE C 649 7.55 17.18 -26.00
N PHE C 650 7.61 15.85 -26.02
CA PHE C 650 8.32 15.14 -24.96
C PHE C 650 9.84 15.15 -25.16
N ARG C 651 10.32 15.26 -26.39
CA ARG C 651 11.76 15.19 -26.61
C ARG C 651 12.44 16.51 -26.23
N ARG C 652 11.70 17.62 -26.27
CA ARG C 652 12.28 18.91 -25.93
C ARG C 652 11.86 19.40 -24.54
N SER C 653 11.08 18.62 -23.81
CA SER C 653 10.57 19.09 -22.53
C SER C 653 11.64 19.00 -21.46
N LYS C 654 11.78 20.08 -20.68
CA LYS C 654 12.72 20.15 -19.57
C LYS C 654 11.99 20.07 -18.24
N ILE C 655 10.81 19.46 -18.25
CA ILE C 655 9.99 19.23 -17.06
C ILE C 655 10.30 17.83 -16.58
N ALA C 656 10.48 17.68 -15.25
CA ALA C 656 11.00 16.45 -14.64
C ALA C 656 10.15 15.22 -14.93
N VAL C 657 8.82 15.35 -14.84
CA VAL C 657 7.95 14.21 -15.10
C VAL C 657 7.90 13.93 -16.61
N PHE C 658 8.01 14.97 -17.43
CA PHE C 658 7.90 14.79 -18.87
C PHE C 658 9.22 14.33 -19.48
N ASP C 659 10.35 14.66 -18.83
CA ASP C 659 11.64 14.14 -19.28
C ASP C 659 11.75 12.65 -18.99
N LYS C 660 11.11 12.19 -17.91
CA LYS C 660 11.15 10.78 -17.57
C LYS C 660 10.24 9.96 -18.48
N MET C 661 9.13 10.56 -18.94
CA MET C 661 8.22 9.84 -19.83
C MET C 661 8.84 9.64 -21.20
N TRP C 662 9.60 10.62 -21.70
CA TRP C 662 10.28 10.45 -22.98
C TRP C 662 11.40 9.45 -22.87
N THR C 663 12.04 9.37 -21.69
CA THR C 663 13.06 8.37 -21.39
C THR C 663 12.48 6.97 -21.49
N TYR C 664 11.28 6.77 -20.95
CA TYR C 664 10.61 5.48 -21.04
C TYR C 664 10.20 5.14 -22.47
N MET C 665 9.76 6.13 -23.23
CA MET C 665 9.24 5.88 -24.57
C MET C 665 10.33 5.72 -25.63
N ARG C 666 11.48 6.38 -25.47
CA ARG C 666 12.54 6.26 -26.47
C ARG C 666 13.23 4.92 -26.39
N SER C 667 13.19 4.27 -25.21
CA SER C 667 13.81 2.98 -24.98
C SER C 667 12.75 2.05 -24.41
N ALA C 668 12.01 1.40 -25.30
CA ALA C 668 10.97 0.46 -24.90
C ALA C 668 10.79 -0.57 -26.01
N GLU C 669 10.72 -1.83 -25.61
CA GLU C 669 10.54 -2.92 -26.56
C GLU C 669 9.26 -3.69 -26.26
N PRO C 670 8.34 -3.82 -27.23
CA PRO C 670 8.38 -3.31 -28.60
C PRO C 670 8.05 -1.81 -28.72
N SER C 671 7.85 -1.34 -29.95
CA SER C 671 7.70 0.08 -30.23
C SER C 671 6.36 0.57 -29.71
N VAL C 672 6.40 1.54 -28.79
CA VAL C 672 5.17 2.13 -28.28
C VAL C 672 4.62 3.21 -29.19
N PHE C 673 5.38 3.65 -30.18
CA PHE C 673 4.96 4.73 -31.07
C PHE C 673 4.15 4.15 -32.23
N VAL C 674 2.85 4.41 -32.22
CA VAL C 674 1.99 4.05 -33.35
C VAL C 674 2.18 5.09 -34.45
N ARG C 675 1.68 4.79 -35.65
CA ARG C 675 1.82 5.72 -36.75
C ARG C 675 0.50 6.36 -37.19
N THR C 676 -0.63 5.98 -36.60
CA THR C 676 -1.92 6.54 -36.94
C THR C 676 -2.69 6.71 -35.64
N THR C 677 -3.55 7.73 -35.59
CA THR C 677 -4.41 7.93 -34.43
C THR C 677 -5.38 6.76 -34.26
N ALA C 678 -5.89 6.23 -35.37
CA ALA C 678 -6.79 5.08 -35.32
C ALA C 678 -6.09 3.83 -34.80
N GLU C 679 -4.78 3.72 -35.09
CA GLU C 679 -3.98 2.62 -34.55
C GLU C 679 -3.78 2.76 -33.04
N GLY C 680 -3.54 3.99 -32.58
CA GLY C 680 -3.32 4.19 -31.16
C GLY C 680 -4.56 3.99 -30.32
N VAL C 681 -5.74 4.32 -30.88
CA VAL C 681 -7.00 4.05 -30.21
C VAL C 681 -7.26 2.54 -30.20
N ALA C 682 -6.86 1.85 -31.26
CA ALA C 682 -7.04 0.40 -31.35
C ALA C 682 -6.16 -0.32 -30.32
N ARG C 683 -4.94 0.16 -30.11
CA ARG C 683 -4.03 -0.49 -29.17
C ARG C 683 -4.51 -0.34 -27.72
N VAL C 684 -5.25 0.74 -27.44
CA VAL C 684 -5.87 0.91 -26.12
C VAL C 684 -6.92 -0.15 -25.89
N ARG C 685 -7.70 -0.46 -26.93
CA ARG C 685 -8.82 -1.38 -26.79
C ARG C 685 -8.38 -2.84 -26.71
N LYS C 686 -7.37 -3.26 -27.49
CA LYS C 686 -6.92 -4.65 -27.39
C LYS C 686 -5.74 -4.82 -26.45
N SER C 687 -5.81 -4.23 -25.26
CA SER C 687 -4.73 -4.41 -24.30
C SER C 687 -5.23 -4.60 -22.87
N LYS C 688 -6.55 -4.58 -22.69
CA LYS C 688 -7.24 -4.74 -21.41
C LYS C 688 -6.71 -3.82 -20.32
N GLY C 689 -6.52 -2.55 -20.64
CA GLY C 689 -6.02 -1.59 -19.68
C GLY C 689 -4.53 -1.58 -19.46
N LYS C 690 -3.75 -2.09 -20.41
CA LYS C 690 -2.30 -2.09 -20.28
C LYS C 690 -1.63 -1.13 -21.25
N TYR C 691 -2.40 -0.30 -21.96
CA TYR C 691 -1.84 0.71 -22.85
C TYR C 691 -2.56 2.02 -22.65
N ALA C 692 -1.80 3.11 -22.74
CA ALA C 692 -2.32 4.47 -22.58
C ALA C 692 -1.81 5.33 -23.73
N TYR C 693 -2.73 5.91 -24.49
CA TYR C 693 -2.34 6.66 -25.67
C TYR C 693 -2.38 8.16 -25.40
N LEU C 694 -1.26 8.83 -25.66
CA LEU C 694 -1.08 10.26 -25.43
C LEU C 694 -1.44 10.99 -26.72
N LEU C 695 -2.53 11.77 -26.69
CA LEU C 695 -3.01 12.41 -27.91
C LEU C 695 -3.56 13.77 -27.56
N GLU C 696 -4.18 14.39 -28.57
CA GLU C 696 -4.88 15.65 -28.44
C GLU C 696 -6.14 15.49 -27.59
N SER C 697 -6.40 16.49 -26.74
CA SER C 697 -7.52 16.43 -25.81
C SER C 697 -8.87 16.44 -26.52
N THR C 698 -8.96 17.17 -27.63
CA THR C 698 -10.23 17.27 -28.34
C THR C 698 -10.55 15.97 -29.07
N MET C 699 -9.53 15.25 -29.52
CA MET C 699 -9.77 13.91 -30.08
C MET C 699 -10.09 12.92 -28.97
N ASN C 700 -9.48 13.10 -27.80
CA ASN C 700 -9.69 12.19 -26.68
C ASN C 700 -11.12 12.34 -26.14
N GLU C 701 -11.66 13.56 -26.17
CA GLU C 701 -13.04 13.76 -25.76
C GLU C 701 -14.02 13.27 -26.81
N TYR C 702 -13.62 13.28 -28.08
CA TYR C 702 -14.53 12.89 -29.15
C TYR C 702 -14.61 11.38 -29.32
N ILE C 703 -13.45 10.71 -29.25
CA ILE C 703 -13.40 9.25 -29.39
C ILE C 703 -14.04 8.57 -28.17
N GLU C 704 -14.02 9.24 -27.01
CA GLU C 704 -14.69 8.74 -25.82
C GLU C 704 -16.20 8.69 -26.00
N GLN C 705 -16.76 9.55 -26.86
CA GLN C 705 -18.19 9.60 -27.11
C GLN C 705 -18.62 8.78 -28.32
N ARG C 706 -17.71 8.01 -28.92
CA ARG C 706 -18.02 7.18 -30.07
C ARG C 706 -18.25 5.74 -29.63
N LYS C 707 -19.16 5.01 -30.37
CA LYS C 707 -19.20 3.59 -30.04
C LYS C 707 -18.03 2.85 -30.65
N PRO C 708 -17.45 1.86 -29.94
CA PRO C 708 -17.77 1.35 -28.60
C PRO C 708 -17.31 2.26 -27.47
N CYS C 709 -18.17 2.43 -26.45
CA CYS C 709 -17.86 3.30 -25.33
C CYS C 709 -16.84 2.61 -24.43
N ASP C 710 -15.57 2.60 -24.86
CA ASP C 710 -14.56 1.76 -24.25
C ASP C 710 -13.39 2.53 -23.66
N THR C 711 -13.05 3.69 -24.22
CA THR C 711 -11.93 4.48 -23.75
C THR C 711 -12.43 5.65 -22.93
N MET C 712 -11.53 6.24 -22.15
CA MET C 712 -11.87 7.38 -21.31
C MET C 712 -10.68 8.33 -21.23
N LYS C 713 -10.98 9.59 -20.93
CA LYS C 713 -9.99 10.63 -20.74
C LYS C 713 -9.74 10.82 -19.25
N VAL C 714 -8.48 10.70 -18.85
CA VAL C 714 -8.11 10.80 -17.44
C VAL C 714 -7.15 11.96 -17.25
N GLY C 715 -7.15 12.50 -16.04
CA GLY C 715 -6.30 13.61 -15.66
C GLY C 715 -6.66 14.90 -16.38
N GLY C 716 -5.74 15.85 -16.29
CA GLY C 716 -5.83 17.10 -16.99
C GLY C 716 -4.95 17.12 -18.22
N ASN C 717 -4.79 18.31 -18.79
CA ASN C 717 -3.94 18.48 -19.95
C ASN C 717 -2.48 18.55 -19.51
N LEU C 718 -1.58 18.15 -20.40
CA LEU C 718 -0.15 18.20 -20.11
C LEU C 718 0.50 19.49 -20.58
N ASP C 719 -0.14 20.22 -21.49
CA ASP C 719 0.30 21.55 -21.86
C ASP C 719 -0.92 22.38 -22.22
N SER C 720 -0.68 23.62 -22.61
CA SER C 720 -1.74 24.56 -22.94
C SER C 720 -1.46 25.19 -24.29
N LYS C 721 -2.30 24.86 -25.27
CA LYS C 721 -2.25 25.46 -26.59
C LYS C 721 -3.68 25.65 -27.08
N GLY C 722 -3.84 26.34 -28.21
CA GLY C 722 -5.16 26.68 -28.69
C GLY C 722 -5.24 26.65 -30.20
N TYR C 723 -6.46 26.53 -30.69
CA TYR C 723 -6.78 26.59 -32.11
C TYR C 723 -7.26 28.00 -32.43
N GLY C 724 -6.79 28.57 -33.53
CA GLY C 724 -7.14 29.92 -33.90
C GLY C 724 -7.64 29.99 -35.33
N ILE C 725 -8.32 31.09 -35.63
CA ILE C 725 -8.76 31.40 -36.99
C ILE C 725 -7.64 32.20 -37.64
N ALA C 726 -7.21 31.77 -38.81
CA ALA C 726 -5.99 32.29 -39.42
C ALA C 726 -6.30 33.12 -40.66
N THR C 727 -5.50 34.16 -40.86
CA THR C 727 -5.69 35.16 -41.91
C THR C 727 -4.35 35.47 -42.58
N PRO C 728 -4.36 35.85 -43.90
CA PRO C 728 -3.12 36.07 -44.68
C PRO C 728 -2.01 36.98 -44.19
N LYS C 729 -2.15 37.68 -43.04
CA LYS C 729 -1.19 38.56 -42.36
C LYS C 729 -1.19 39.95 -42.99
N GLY C 730 -1.89 40.12 -44.10
CA GLY C 730 -2.07 41.43 -44.68
C GLY C 730 -3.53 41.67 -45.00
N SER C 731 -4.41 41.02 -44.25
CA SER C 731 -5.83 41.03 -44.58
C SER C 731 -6.56 42.10 -43.79
N SER C 732 -7.61 42.65 -44.41
CA SER C 732 -8.55 43.54 -43.74
C SER C 732 -9.65 42.80 -43.01
N LEU C 733 -9.56 41.46 -42.97
CA LEU C 733 -10.55 40.61 -42.34
C LEU C 733 -10.14 40.12 -40.97
N GLY C 734 -8.84 40.14 -40.67
CA GLY C 734 -8.30 39.62 -39.42
C GLY C 734 -8.74 40.31 -38.16
N THR C 735 -9.02 41.62 -38.24
CA THR C 735 -9.47 42.35 -37.06
C THR C 735 -10.96 42.13 -36.75
N PRO C 736 -11.91 42.17 -37.72
CA PRO C 736 -13.30 41.80 -37.35
C PRO C 736 -13.48 40.34 -36.97
N VAL C 737 -12.64 39.44 -37.49
CA VAL C 737 -12.71 38.04 -37.10
C VAL C 737 -12.21 37.87 -35.66
N ASN C 738 -11.20 38.64 -35.27
CA ASN C 738 -10.69 38.59 -33.90
C ASN C 738 -11.73 39.12 -32.92
N LEU C 739 -12.48 40.14 -33.32
CA LEU C 739 -13.57 40.64 -32.49
C LEU C 739 -14.76 39.69 -32.51
N ALA C 740 -14.88 38.86 -33.55
CA ALA C 740 -15.99 37.92 -33.63
C ALA C 740 -15.80 36.75 -32.67
N VAL C 741 -14.58 36.22 -32.58
CA VAL C 741 -14.29 35.06 -31.75
C VAL C 741 -14.43 35.40 -30.27
N LEU C 742 -14.04 36.61 -29.89
CA LEU C 742 -14.20 37.04 -28.50
C LEU C 742 -15.66 37.29 -28.15
N LYS C 743 -16.47 37.66 -29.14
CA LYS C 743 -17.90 37.79 -28.90
C LYS C 743 -18.57 36.43 -28.77
N LEU C 744 -18.17 35.47 -29.62
CA LEU C 744 -18.75 34.13 -29.57
C LEU C 744 -18.31 33.37 -28.32
N SER C 745 -17.14 33.72 -27.77
CA SER C 745 -16.71 33.11 -26.51
C SER C 745 -17.57 33.57 -25.35
N GLU C 746 -17.98 34.84 -25.36
CA GLU C 746 -18.71 35.40 -24.23
C GLU C 746 -20.21 35.18 -24.36
N GLN C 747 -20.71 35.00 -25.57
CA GLN C 747 -22.12 34.67 -25.78
C GLN C 747 -22.40 33.18 -25.64
N GLY C 748 -21.39 32.38 -25.28
CA GLY C 748 -21.56 30.96 -25.10
C GLY C 748 -21.84 30.19 -26.36
N VAL C 749 -21.51 30.76 -27.52
CA VAL C 749 -21.76 30.08 -28.79
C VAL C 749 -20.74 28.96 -29.01
N LEU C 750 -19.49 29.20 -28.59
CA LEU C 750 -18.44 28.22 -28.81
C LEU C 750 -18.60 27.02 -27.89
N ASP C 751 -19.10 27.23 -26.68
CA ASP C 751 -19.42 26.11 -25.80
C ASP C 751 -20.69 25.41 -26.25
N LYS C 752 -21.60 26.14 -26.89
CA LYS C 752 -22.81 25.53 -27.43
C LYS C 752 -22.49 24.61 -28.60
N LEU C 753 -21.57 25.05 -29.48
CA LEU C 753 -21.23 24.23 -30.64
C LEU C 753 -20.34 23.05 -30.25
N LYS C 754 -19.60 23.17 -29.15
CA LYS C 754 -18.77 22.04 -28.71
C LYS C 754 -19.64 20.97 -28.04
N ASN C 755 -20.66 21.40 -27.29
CA ASN C 755 -21.59 20.46 -26.69
C ASN C 755 -22.43 19.75 -27.74
N LYS C 756 -22.70 20.45 -28.85
CA LYS C 756 -23.48 19.92 -29.97
C LYS C 756 -22.80 18.75 -30.64
N TRP C 757 -21.54 18.92 -31.04
CA TRP C 757 -20.86 17.95 -31.89
C TRP C 757 -20.16 16.87 -31.07
N TRP C 758 -19.54 17.25 -29.96
CA TRP C 758 -18.90 16.26 -29.09
C TRP C 758 -19.90 15.48 -28.26
N TYR C 759 -20.87 16.16 -27.62
CA TYR C 759 -21.69 15.50 -26.62
C TYR C 759 -23.13 15.25 -27.05
N ASP C 760 -23.79 16.24 -27.66
CA ASP C 760 -25.19 16.07 -28.08
C ASP C 760 -25.32 15.10 -29.25
N LYS C 761 -24.31 15.01 -30.11
CA LYS C 761 -24.26 13.98 -31.14
C LYS C 761 -23.39 12.82 -30.72
N GLY C 762 -23.22 12.63 -29.41
CA GLY C 762 -22.37 11.58 -28.89
C GLY C 762 -23.09 10.25 -28.86
N GLU C 763 -22.40 9.20 -29.29
CA GLU C 763 -22.96 7.86 -29.34
C GLU C 763 -23.01 7.19 -27.98
N CYS C 764 -22.37 7.76 -26.97
CA CYS C 764 -22.43 7.27 -25.61
C CYS C 764 -23.50 8.05 -24.85
N GLY C 765 -23.56 7.88 -23.52
CA GLY C 765 -24.55 8.58 -22.73
C GLY C 765 -24.09 9.94 -22.27
N ALA C 766 -24.17 10.19 -20.96
CA ALA C 766 -23.77 11.44 -20.29
C ALA C 766 -24.43 12.69 -20.88
N THR C 775 -19.04 2.26 -3.94
CA THR C 775 -19.89 1.92 -2.81
C THR C 775 -19.13 1.11 -1.75
N SER C 776 -18.10 0.40 -2.22
CA SER C 776 -17.08 -0.32 -1.44
C SER C 776 -17.61 -1.55 -0.72
N ALA C 777 -18.92 -1.76 -0.72
CA ALA C 777 -19.49 -2.90 -0.01
C ALA C 777 -19.41 -4.16 -0.87
N LEU C 778 -19.54 -5.30 -0.22
CA LEU C 778 -19.51 -6.56 -0.93
C LEU C 778 -20.86 -6.78 -1.60
N SER C 779 -20.84 -7.10 -2.88
CA SER C 779 -22.06 -7.21 -3.67
C SER C 779 -22.65 -8.61 -3.56
N LEU C 780 -23.92 -8.72 -3.96
CA LEU C 780 -24.63 -9.99 -3.93
C LEU C 780 -24.12 -10.97 -4.98
N SER C 781 -23.46 -10.49 -6.04
CA SER C 781 -22.90 -11.38 -7.06
C SER C 781 -21.61 -12.06 -6.61
N ASN C 782 -20.91 -11.48 -5.63
CA ASN C 782 -19.71 -12.09 -5.07
C ASN C 782 -20.01 -13.35 -4.26
N VAL C 783 -21.18 -13.42 -3.63
CA VAL C 783 -21.53 -14.54 -2.78
C VAL C 783 -22.81 -15.26 -3.22
N ALA C 784 -23.17 -15.17 -4.49
CA ALA C 784 -24.44 -15.76 -4.95
C ALA C 784 -24.38 -17.28 -4.97
N GLY C 785 -23.18 -17.85 -5.03
CA GLY C 785 -23.06 -19.30 -5.11
C GLY C 785 -23.34 -20.00 -3.80
N VAL C 786 -23.06 -19.34 -2.67
CA VAL C 786 -23.33 -19.97 -1.38
C VAL C 786 -24.82 -19.91 -1.07
N PHE C 787 -25.55 -19.00 -1.72
CA PHE C 787 -27.00 -19.08 -1.73
C PHE C 787 -27.47 -20.24 -2.58
N TYR C 788 -26.76 -20.54 -3.67
CA TYR C 788 -27.18 -21.59 -4.59
C TYR C 788 -26.99 -22.96 -3.98
N ILE C 789 -25.96 -23.13 -3.15
CA ILE C 789 -25.79 -24.34 -2.36
C ILE C 789 -26.90 -24.41 -1.32
N LEU C 790 -27.26 -23.25 -0.77
CA LEU C 790 -28.26 -23.19 0.29
C LEU C 790 -29.65 -23.51 -0.24
N VAL C 791 -30.02 -22.94 -1.39
CA VAL C 791 -31.28 -23.28 -2.07
C VAL C 791 -31.19 -24.73 -2.54
N GLY C 792 -30.04 -25.12 -3.07
CA GLY C 792 -29.77 -26.49 -3.46
C GLY C 792 -29.82 -27.47 -2.30
N GLY C 793 -29.38 -27.03 -1.13
CA GLY C 793 -29.44 -27.84 0.07
C GLY C 793 -30.86 -28.07 0.56
N LEU C 794 -31.68 -27.02 0.52
CA LEU C 794 -33.07 -27.14 0.93
C LEU C 794 -33.86 -27.96 -0.08
N GLY C 795 -33.48 -27.90 -1.35
CA GLY C 795 -34.11 -28.75 -2.35
C GLY C 795 -33.70 -30.20 -2.22
N LEU C 796 -32.43 -30.45 -1.87
CA LEU C 796 -31.98 -31.81 -1.61
C LEU C 796 -32.56 -32.37 -0.33
N ALA C 797 -32.88 -31.52 0.64
CA ALA C 797 -33.45 -31.98 1.90
C ALA C 797 -34.90 -32.41 1.73
N MET C 798 -35.65 -31.74 0.86
CA MET C 798 -37.00 -32.18 0.55
C MET C 798 -36.99 -33.47 -0.27
N LEU C 799 -35.89 -33.76 -0.96
CA LEU C 799 -35.77 -35.02 -1.70
C LEU C 799 -35.64 -36.20 -0.74
N VAL C 800 -34.84 -36.04 0.31
CA VAL C 800 -34.66 -37.11 1.29
C VAL C 800 -35.90 -37.25 2.17
N ALA C 801 -36.69 -36.17 2.30
CA ALA C 801 -37.90 -36.20 3.11
C ALA C 801 -38.96 -37.12 2.51
N LEU C 802 -38.94 -37.29 1.18
CA LEU C 802 -39.83 -38.26 0.55
C LEU C 802 -39.41 -39.68 0.85
N ILE C 803 -38.11 -39.99 0.70
CA ILE C 803 -37.67 -41.38 0.78
C ILE C 803 -37.58 -41.83 2.23
N GLU C 804 -37.46 -40.89 3.18
CA GLU C 804 -37.49 -41.27 4.58
C GLU C 804 -38.92 -41.45 5.07
N PHE C 805 -39.86 -40.69 4.54
CA PHE C 805 -41.27 -40.95 4.80
C PHE C 805 -41.74 -42.23 4.11
N CYS C 806 -41.12 -42.55 2.97
CA CYS C 806 -41.43 -43.78 2.27
C CYS C 806 -40.91 -45.01 3.01
N TYR C 807 -39.75 -44.86 3.67
CA TYR C 807 -39.11 -45.99 4.34
C TYR C 807 -39.91 -46.43 5.56
N LYS C 808 -40.46 -45.49 6.31
CA LYS C 808 -41.27 -45.80 7.48
C LYS C 808 -42.62 -46.39 7.07
N SER C 809 -43.24 -45.83 6.02
CA SER C 809 -44.55 -46.26 5.57
C SER C 809 -44.55 -47.68 5.01
N ARG C 810 -43.63 -47.97 4.09
CA ARG C 810 -43.57 -49.27 3.45
C ARG C 810 -43.11 -50.36 4.41
N ALA C 811 -41.95 -50.16 5.03
CA ALA C 811 -41.41 -51.14 5.97
C ALA C 811 -42.14 -51.05 7.32
N GLY C 824 -30.87 -56.70 4.64
CA GLY C 824 -30.17 -56.94 5.89
C GLY C 824 -28.68 -57.11 5.72
N ARG C 825 -28.16 -58.24 6.20
CA ARG C 825 -26.73 -58.51 6.06
C ARG C 825 -26.36 -59.03 4.68
N LYS C 826 -27.33 -59.43 3.87
CA LYS C 826 -27.06 -60.09 2.60
C LYS C 826 -26.50 -59.12 1.56
N ALA C 827 -27.22 -58.02 1.32
CA ALA C 827 -26.69 -56.97 0.44
C ALA C 827 -25.52 -56.25 1.08
N LEU C 828 -25.47 -56.23 2.41
CA LEU C 828 -24.36 -55.68 3.17
C LEU C 828 -23.10 -56.51 2.93
N THR C 829 -23.28 -57.83 2.83
CA THR C 829 -22.18 -58.70 2.40
C THR C 829 -21.79 -58.42 0.96
N LEU C 830 -22.79 -58.12 0.12
CA LEU C 830 -22.55 -57.95 -1.31
C LEU C 830 -21.86 -56.62 -1.60
N LEU C 831 -22.32 -55.55 -0.96
CA LEU C 831 -21.77 -54.21 -1.24
C LEU C 831 -20.35 -54.07 -0.70
N SER C 832 -20.02 -54.81 0.36
CA SER C 832 -18.66 -54.83 0.90
C SER C 832 -17.69 -55.43 -0.11
N SER C 833 -18.11 -56.47 -0.80
CA SER C 833 -17.26 -57.12 -1.79
C SER C 833 -17.12 -56.26 -3.06
N VAL C 834 -18.24 -55.84 -3.63
CA VAL C 834 -18.24 -55.27 -4.98
C VAL C 834 -17.62 -53.86 -4.98
N PHE C 835 -17.63 -53.19 -3.83
CA PHE C 835 -16.89 -51.94 -3.71
C PHE C 835 -15.40 -52.21 -3.59
N ALA C 836 -15.03 -53.32 -2.93
CA ALA C 836 -13.63 -53.69 -2.82
C ALA C 836 -13.09 -54.25 -4.12
N VAL C 837 -13.96 -54.83 -4.95
CA VAL C 837 -13.53 -55.30 -6.27
C VAL C 837 -13.19 -54.11 -7.17
N CYS C 838 -14.10 -53.15 -7.25
CA CYS C 838 -13.86 -51.96 -8.08
C CYS C 838 -12.78 -51.08 -7.47
N GLY C 839 -12.70 -51.04 -6.15
CA GLY C 839 -11.67 -50.26 -5.45
C GLY C 839 -10.27 -50.76 -5.70
N LEU C 840 -10.09 -52.09 -5.68
CA LEU C 840 -8.79 -52.68 -5.98
C LEU C 840 -8.45 -52.52 -7.45
N GLY C 841 -9.47 -52.48 -8.32
CA GLY C 841 -9.21 -52.37 -9.74
C GLY C 841 -8.87 -50.97 -10.19
N LEU C 842 -9.56 -49.97 -9.62
CA LEU C 842 -9.40 -48.59 -10.10
C LEU C 842 -8.07 -48.00 -9.66
N LEU C 843 -7.59 -48.36 -8.47
CA LEU C 843 -6.29 -47.86 -8.03
C LEU C 843 -5.16 -48.54 -8.80
N GLY C 844 -5.33 -49.84 -9.09
CA GLY C 844 -4.36 -50.61 -9.84
C GLY C 844 -4.10 -50.13 -11.26
N ILE C 845 -5.16 -49.77 -11.97
CA ILE C 845 -5.04 -49.30 -13.35
C ILE C 845 -4.63 -47.83 -13.37
N ALA C 846 -4.73 -47.14 -12.23
CA ALA C 846 -4.34 -45.75 -12.16
C ALA C 846 -2.85 -45.59 -11.92
N VAL C 847 -2.30 -46.41 -11.03
CA VAL C 847 -0.88 -46.35 -10.67
C VAL C 847 -0.05 -46.91 -11.82
N SER C 848 -0.65 -47.77 -12.63
CA SER C 848 0.08 -48.37 -13.75
C SER C 848 0.10 -47.44 -14.95
N THR C 849 -1.04 -46.85 -15.30
CA THR C 849 -1.14 -46.01 -16.48
C THR C 849 -0.49 -44.65 -16.16
N ASP C 850 -0.15 -43.89 -17.20
CA ASP C 850 0.59 -42.64 -17.06
C ASP C 850 -0.24 -41.48 -17.65
N TYR C 851 -1.14 -40.95 -16.81
CA TYR C 851 -1.89 -39.73 -17.14
C TYR C 851 -2.07 -38.84 -15.92
N TRP C 852 -1.24 -38.98 -14.88
CA TRP C 852 -1.40 -38.32 -13.61
C TRP C 852 -1.19 -36.81 -13.67
N LEU C 853 -0.48 -36.33 -14.69
CA LEU C 853 -0.16 -34.91 -14.76
C LEU C 853 0.02 -34.41 -16.19
N TYR C 854 -0.95 -33.66 -16.69
CA TYR C 854 -0.74 -32.86 -17.89
C TYR C 854 0.04 -31.60 -17.52
N LEU C 855 0.86 -31.13 -18.45
CA LEU C 855 1.66 -29.93 -18.21
C LEU C 855 2.05 -29.27 -19.54
N GLU C 856 1.58 -28.06 -19.77
CA GLU C 856 1.91 -27.32 -20.99
C GLU C 856 2.89 -26.19 -20.69
N GLU C 857 3.71 -25.87 -21.68
CA GLU C 857 4.68 -24.78 -21.63
C GLU C 857 4.64 -24.05 -22.97
N GLY C 858 5.02 -22.78 -22.97
CA GLY C 858 5.09 -22.03 -24.20
C GLY C 858 5.32 -20.56 -23.95
N ILE C 859 5.06 -19.77 -24.99
CA ILE C 859 5.21 -18.32 -24.96
C ILE C 859 3.88 -17.67 -25.34
N ILE C 860 3.67 -16.46 -24.84
CA ILE C 860 2.45 -15.69 -25.12
C ILE C 860 2.77 -14.77 -26.29
N LEU C 861 2.10 -15.01 -27.41
CA LEU C 861 2.20 -14.10 -28.54
C LEU C 861 1.49 -12.80 -28.21
N PRO C 862 2.00 -11.64 -28.67
CA PRO C 862 1.38 -10.34 -28.33
C PRO C 862 -0.02 -10.17 -28.91
N GLN C 863 -0.18 -10.47 -30.21
CA GLN C 863 -1.47 -10.33 -30.85
C GLN C 863 -2.42 -11.43 -30.40
N ASN C 864 -3.57 -10.99 -29.85
CA ASN C 864 -4.72 -11.81 -29.45
C ASN C 864 -4.44 -12.80 -28.31
N GLN C 865 -3.23 -12.74 -27.72
CA GLN C 865 -2.73 -13.66 -26.69
C GLN C 865 -2.79 -15.11 -27.14
N SER C 866 -2.65 -15.35 -28.44
CA SER C 866 -2.70 -16.68 -29.03
C SER C 866 -1.54 -17.53 -28.55
N THR C 867 -1.85 -18.70 -27.99
CA THR C 867 -0.83 -19.53 -27.37
C THR C 867 -0.17 -20.47 -28.36
N GLU C 868 1.04 -20.89 -28.05
CA GLU C 868 1.75 -21.93 -28.79
C GLU C 868 2.42 -22.86 -27.80
N VAL C 869 2.06 -24.14 -27.81
CA VAL C 869 2.59 -25.05 -26.81
C VAL C 869 3.97 -25.56 -27.24
N LYS C 870 5.00 -25.06 -26.54
CA LYS C 870 6.37 -25.47 -26.81
C LYS C 870 6.64 -26.88 -26.27
N MET C 871 5.93 -27.26 -25.20
CA MET C 871 6.11 -28.58 -24.62
C MET C 871 4.87 -29.03 -23.85
N SER C 872 4.24 -30.11 -24.29
CA SER C 872 3.25 -30.82 -23.50
C SER C 872 3.91 -31.98 -22.78
N LEU C 873 3.23 -32.56 -21.80
CA LEU C 873 3.77 -33.71 -21.07
C LEU C 873 2.67 -34.71 -20.74
N HIS C 874 3.09 -35.96 -20.52
CA HIS C 874 2.29 -36.94 -19.78
C HIS C 874 3.14 -37.35 -18.58
N SER C 875 2.48 -37.90 -17.57
CA SER C 875 3.21 -38.28 -16.36
C SER C 875 2.46 -39.40 -15.67
N GLY C 876 3.23 -40.28 -15.05
CA GLY C 876 2.72 -41.30 -14.16
C GLY C 876 3.48 -41.26 -12.85
N LEU C 877 3.81 -42.42 -12.29
CA LEU C 877 4.66 -42.44 -11.11
C LEU C 877 6.10 -42.82 -11.44
N TRP C 878 6.30 -43.69 -12.42
CA TRP C 878 7.66 -44.11 -12.84
C TRP C 878 7.76 -44.08 -14.36
N ARG C 879 6.89 -43.29 -15.01
CA ARG C 879 6.88 -43.25 -16.47
C ARG C 879 6.26 -41.96 -17.00
N VAL C 880 7.09 -41.03 -17.50
CA VAL C 880 6.58 -39.85 -18.17
C VAL C 880 6.67 -40.04 -19.68
N CYS C 881 5.86 -39.30 -20.43
CA CYS C 881 5.86 -39.37 -21.89
C CYS C 881 5.66 -37.97 -22.46
N PHE C 882 6.44 -37.59 -23.47
CA PHE C 882 6.31 -36.26 -24.03
C PHE C 882 5.16 -36.26 -25.06
N LEU C 883 4.86 -35.10 -25.63
CA LEU C 883 3.67 -34.93 -26.44
C LEU C 883 3.89 -33.77 -27.41
N ALA C 884 2.80 -33.23 -28.00
CA ALA C 884 2.74 -32.45 -29.24
C ALA C 884 3.85 -31.42 -29.47
N GLY C 885 4.15 -30.60 -28.46
CA GLY C 885 5.33 -29.76 -28.52
C GLY C 885 6.58 -30.60 -28.52
N GLU C 886 7.25 -30.67 -29.69
CA GLU C 886 8.25 -31.70 -30.01
C GLU C 886 7.61 -33.08 -29.79
N GLU C 887 6.76 -33.48 -30.75
CA GLU C 887 5.69 -34.48 -30.64
C GLU C 887 6.15 -35.92 -30.34
N ARG C 888 7.44 -36.11 -30.04
CA ARG C 888 8.12 -37.38 -29.79
C ARG C 888 7.36 -38.36 -28.88
N GLY C 889 7.38 -39.65 -29.25
CA GLY C 889 6.75 -40.70 -28.48
C GLY C 889 7.70 -41.30 -27.44
N ARG C 890 8.79 -40.60 -27.16
CA ARG C 890 9.87 -41.11 -26.32
C ARG C 890 9.44 -41.10 -24.86
N CYS C 891 8.82 -42.19 -24.40
CA CYS C 891 8.37 -42.30 -23.02
C CYS C 891 9.54 -42.51 -22.07
N PHE C 892 10.06 -41.41 -21.54
CA PHE C 892 11.23 -41.40 -20.66
C PHE C 892 10.90 -42.05 -19.33
N THR C 893 11.66 -43.08 -18.96
CA THR C 893 11.56 -43.62 -17.62
C THR C 893 12.19 -42.64 -16.62
N ILE C 894 11.73 -42.67 -15.37
CA ILE C 894 12.23 -41.75 -14.36
C ILE C 894 13.49 -42.31 -13.68
N GLU C 895 13.72 -43.63 -13.80
CA GLU C 895 14.90 -44.29 -13.26
C GLU C 895 16.21 -43.72 -13.81
N TYR C 896 16.26 -43.43 -15.11
CA TYR C 896 17.37 -42.74 -15.73
C TYR C 896 16.90 -42.13 -17.05
N VAL C 897 17.06 -40.80 -17.14
CA VAL C 897 16.98 -40.04 -18.39
C VAL C 897 17.56 -38.65 -18.14
N MET C 898 18.11 -38.03 -19.19
CA MET C 898 18.40 -36.60 -19.29
C MET C 898 19.41 -36.09 -18.24
N VAL C 910 13.49 -34.32 -14.39
CA VAL C 910 13.92 -33.20 -13.56
C VAL C 910 13.65 -33.49 -12.09
N ASN C 911 13.74 -32.45 -11.25
CA ASN C 911 13.63 -32.62 -9.81
C ASN C 911 12.20 -32.87 -9.34
N VAL C 912 11.19 -32.32 -10.03
CA VAL C 912 9.80 -32.57 -9.64
C VAL C 912 9.39 -34.01 -9.95
N LEU C 913 10.04 -34.65 -10.92
CA LEU C 913 9.87 -36.08 -11.13
C LEU C 913 10.58 -36.90 -10.07
N LYS C 914 11.54 -36.31 -9.35
CA LYS C 914 12.10 -36.94 -8.17
C LYS C 914 11.32 -36.59 -6.90
N MET C 915 10.54 -35.52 -6.93
CA MET C 915 9.68 -35.20 -5.79
C MET C 915 8.46 -36.11 -5.74
N ILE C 916 7.95 -36.52 -6.91
CA ILE C 916 6.83 -37.45 -6.91
C ILE C 916 7.29 -38.88 -6.67
N ARG C 917 8.61 -39.13 -6.72
CA ARG C 917 9.19 -40.39 -6.30
C ARG C 917 9.02 -40.56 -4.80
N SER C 918 9.09 -39.45 -4.06
CA SER C 918 8.78 -39.46 -2.64
C SER C 918 7.28 -39.69 -2.41
N ALA C 919 6.45 -39.22 -3.34
CA ALA C 919 5.01 -39.39 -3.26
C ALA C 919 4.60 -40.82 -3.62
N THR C 920 5.34 -41.44 -4.54
CA THR C 920 5.14 -42.78 -5.11
C THR C 920 4.81 -43.91 -4.14
N PRO C 921 5.53 -44.12 -2.96
CA PRO C 921 5.22 -45.30 -2.15
C PRO C 921 3.84 -45.34 -1.50
N PHE C 922 3.22 -44.18 -1.27
CA PHE C 922 1.95 -44.16 -0.54
C PHE C 922 0.76 -44.71 -1.32
N PRO C 923 0.62 -44.48 -2.65
CA PRO C 923 -0.37 -45.30 -3.38
C PRO C 923 0.01 -46.78 -3.48
N LEU C 924 1.29 -47.12 -3.38
CA LEU C 924 1.70 -48.52 -3.41
C LEU C 924 1.34 -49.22 -2.10
N VAL C 925 1.52 -48.53 -0.97
CA VAL C 925 1.09 -49.07 0.32
C VAL C 925 -0.42 -49.10 0.40
N SER C 926 -1.09 -48.13 -0.26
CA SER C 926 -2.55 -48.10 -0.31
C SER C 926 -3.10 -49.31 -1.05
N LEU C 927 -2.45 -49.70 -2.15
CA LEU C 927 -2.86 -50.90 -2.87
C LEU C 927 -2.51 -52.15 -2.10
N PHE C 928 -1.44 -52.08 -1.29
CA PHE C 928 -1.01 -53.24 -0.51
C PHE C 928 -1.93 -53.50 0.67
N PHE C 929 -2.38 -52.42 1.33
CA PHE C 929 -3.34 -52.57 2.42
C PHE C 929 -4.72 -52.98 1.90
N MET C 930 -5.03 -52.58 0.67
CA MET C 930 -6.35 -52.85 0.12
C MET C 930 -6.49 -54.31 -0.31
N PHE C 931 -5.40 -54.93 -0.77
CA PHE C 931 -5.45 -56.31 -1.23
C PHE C 931 -5.60 -57.27 -0.07
N ILE C 932 -4.90 -57.01 1.05
CA ILE C 932 -4.97 -57.83 2.24
C ILE C 932 -6.36 -57.68 2.85
N GLY C 933 -6.92 -56.46 2.79
CA GLY C 933 -8.28 -56.26 3.25
C GLY C 933 -9.31 -56.91 2.36
N PHE C 934 -8.98 -57.07 1.08
CA PHE C 934 -9.89 -57.74 0.15
C PHE C 934 -9.94 -59.23 0.37
N ILE C 935 -8.77 -59.86 0.53
CA ILE C 935 -8.71 -61.32 0.62
C ILE C 935 -9.22 -61.81 1.97
N LEU C 936 -9.09 -60.98 3.00
CA LEU C 936 -9.71 -61.30 4.29
C LEU C 936 -11.22 -61.05 4.26
N SER C 937 -11.67 -60.12 3.41
CA SER C 937 -13.10 -59.95 3.19
C SER C 937 -13.67 -61.12 2.40
N ASN C 938 -12.85 -61.76 1.55
CA ASN C 938 -13.35 -62.86 0.74
C ASN C 938 -13.45 -64.14 1.55
N ILE C 939 -12.41 -64.48 2.32
CA ILE C 939 -12.45 -65.70 3.12
C ILE C 939 -13.30 -65.53 4.37
N GLY C 940 -13.65 -64.30 4.73
CA GLY C 940 -14.71 -64.10 5.70
C GLY C 940 -16.08 -64.46 5.14
N HIS C 941 -16.22 -64.38 3.82
CA HIS C 941 -17.46 -64.78 3.17
C HIS C 941 -17.42 -66.25 2.76
N ILE C 942 -16.22 -66.75 2.43
CA ILE C 942 -16.04 -68.18 2.19
C ILE C 942 -16.18 -68.95 3.50
N ARG C 943 -15.50 -68.50 4.54
CA ARG C 943 -15.55 -69.14 5.85
C ARG C 943 -16.08 -68.17 6.90
N PRO C 944 -17.41 -68.11 7.10
CA PRO C 944 -17.97 -67.22 8.13
C PRO C 944 -17.95 -67.80 9.54
N HIS C 945 -17.14 -68.84 9.76
CA HIS C 945 -17.03 -69.57 11.02
C HIS C 945 -16.72 -68.67 12.20
N ARG C 946 -15.63 -67.93 12.15
CA ARG C 946 -15.32 -66.96 13.19
C ARG C 946 -15.82 -65.58 12.73
N THR C 947 -15.59 -64.54 13.55
CA THR C 947 -16.11 -63.22 13.28
C THR C 947 -14.98 -62.21 13.07
N ILE C 948 -13.85 -62.38 13.79
CA ILE C 948 -12.82 -61.36 13.97
C ILE C 948 -12.15 -60.94 12.67
N LEU C 949 -12.17 -61.80 11.65
CA LEU C 949 -11.47 -61.50 10.41
C LEU C 949 -12.22 -60.47 9.57
N ALA C 950 -13.49 -60.21 9.89
CA ALA C 950 -14.22 -59.14 9.22
C ALA C 950 -13.78 -57.77 9.71
N PHE C 951 -13.48 -57.65 11.01
CA PHE C 951 -13.01 -56.36 11.53
C PHE C 951 -11.59 -56.06 11.08
N VAL C 952 -10.76 -57.09 10.92
CA VAL C 952 -9.40 -56.91 10.43
C VAL C 952 -9.42 -56.45 8.98
N SER C 953 -10.44 -56.87 8.22
CA SER C 953 -10.69 -56.31 6.90
C SER C 953 -11.02 -54.83 6.98
N GLY C 954 -11.91 -54.46 7.92
CA GLY C 954 -12.34 -53.09 8.11
C GLY C 954 -11.23 -52.13 8.48
N ILE C 955 -10.23 -52.62 9.21
CA ILE C 955 -9.05 -51.80 9.52
C ILE C 955 -8.28 -51.48 8.25
N PHE C 956 -8.17 -52.46 7.34
CA PHE C 956 -7.23 -52.35 6.24
C PHE C 956 -7.76 -51.45 5.12
N PHE C 957 -9.08 -51.40 4.94
CA PHE C 957 -9.64 -50.47 3.96
C PHE C 957 -9.53 -49.04 4.42
N ILE C 958 -9.62 -48.80 5.73
CA ILE C 958 -9.55 -47.44 6.25
C ILE C 958 -8.11 -46.94 6.22
N LEU C 959 -7.15 -47.81 6.57
CA LEU C 959 -5.75 -47.42 6.52
C LEU C 959 -5.27 -47.24 5.09
N SER C 960 -5.89 -47.94 4.14
CA SER C 960 -5.54 -47.75 2.73
C SER C 960 -6.05 -46.40 2.23
N GLY C 961 -7.22 -46.00 2.68
CA GLY C 961 -7.75 -44.70 2.30
C GLY C 961 -6.99 -43.55 2.92
N LEU C 962 -6.58 -43.72 4.18
CA LEU C 962 -5.79 -42.68 4.84
C LEU C 962 -4.38 -42.59 4.28
N SER C 963 -3.88 -43.69 3.72
CA SER C 963 -2.58 -43.64 3.04
C SER C 963 -2.70 -42.95 1.69
N LEU C 964 -3.89 -43.00 1.08
CA LEU C 964 -4.14 -42.23 -0.13
C LEU C 964 -4.19 -40.73 0.14
N VAL C 965 -4.66 -40.32 1.32
CA VAL C 965 -4.71 -38.90 1.66
C VAL C 965 -3.30 -38.36 1.83
N VAL C 966 -2.44 -39.12 2.50
CA VAL C 966 -1.03 -38.76 2.64
C VAL C 966 -0.34 -38.76 1.28
N GLY C 967 -0.73 -39.68 0.40
CA GLY C 967 -0.18 -39.74 -0.94
C GLY C 967 -0.59 -38.59 -1.85
N LEU C 968 -1.88 -38.26 -1.86
CA LEU C 968 -2.36 -37.23 -2.78
C LEU C 968 -1.98 -35.83 -2.31
N VAL C 969 -1.90 -35.62 -0.99
CA VAL C 969 -1.47 -34.31 -0.49
C VAL C 969 0.02 -34.11 -0.75
N LEU C 970 0.81 -35.19 -0.64
CA LEU C 970 2.23 -35.12 -1.02
C LEU C 970 2.39 -34.89 -2.51
N TYR C 971 1.55 -35.52 -3.32
CA TYR C 971 1.67 -35.42 -4.78
C TYR C 971 1.35 -34.01 -5.26
N ILE C 972 0.32 -33.40 -4.69
CA ILE C 972 -0.08 -32.07 -5.12
C ILE C 972 0.89 -31.01 -4.58
N SER C 973 1.35 -31.18 -3.34
CA SER C 973 2.26 -30.20 -2.74
C SER C 973 3.63 -30.24 -3.41
N SER C 974 3.99 -31.37 -4.01
CA SER C 974 5.24 -31.45 -4.77
C SER C 974 5.14 -30.64 -6.06
N ILE C 975 3.94 -30.58 -6.64
CA ILE C 975 3.75 -29.84 -7.89
C ILE C 975 3.74 -28.35 -7.63
N ASN C 976 3.05 -27.92 -6.57
CA ASN C 976 2.87 -26.48 -6.33
C ASN C 976 4.15 -25.83 -5.83
N ASP C 977 5.07 -26.61 -5.24
CA ASP C 977 6.35 -26.05 -4.85
C ASP C 977 7.22 -25.74 -6.06
N GLU C 978 7.14 -26.58 -7.10
CA GLU C 978 7.97 -26.37 -8.28
C GLU C 978 7.29 -25.43 -9.28
N MET C 979 5.98 -25.25 -9.14
CA MET C 979 5.31 -24.16 -9.86
C MET C 979 5.74 -22.80 -9.34
N LEU C 980 6.12 -22.71 -8.07
CA LEU C 980 6.59 -21.45 -7.50
C LEU C 980 8.03 -21.18 -7.90
N ASN C 981 8.86 -22.23 -7.96
CA ASN C 981 10.26 -22.12 -8.35
C ASN C 981 10.34 -22.17 -9.87
N ARG C 982 10.04 -21.06 -10.53
CA ARG C 982 9.95 -21.07 -11.98
C ARG C 982 10.65 -19.86 -12.60
N THR C 983 11.04 -18.90 -11.74
CA THR C 983 11.50 -17.56 -12.14
C THR C 983 10.48 -16.92 -13.07
N LYS C 984 9.34 -16.56 -12.48
CA LYS C 984 8.12 -16.06 -13.12
C LYS C 984 8.37 -14.92 -14.10
N ASP C 985 7.89 -15.09 -15.33
CA ASP C 985 8.09 -14.13 -16.41
C ASP C 985 6.73 -13.79 -17.01
N ALA C 986 6.67 -12.66 -17.72
CA ALA C 986 5.45 -12.22 -18.38
C ALA C 986 5.31 -12.77 -19.79
N GLU C 987 6.25 -13.59 -20.25
CA GLU C 987 6.19 -14.21 -21.56
C GLU C 987 6.16 -15.73 -21.48
N THR C 988 6.02 -16.30 -20.29
CA THR C 988 5.87 -17.73 -20.12
C THR C 988 4.52 -18.07 -19.49
N TYR C 989 4.05 -19.29 -19.73
CA TYR C 989 2.80 -19.74 -19.13
C TYR C 989 2.82 -21.23 -18.86
N PHE C 990 2.28 -21.65 -17.73
CA PHE C 990 2.16 -23.06 -17.39
C PHE C 990 0.72 -23.40 -17.04
N ASN C 991 0.28 -24.56 -17.56
CA ASN C 991 -1.13 -24.97 -17.51
C ASN C 991 -1.21 -26.42 -17.04
N TYR C 992 -0.60 -26.70 -15.89
CA TYR C 992 -0.61 -28.03 -15.31
C TYR C 992 -2.04 -28.49 -15.00
N LYS C 993 -2.29 -29.77 -15.24
CA LYS C 993 -3.62 -30.35 -15.18
C LYS C 993 -3.48 -31.80 -14.75
N TYR C 994 -4.52 -32.33 -14.10
CA TYR C 994 -4.56 -33.73 -13.71
C TYR C 994 -5.40 -34.49 -14.73
N GLY C 995 -5.32 -35.82 -14.67
CA GLY C 995 -6.01 -36.64 -15.65
C GLY C 995 -6.89 -37.70 -15.03
N TRP C 996 -7.29 -38.69 -15.84
CA TRP C 996 -8.14 -39.75 -15.33
C TRP C 996 -7.38 -40.74 -14.46
N SER C 997 -6.06 -40.76 -14.53
CA SER C 997 -5.27 -41.58 -13.61
C SER C 997 -5.25 -40.96 -12.21
N PHE C 998 -5.24 -39.63 -12.14
CA PHE C 998 -5.39 -38.96 -10.84
C PHE C 998 -6.81 -39.10 -10.33
N ALA C 999 -7.79 -39.12 -11.24
CA ALA C 999 -9.20 -39.12 -10.84
C ALA C 999 -9.62 -40.46 -10.27
N PHE C 1000 -9.06 -41.55 -10.79
CA PHE C 1000 -9.46 -42.87 -10.30
C PHE C 1000 -8.87 -43.17 -8.92
N ALA C 1001 -7.76 -42.50 -8.57
CA ALA C 1001 -7.24 -42.60 -7.21
C ALA C 1001 -8.14 -41.86 -6.23
N ALA C 1002 -8.79 -40.79 -6.68
CA ALA C 1002 -9.79 -40.11 -5.86
C ALA C 1002 -11.03 -40.98 -5.68
N ILE C 1003 -11.40 -41.70 -6.73
CA ILE C 1003 -12.52 -42.65 -6.63
C ILE C 1003 -12.13 -43.84 -5.78
N SER C 1004 -10.84 -44.22 -5.79
CA SER C 1004 -10.34 -45.32 -4.97
C SER C 1004 -10.44 -45.00 -3.48
N PHE C 1005 -10.35 -43.71 -3.13
CA PHE C 1005 -10.55 -43.29 -1.75
C PHE C 1005 -11.99 -43.50 -1.29
N LEU C 1006 -12.96 -43.03 -2.09
CA LEU C 1006 -14.36 -43.04 -1.66
C LEU C 1006 -14.91 -44.46 -1.55
N LEU C 1007 -14.45 -45.36 -2.41
CA LEU C 1007 -15.00 -46.72 -2.41
C LEU C 1007 -14.45 -47.54 -1.25
N THR C 1008 -13.17 -47.36 -0.92
CA THR C 1008 -12.59 -48.16 0.16
C THR C 1008 -13.01 -47.63 1.53
N GLU C 1009 -13.20 -46.31 1.63
CA GLU C 1009 -13.77 -45.78 2.86
C GLU C 1009 -15.25 -46.15 2.98
N SER C 1010 -15.94 -46.34 1.85
CA SER C 1010 -17.30 -46.88 1.91
C SER C 1010 -17.28 -48.36 2.24
N ALA C 1011 -16.35 -49.12 1.63
CA ALA C 1011 -16.20 -50.53 1.96
C ALA C 1011 -15.63 -50.72 3.37
N GLY C 1012 -14.97 -49.70 3.91
CA GLY C 1012 -14.61 -49.72 5.32
C GLY C 1012 -15.81 -49.58 6.23
N VAL C 1013 -16.80 -48.79 5.80
CA VAL C 1013 -18.05 -48.68 6.55
C VAL C 1013 -18.85 -49.97 6.42
N MET C 1014 -18.83 -50.57 5.22
CA MET C 1014 -19.55 -51.82 4.97
C MET C 1014 -18.96 -52.97 5.76
N SER C 1015 -17.63 -53.00 5.92
CA SER C 1015 -16.96 -54.11 6.59
C SER C 1015 -17.22 -54.10 8.10
N VAL C 1016 -17.24 -52.92 8.72
CA VAL C 1016 -17.49 -52.84 10.16
C VAL C 1016 -18.99 -53.02 10.43
N TYR C 1017 -19.84 -52.73 9.43
CA TYR C 1017 -21.28 -52.97 9.57
C TYR C 1017 -21.63 -54.43 9.80
N LEU C 1018 -21.19 -55.33 8.90
CA LEU C 1018 -21.60 -56.72 9.06
C LEU C 1018 -20.81 -57.44 10.14
N PHE C 1019 -19.66 -56.89 10.54
CA PHE C 1019 -18.96 -57.41 11.72
C PHE C 1019 -19.78 -57.18 12.98
N MET C 1020 -20.51 -56.07 13.05
CA MET C 1020 -21.43 -55.86 14.15
C MET C 1020 -22.68 -56.74 14.01
N LYS C 1021 -22.98 -57.17 12.79
CA LYS C 1021 -24.10 -58.10 12.59
C LYS C 1021 -23.75 -59.50 13.05
N ARG C 1022 -22.46 -59.86 12.98
CA ARG C 1022 -22.02 -61.17 13.46
C ARG C 1022 -22.02 -61.23 14.99
N TYR C 1023 -21.80 -60.10 15.65
CA TYR C 1023 -21.95 -60.03 17.09
C TYR C 1023 -23.43 -60.05 17.48
N THR C 1024 -24.25 -59.32 16.73
CA THR C 1024 -25.69 -59.22 16.99
C THR C 1024 -26.40 -60.57 16.85
N ALA C 1025 -26.27 -61.19 15.67
CA ALA C 1025 -26.91 -62.47 15.42
C ALA C 1025 -26.19 -63.61 16.14
N GLN D 383 45.00 19.05 -37.34
CA GLN D 383 45.98 19.45 -36.34
C GLN D 383 46.94 18.28 -36.00
N LYS D 384 46.38 17.19 -35.47
CA LYS D 384 46.88 15.81 -35.37
C LYS D 384 45.72 14.99 -34.84
N THR D 385 45.64 13.71 -35.20
CA THR D 385 44.57 12.86 -34.72
C THR D 385 45.03 12.09 -33.49
N VAL D 386 44.13 11.95 -32.52
CA VAL D 386 44.44 11.23 -31.29
C VAL D 386 43.85 9.83 -31.39
N VAL D 387 44.70 8.82 -31.23
CA VAL D 387 44.26 7.43 -31.27
C VAL D 387 43.92 7.02 -29.85
N VAL D 388 42.63 6.94 -29.53
CA VAL D 388 42.20 6.52 -28.22
C VAL D 388 42.10 4.99 -28.26
N THR D 389 42.15 4.35 -27.11
CA THR D 389 41.98 2.91 -27.08
C THR D 389 41.01 2.50 -25.99
N THR D 390 40.03 1.67 -26.35
CA THR D 390 39.11 1.12 -25.38
C THR D 390 39.00 -0.38 -25.67
N ILE D 391 38.14 -1.07 -24.92
CA ILE D 391 37.95 -2.50 -25.01
C ILE D 391 36.45 -2.73 -25.18
N LEU D 392 36.11 -3.87 -25.77
CA LEU D 392 34.71 -4.25 -25.99
C LEU D 392 34.15 -4.80 -24.68
N GLU D 393 33.42 -3.96 -23.96
CA GLU D 393 32.79 -4.35 -22.71
C GLU D 393 31.61 -3.43 -22.45
N SER D 394 30.45 -4.02 -22.19
CA SER D 394 29.23 -3.28 -21.88
C SER D 394 29.28 -2.78 -20.44
N PRO D 395 28.80 -1.57 -20.14
CA PRO D 395 28.24 -0.54 -21.03
C PRO D 395 29.28 0.43 -21.55
N TYR D 396 30.56 0.07 -21.49
CA TYR D 396 31.63 1.04 -21.73
C TYR D 396 31.80 1.32 -23.22
N VAL D 397 32.08 0.29 -24.01
CA VAL D 397 32.05 0.38 -25.46
C VAL D 397 31.26 -0.82 -25.98
N MET D 398 30.17 -0.55 -26.67
CA MET D 398 29.36 -1.56 -27.32
C MET D 398 29.29 -1.24 -28.81
N MET D 399 29.23 -2.28 -29.62
CA MET D 399 28.99 -2.10 -31.05
C MET D 399 27.53 -1.75 -31.26
N LYS D 400 27.30 -0.65 -31.98
CA LYS D 400 25.96 -0.17 -32.25
C LYS D 400 25.29 -1.12 -33.25
N LYS D 401 23.96 -1.15 -33.23
CA LYS D 401 23.13 -2.07 -34.02
C LYS D 401 23.40 -1.96 -35.52
N ASN D 402 23.71 -0.77 -36.01
CA ASN D 402 23.94 -0.55 -37.43
C ASN D 402 25.42 -0.27 -37.72
N HIS D 403 26.32 -1.00 -37.07
CA HIS D 403 27.74 -0.71 -37.20
C HIS D 403 28.32 -1.14 -38.55
N GLU D 404 27.64 -2.01 -39.28
CA GLU D 404 28.14 -2.42 -40.59
C GLU D 404 27.90 -1.37 -41.66
N MET D 405 26.97 -0.45 -41.44
CA MET D 405 26.72 0.65 -42.37
C MET D 405 27.23 1.98 -41.86
N LEU D 406 27.36 2.15 -40.55
CA LEU D 406 28.02 3.31 -39.98
C LEU D 406 29.53 3.12 -40.01
N GLU D 407 30.26 4.23 -40.02
CA GLU D 407 31.72 4.16 -40.11
C GLU D 407 32.32 5.40 -39.46
N GLY D 408 33.41 5.19 -38.72
CA GLY D 408 34.10 6.27 -38.04
C GLY D 408 34.07 6.10 -36.54
N ASN D 409 33.72 7.17 -35.82
CA ASN D 409 33.47 7.09 -34.39
C ASN D 409 32.00 6.84 -34.09
N GLU D 410 31.20 6.53 -35.11
CA GLU D 410 29.78 6.27 -34.95
C GLU D 410 29.46 4.79 -34.97
N ARG D 411 30.46 3.92 -35.14
CA ARG D 411 30.25 2.48 -35.06
C ARG D 411 29.99 2.04 -33.62
N TYR D 412 30.51 2.77 -32.65
CA TYR D 412 30.52 2.35 -31.26
C TYR D 412 29.65 3.29 -30.42
N GLU D 413 29.03 2.73 -29.39
CA GLU D 413 28.31 3.50 -28.38
C GLU D 413 28.68 2.97 -27.00
N GLY D 414 28.36 3.76 -25.98
CA GLY D 414 28.55 3.29 -24.63
C GLY D 414 28.99 4.41 -23.71
N TYR D 415 29.41 4.00 -22.51
CA TYR D 415 29.86 4.94 -21.49
C TYR D 415 31.16 5.63 -21.91
N CYS D 416 32.14 4.84 -22.37
CA CYS D 416 33.43 5.41 -22.72
C CYS D 416 33.41 6.11 -24.07
N VAL D 417 32.41 5.82 -24.90
CA VAL D 417 32.21 6.58 -26.12
C VAL D 417 31.69 7.97 -25.80
N ASP D 418 30.72 8.06 -24.87
CA ASP D 418 30.24 9.35 -24.43
C ASP D 418 31.27 10.08 -23.57
N LEU D 419 32.14 9.32 -22.88
CA LEU D 419 33.19 9.95 -22.09
C LEU D 419 34.28 10.53 -22.97
N ALA D 420 34.64 9.83 -24.05
CA ALA D 420 35.65 10.33 -24.98
C ALA D 420 35.18 11.58 -25.70
N ALA D 421 33.86 11.71 -25.91
CA ALA D 421 33.31 12.91 -26.50
C ALA D 421 33.40 14.10 -25.53
N GLU D 422 33.26 13.82 -24.24
CA GLU D 422 33.32 14.88 -23.24
C GLU D 422 34.77 15.30 -22.97
N ILE D 423 35.71 14.36 -23.04
CA ILE D 423 37.12 14.71 -22.87
C ILE D 423 37.59 15.56 -24.05
N ALA D 424 37.09 15.27 -25.26
CA ALA D 424 37.53 15.96 -26.45
C ALA D 424 37.03 17.41 -26.49
N LYS D 425 35.82 17.65 -25.99
CA LYS D 425 35.28 19.00 -26.05
C LYS D 425 35.87 19.90 -24.97
N HIS D 426 36.47 19.31 -23.93
CA HIS D 426 37.17 20.11 -22.92
C HIS D 426 38.64 20.28 -23.23
N CYS D 427 39.31 19.24 -23.73
CA CYS D 427 40.73 19.31 -24.00
C CYS D 427 41.04 19.78 -25.42
N GLY D 428 40.03 19.85 -26.29
CA GLY D 428 40.20 20.37 -27.63
C GLY D 428 41.05 19.51 -28.55
N PHE D 429 40.56 18.33 -28.90
CA PHE D 429 41.26 17.49 -29.86
C PHE D 429 40.24 16.69 -30.65
N LYS D 430 40.69 16.13 -31.77
CA LYS D 430 39.90 15.23 -32.59
C LYS D 430 40.43 13.82 -32.40
N TYR D 431 39.52 12.87 -32.20
CA TYR D 431 39.91 11.54 -31.75
C TYR D 431 39.41 10.47 -32.70
N LYS D 432 40.10 9.34 -32.70
CA LYS D 432 39.75 8.16 -33.49
C LYS D 432 39.58 6.99 -32.53
N LEU D 433 38.36 6.47 -32.43
CA LEU D 433 38.07 5.32 -31.58
C LEU D 433 38.73 4.07 -32.15
N THR D 434 39.42 3.31 -31.30
CA THR D 434 40.18 2.14 -31.74
C THR D 434 40.16 1.05 -30.69
N ILE D 435 39.49 -0.06 -30.96
CA ILE D 435 39.45 -1.20 -30.04
C ILE D 435 40.83 -1.85 -30.05
N VAL D 436 41.29 -2.30 -28.88
CA VAL D 436 42.60 -2.94 -28.74
C VAL D 436 42.55 -4.30 -29.43
N GLY D 437 43.60 -4.57 -30.20
CA GLY D 437 43.70 -5.81 -30.97
C GLY D 437 43.89 -7.03 -30.09
N ASP D 438 44.75 -6.90 -29.08
CA ASP D 438 45.02 -7.95 -28.11
C ASP D 438 43.77 -8.31 -27.32
N GLY D 439 42.94 -7.31 -27.02
CA GLY D 439 41.68 -7.57 -26.36
C GLY D 439 41.74 -7.68 -24.86
N LYS D 440 42.88 -7.34 -24.26
CA LYS D 440 43.05 -7.38 -22.82
C LYS D 440 43.21 -5.96 -22.28
N TYR D 441 43.27 -5.85 -20.95
CA TYR D 441 43.41 -4.56 -20.28
C TYR D 441 44.87 -4.14 -20.12
N GLY D 442 45.74 -5.08 -19.78
CA GLY D 442 47.15 -4.79 -19.70
C GLY D 442 47.86 -5.42 -18.52
N ALA D 443 48.91 -6.18 -18.81
CA ALA D 443 49.72 -6.84 -17.80
C ALA D 443 51.11 -7.05 -18.35
N ARG D 444 52.09 -7.16 -17.45
CA ARG D 444 53.48 -7.37 -17.83
C ARG D 444 53.81 -8.85 -17.67
N ASP D 445 54.34 -9.44 -18.73
CA ASP D 445 54.77 -10.84 -18.70
C ASP D 445 55.99 -10.98 -17.79
N ALA D 446 56.00 -12.06 -16.99
CA ALA D 446 57.09 -12.25 -16.04
C ALA D 446 58.39 -12.69 -16.70
N ASP D 447 58.38 -13.03 -17.98
CA ASP D 447 59.58 -13.50 -18.67
C ASP D 447 60.03 -12.47 -19.71
N THR D 448 59.16 -12.06 -20.62
CA THR D 448 59.58 -11.19 -21.71
C THR D 448 59.54 -9.71 -21.30
N LYS D 449 58.86 -9.40 -20.19
CA LYS D 449 58.66 -8.04 -19.67
C LYS D 449 57.98 -7.12 -20.66
N ILE D 450 57.09 -7.66 -21.49
CA ILE D 450 56.37 -6.90 -22.49
C ILE D 450 54.92 -6.77 -22.05
N TRP D 451 54.37 -5.57 -22.20
CA TRP D 451 53.04 -5.22 -21.71
C TRP D 451 52.00 -5.60 -22.74
N ASN D 452 50.98 -6.35 -22.31
CA ASN D 452 49.83 -6.67 -23.12
C ASN D 452 48.81 -5.54 -23.09
N GLY D 453 47.75 -5.72 -23.87
CA GLY D 453 46.53 -4.96 -23.70
C GLY D 453 46.64 -3.49 -24.05
N MET D 454 45.74 -2.72 -23.42
CA MET D 454 45.70 -1.28 -23.64
C MET D 454 46.87 -0.57 -22.99
N VAL D 455 47.45 -1.14 -21.94
CA VAL D 455 48.65 -0.57 -21.34
C VAL D 455 49.82 -0.68 -22.30
N GLY D 456 49.86 -1.78 -23.06
CA GLY D 456 50.96 -1.98 -24.00
C GLY D 456 50.92 -1.03 -25.19
N GLU D 457 49.72 -0.59 -25.58
CA GLU D 457 49.63 0.32 -26.71
C GLU D 457 50.03 1.74 -26.31
N LEU D 458 50.03 2.04 -25.01
CA LEU D 458 50.44 3.35 -24.54
C LEU D 458 51.93 3.39 -24.25
N VAL D 459 52.50 2.30 -23.75
CA VAL D 459 53.92 2.25 -23.43
C VAL D 459 54.79 2.29 -24.69
N TYR D 460 54.43 1.52 -25.72
CA TYR D 460 55.29 1.34 -26.89
C TYR D 460 54.97 2.37 -27.98
N GLY D 461 53.75 2.88 -28.04
CA GLY D 461 53.50 4.03 -28.90
C GLY D 461 52.28 3.96 -29.79
N LYS D 462 51.52 2.86 -29.71
CA LYS D 462 50.42 2.65 -30.64
C LYS D 462 49.19 3.48 -30.32
N ALA D 463 49.17 4.15 -29.17
CA ALA D 463 48.03 4.96 -28.78
C ALA D 463 48.49 6.21 -28.03
N ASP D 464 47.59 7.19 -27.96
CA ASP D 464 47.86 8.45 -27.29
C ASP D 464 47.11 8.59 -25.97
N ILE D 465 46.03 7.83 -25.77
CA ILE D 465 45.24 7.87 -24.56
C ILE D 465 44.42 6.58 -24.53
N ALA D 466 44.03 6.15 -23.32
CA ALA D 466 43.18 4.97 -23.14
C ALA D 466 41.99 5.38 -22.29
N ILE D 467 40.93 5.87 -22.93
CA ILE D 467 39.72 6.27 -22.22
C ILE D 467 38.88 5.01 -22.04
N ALA D 468 39.08 4.31 -20.94
CA ALA D 468 38.65 2.93 -20.78
C ALA D 468 38.54 2.62 -19.30
N PRO D 469 37.79 1.55 -18.94
CA PRO D 469 37.80 1.13 -17.53
C PRO D 469 39.07 0.40 -17.11
N LEU D 470 40.19 1.12 -17.05
CA LEU D 470 41.44 0.58 -16.53
C LEU D 470 41.52 0.82 -15.03
N THR D 471 41.73 -0.25 -14.27
CA THR D 471 41.91 -0.14 -12.83
C THR D 471 43.26 0.50 -12.53
N ILE D 472 43.24 1.57 -11.73
CA ILE D 472 44.46 2.26 -11.33
C ILE D 472 45.21 1.39 -10.34
N THR D 473 46.31 0.78 -10.78
CA THR D 473 47.07 -0.13 -9.94
C THR D 473 48.50 0.38 -9.78
N LEU D 474 49.24 -0.31 -8.90
CA LEU D 474 50.60 0.08 -8.58
C LEU D 474 51.55 -0.22 -9.73
N VAL D 475 51.41 -1.39 -10.36
CA VAL D 475 52.33 -1.80 -11.42
C VAL D 475 52.10 -1.03 -12.72
N ARG D 476 50.93 -0.45 -12.91
CA ARG D 476 50.65 0.32 -14.12
C ARG D 476 51.04 1.77 -13.99
N GLU D 477 50.90 2.37 -12.80
CA GLU D 477 51.28 3.76 -12.56
C GLU D 477 52.77 4.01 -12.73
N GLU D 478 53.60 2.97 -12.61
CA GLU D 478 55.03 3.09 -12.84
C GLU D 478 55.40 3.29 -14.30
N VAL D 479 54.52 2.96 -15.25
CA VAL D 479 54.83 3.01 -16.67
C VAL D 479 53.91 3.94 -17.44
N ILE D 480 52.69 4.17 -16.95
CA ILE D 480 51.76 5.08 -17.62
C ILE D 480 51.18 6.04 -16.58
N ASP D 481 50.53 7.09 -17.05
CA ASP D 481 49.96 8.12 -16.18
C ASP D 481 48.44 8.01 -16.17
N PHE D 482 47.86 7.80 -15.00
CA PHE D 482 46.43 7.79 -14.80
C PHE D 482 45.93 9.16 -14.40
N SER D 483 44.66 9.42 -14.67
CA SER D 483 43.99 10.58 -14.13
C SER D 483 43.35 10.23 -12.79
N LYS D 484 42.53 11.15 -12.28
CA LYS D 484 41.71 10.84 -11.13
C LYS D 484 40.62 9.85 -11.53
N PRO D 485 40.12 9.04 -10.60
CA PRO D 485 39.09 8.06 -10.94
C PRO D 485 37.78 8.71 -11.37
N PHE D 486 37.38 8.43 -12.61
CA PHE D 486 36.06 8.85 -13.07
C PHE D 486 34.97 7.92 -12.57
N MET D 487 35.35 6.73 -12.09
CA MET D 487 34.40 5.78 -11.53
C MET D 487 35.06 5.05 -10.37
N SER D 488 34.36 5.01 -9.25
CA SER D 488 34.81 4.30 -8.06
C SER D 488 34.03 3.00 -7.93
N LEU D 489 34.72 1.93 -7.57
CA LEU D 489 34.10 0.61 -7.53
C LEU D 489 34.83 -0.26 -6.53
N GLY D 490 34.33 -1.47 -6.36
CA GLY D 490 34.99 -2.46 -5.53
C GLY D 490 34.40 -3.82 -5.79
N ILE D 491 34.77 -4.77 -4.95
CA ILE D 491 34.28 -6.14 -5.05
C ILE D 491 32.95 -6.23 -4.31
N SER D 492 31.94 -6.78 -4.98
CA SER D 492 30.59 -6.85 -4.43
C SER D 492 30.08 -8.28 -4.50
N ILE D 493 28.87 -8.49 -3.98
CA ILE D 493 28.25 -9.80 -3.87
C ILE D 493 27.04 -9.86 -4.79
N MET D 494 26.97 -10.90 -5.60
CA MET D 494 25.83 -11.15 -6.49
C MET D 494 25.13 -12.40 -6.04
N ILE D 495 23.94 -12.24 -5.45
CA ILE D 495 23.09 -13.37 -5.11
C ILE D 495 21.88 -13.35 -6.03
N LYS D 496 21.15 -14.46 -6.04
CA LYS D 496 19.90 -14.53 -6.78
C LYS D 496 18.84 -13.72 -6.05
N LYS D 497 18.00 -13.01 -6.81
CA LYS D 497 16.97 -12.16 -6.24
C LYS D 497 15.96 -12.99 -5.48
N PRO D 498 15.70 -12.68 -4.18
CA PRO D 498 14.89 -13.57 -3.36
C PRO D 498 13.43 -13.64 -3.76
N GLN D 499 12.87 -14.84 -3.69
CA GLN D 499 11.50 -15.14 -4.01
C GLN D 499 10.79 -15.52 -2.73
N LYS D 500 9.54 -16.00 -2.85
CA LYS D 500 8.61 -16.07 -1.72
C LYS D 500 9.11 -16.94 -0.57
N SER D 501 9.04 -18.27 -0.74
CA SER D 501 9.76 -19.34 -0.04
C SER D 501 9.21 -20.67 -0.51
N LYS D 502 9.86 -21.77 -0.18
CA LYS D 502 9.01 -22.96 -0.20
C LYS D 502 8.47 -23.21 1.20
N PRO D 503 7.17 -23.49 1.33
CA PRO D 503 6.59 -23.72 2.68
C PRO D 503 6.98 -25.07 3.23
N GLY D 504 7.29 -25.10 4.52
CA GLY D 504 7.57 -26.35 5.21
C GLY D 504 6.33 -27.07 5.67
N VAL D 505 6.47 -27.90 6.70
CA VAL D 505 5.33 -28.60 7.30
C VAL D 505 4.67 -27.78 8.39
N PHE D 506 5.45 -27.16 9.28
CA PHE D 506 4.88 -26.36 10.36
C PHE D 506 4.89 -24.89 9.99
N SER D 507 4.65 -24.61 8.69
CA SER D 507 4.59 -23.22 8.23
C SER D 507 3.28 -22.56 8.64
N PHE D 508 2.28 -23.35 8.99
CA PHE D 508 0.98 -22.82 9.40
C PHE D 508 1.03 -22.25 10.80
N LEU D 509 2.07 -22.58 11.56
CA LEU D 509 2.25 -22.06 12.91
C LEU D 509 2.86 -20.67 12.94
N ASP D 510 3.51 -20.25 11.86
CA ASP D 510 4.29 -19.01 11.74
C ASP D 510 3.60 -17.66 11.97
N PRO D 511 2.25 -17.49 11.86
CA PRO D 511 1.68 -16.23 12.37
C PRO D 511 1.89 -15.96 13.85
N LEU D 512 2.13 -16.98 14.66
CA LEU D 512 2.47 -16.79 16.06
C LEU D 512 3.87 -17.33 16.28
N ALA D 513 4.61 -16.69 17.18
CA ALA D 513 5.97 -17.16 17.45
C ALA D 513 5.92 -18.44 18.29
N TYR D 514 7.06 -19.15 18.30
CA TYR D 514 7.14 -20.41 19.03
C TYR D 514 7.06 -20.21 20.53
N GLU D 515 7.40 -19.02 21.02
CA GLU D 515 7.21 -18.69 22.43
C GLU D 515 5.72 -18.66 22.79
N ILE D 516 4.88 -18.23 21.84
CA ILE D 516 3.44 -18.18 22.10
C ILE D 516 2.85 -19.59 22.11
N TRP D 517 3.21 -20.40 21.10
CA TRP D 517 2.63 -21.74 20.97
C TRP D 517 2.98 -22.65 22.14
N MET D 518 4.17 -22.49 22.71
CA MET D 518 4.54 -23.29 23.87
C MET D 518 3.83 -22.83 25.12
N CYS D 519 3.59 -21.51 25.24
CA CYS D 519 2.89 -21.00 26.42
C CYS D 519 1.40 -21.34 26.37
N ILE D 520 0.85 -21.55 25.17
CA ILE D 520 -0.55 -22.00 25.08
C ILE D 520 -0.66 -23.44 25.55
N VAL D 521 0.28 -24.30 25.13
CA VAL D 521 0.31 -25.69 25.57
C VAL D 521 0.54 -25.77 27.08
N PHE D 522 1.39 -24.89 27.61
CA PHE D 522 1.59 -24.80 29.05
C PHE D 522 0.33 -24.32 29.75
N ALA D 523 -0.41 -23.41 29.13
CA ALA D 523 -1.62 -22.90 29.75
C ALA D 523 -2.77 -23.89 29.63
N TYR D 524 -2.81 -24.66 28.54
CA TYR D 524 -3.84 -25.68 28.37
C TYR D 524 -3.68 -26.79 29.39
N ILE D 525 -2.44 -27.20 29.66
CA ILE D 525 -2.18 -28.08 30.80
C ILE D 525 -2.46 -27.34 32.09
N GLY D 526 -2.20 -26.03 32.10
CA GLY D 526 -2.41 -25.23 33.30
C GLY D 526 -3.88 -25.10 33.68
N VAL D 527 -4.75 -24.80 32.72
CA VAL D 527 -6.16 -24.62 33.03
C VAL D 527 -6.85 -25.97 33.22
N SER D 528 -6.22 -27.06 32.79
CA SER D 528 -6.82 -28.38 32.97
C SER D 528 -6.46 -28.95 34.35
N VAL D 529 -5.24 -28.72 34.82
CA VAL D 529 -4.85 -29.16 36.15
C VAL D 529 -5.63 -28.37 37.21
N VAL D 530 -5.84 -27.08 36.97
CA VAL D 530 -6.58 -26.25 37.92
C VAL D 530 -8.06 -26.66 37.96
N LEU D 531 -8.66 -26.94 36.81
CA LEU D 531 -10.06 -27.35 36.75
C LEU D 531 -10.26 -28.73 37.38
N PHE D 532 -9.21 -29.56 37.36
CA PHE D 532 -9.21 -30.81 38.10
C PHE D 532 -9.23 -30.57 39.61
N LEU D 533 -8.42 -29.61 40.07
CA LEU D 533 -8.37 -29.29 41.50
C LEU D 533 -9.59 -28.47 41.92
N VAL D 534 -10.19 -27.73 41.00
CA VAL D 534 -11.41 -26.97 41.27
C VAL D 534 -12.58 -27.93 41.53
N SER D 535 -12.62 -29.04 40.77
CA SER D 535 -13.75 -29.96 40.85
C SER D 535 -13.58 -31.05 41.90
N ARG D 536 -12.42 -31.72 41.92
CA ARG D 536 -12.21 -32.84 42.84
C ARG D 536 -12.05 -32.34 44.27
N PHE D 537 -11.03 -31.54 44.53
CA PHE D 537 -10.99 -30.77 45.77
C PHE D 537 -12.02 -29.67 45.65
N SER D 538 -12.57 -29.20 46.80
CA SER D 538 -13.65 -28.20 46.90
C SER D 538 -14.85 -28.59 46.04
N PRO D 539 -15.62 -29.61 46.42
CA PRO D 539 -16.60 -30.18 45.51
C PRO D 539 -17.84 -29.32 45.35
N TYR D 540 -18.75 -29.81 44.52
CA TYR D 540 -20.03 -29.14 44.27
C TYR D 540 -21.19 -30.00 44.77
N ASN D 560 -16.11 -34.77 40.36
CA ASN D 560 -17.48 -34.86 39.87
C ASN D 560 -17.48 -35.47 38.48
N GLU D 561 -17.59 -34.63 37.45
CA GLU D 561 -17.51 -35.08 36.06
C GLU D 561 -16.30 -34.44 35.37
N PHE D 562 -15.33 -33.97 36.16
CA PHE D 562 -14.10 -33.38 35.65
C PHE D 562 -12.91 -34.18 36.17
N GLY D 563 -12.54 -35.24 35.45
CA GLY D 563 -11.30 -35.91 35.69
C GLY D 563 -10.13 -35.20 35.03
N ILE D 564 -8.97 -35.84 35.05
CA ILE D 564 -7.81 -35.28 34.35
C ILE D 564 -7.99 -35.45 32.85
N PHE D 565 -8.84 -36.39 32.43
CA PHE D 565 -9.12 -36.55 31.00
C PHE D 565 -10.28 -35.66 30.57
N ASN D 566 -11.22 -35.40 31.48
CA ASN D 566 -12.36 -34.54 31.16
C ASN D 566 -11.98 -33.06 31.19
N SER D 567 -11.06 -32.68 32.08
CA SER D 567 -10.66 -31.27 32.17
C SER D 567 -9.81 -30.87 30.97
N LEU D 568 -9.06 -31.82 30.42
CA LEU D 568 -8.38 -31.59 29.15
C LEU D 568 -9.38 -31.47 28.01
N TRP D 569 -10.56 -32.07 28.15
CA TRP D 569 -11.52 -32.12 27.06
C TRP D 569 -12.44 -30.91 27.05
N PHE D 570 -12.70 -30.33 28.24
CA PHE D 570 -13.43 -29.06 28.28
C PHE D 570 -12.59 -27.92 27.73
N SER D 571 -11.31 -27.87 28.12
CA SER D 571 -10.45 -26.76 27.73
C SER D 571 -10.02 -26.88 26.27
N LEU D 572 -10.12 -28.08 25.70
CA LEU D 572 -9.73 -28.25 24.30
C LEU D 572 -10.77 -27.66 23.37
N GLY D 573 -12.04 -28.01 23.54
CA GLY D 573 -13.09 -27.43 22.71
C GLY D 573 -13.31 -25.95 22.98
N ALA D 574 -12.91 -25.50 24.16
CA ALA D 574 -12.87 -24.08 24.46
C ALA D 574 -11.83 -23.36 23.62
N PHE D 575 -10.71 -24.04 23.30
CA PHE D 575 -9.66 -23.43 22.49
C PHE D 575 -10.11 -23.23 21.05
N MET D 576 -10.64 -24.28 20.42
CA MET D 576 -11.02 -24.20 19.02
C MET D 576 -12.45 -23.72 18.84
N GLN D 577 -13.05 -23.21 19.92
CA GLN D 577 -14.38 -22.60 19.97
C GLN D 577 -15.46 -23.59 19.49
N GLN D 578 -15.59 -24.67 20.25
CA GLN D 578 -16.52 -25.74 19.92
C GLN D 578 -17.44 -25.98 21.11
N GLY D 579 -18.31 -26.97 21.00
CA GLY D 579 -19.25 -27.32 22.05
C GLY D 579 -18.74 -28.51 22.85
N CYS D 580 -18.93 -28.44 24.17
CA CYS D 580 -18.52 -29.49 25.08
C CYS D 580 -19.75 -30.24 25.58
N ASP D 581 -19.50 -31.34 26.30
CA ASP D 581 -20.59 -32.16 26.80
C ASP D 581 -21.24 -31.55 28.04
N ILE D 582 -20.44 -31.13 29.02
CA ILE D 582 -20.96 -30.60 30.28
C ILE D 582 -20.15 -29.37 30.68
N SER D 583 -20.82 -28.47 31.39
CA SER D 583 -20.26 -27.22 31.87
C SER D 583 -19.90 -27.31 33.35
N PRO D 584 -18.94 -26.51 33.82
CA PRO D 584 -18.73 -26.38 35.28
C PRO D 584 -19.93 -25.76 35.98
N ARG D 585 -20.14 -26.12 37.25
CA ARG D 585 -21.31 -25.65 37.98
C ARG D 585 -20.93 -24.94 39.28
N SER D 586 -19.66 -24.91 39.63
CA SER D 586 -19.16 -24.11 40.73
C SER D 586 -18.57 -22.84 40.17
N LEU D 587 -18.65 -21.75 40.96
CA LEU D 587 -18.21 -20.43 40.51
C LEU D 587 -16.72 -20.41 40.24
N SER D 588 -15.96 -21.25 40.96
CA SER D 588 -14.56 -21.44 40.65
C SER D 588 -14.37 -22.05 39.27
N GLY D 589 -15.23 -23.01 38.91
CA GLY D 589 -15.16 -23.58 37.58
C GLY D 589 -15.71 -22.66 36.51
N ARG D 590 -16.58 -21.72 36.90
CA ARG D 590 -17.11 -20.76 35.93
C ARG D 590 -16.04 -19.74 35.54
N ILE D 591 -15.10 -19.47 36.45
CA ILE D 591 -14.00 -18.55 36.13
C ILE D 591 -13.00 -19.23 35.22
N VAL D 592 -12.71 -20.51 35.48
CA VAL D 592 -11.79 -21.29 34.65
C VAL D 592 -12.35 -21.43 33.24
N GLY D 593 -13.66 -21.57 33.11
CA GLY D 593 -14.30 -21.54 31.82
C GLY D 593 -14.18 -20.22 31.09
N GLY D 594 -14.70 -19.14 31.68
CA GLY D 594 -14.88 -17.90 30.94
C GLY D 594 -13.59 -17.14 30.67
N VAL D 595 -12.60 -17.28 31.55
CA VAL D 595 -11.34 -16.55 31.36
C VAL D 595 -10.50 -17.24 30.29
N TRP D 596 -10.49 -18.58 30.29
CA TRP D 596 -9.85 -19.31 29.20
C TRP D 596 -10.62 -19.11 27.88
N TRP D 597 -11.92 -18.84 27.96
CA TRP D 597 -12.68 -18.49 26.78
C TRP D 597 -12.23 -17.14 26.21
N PHE D 598 -11.93 -16.17 27.08
CA PHE D 598 -11.45 -14.87 26.60
C PHE D 598 -10.01 -14.97 26.09
N PHE D 599 -9.26 -15.94 26.62
CA PHE D 599 -7.89 -16.18 26.15
C PHE D 599 -7.87 -16.57 24.69
N THR D 600 -8.64 -17.60 24.34
CA THR D 600 -8.57 -18.16 22.99
C THR D 600 -9.26 -17.26 21.98
N LEU D 601 -10.14 -16.38 22.46
CA LEU D 601 -10.76 -15.39 21.59
C LEU D 601 -9.72 -14.42 21.04
N ILE D 602 -8.75 -14.03 21.88
CA ILE D 602 -7.71 -13.11 21.45
C ILE D 602 -6.68 -13.83 20.59
N ILE D 603 -6.40 -15.10 20.90
CA ILE D 603 -5.35 -15.86 20.21
C ILE D 603 -5.77 -16.21 18.79
N ILE D 604 -7.04 -16.63 18.61
CA ILE D 604 -7.56 -16.92 17.27
C ILE D 604 -7.62 -15.66 16.43
N SER D 605 -8.05 -14.54 17.04
CA SER D 605 -8.09 -13.27 16.33
C SER D 605 -6.71 -12.76 16.00
N SER D 606 -5.73 -13.02 16.86
CA SER D 606 -4.35 -12.61 16.59
C SER D 606 -3.72 -13.45 15.49
N TYR D 607 -4.11 -14.73 15.42
CA TYR D 607 -3.62 -15.60 14.35
C TYR D 607 -4.16 -15.18 13.00
N THR D 608 -5.45 -14.87 12.92
CA THR D 608 -6.09 -14.53 11.67
C THR D 608 -5.62 -13.17 11.17
N ALA D 609 -5.43 -12.23 12.09
CA ALA D 609 -5.06 -10.88 11.70
C ALA D 609 -3.61 -10.79 11.26
N ASN D 610 -2.72 -11.58 11.88
CA ASN D 610 -1.32 -11.55 11.49
C ASN D 610 -1.10 -12.32 10.19
N LEU D 611 -1.91 -13.34 9.95
CA LEU D 611 -1.87 -14.04 8.67
C LEU D 611 -2.42 -13.17 7.55
N ALA D 612 -3.38 -12.30 7.86
CA ALA D 612 -3.91 -11.38 6.87
C ALA D 612 -2.88 -10.32 6.49
N ALA D 613 -2.04 -9.95 7.44
CA ALA D 613 -0.97 -8.98 7.18
C ALA D 613 0.12 -9.59 6.31
N PHE D 614 0.41 -10.88 6.52
CA PHE D 614 1.43 -11.57 5.75
C PHE D 614 0.98 -11.79 4.31
N LEU D 615 -0.28 -12.16 4.12
CA LEU D 615 -0.80 -12.44 2.79
C LEU D 615 -1.06 -11.17 2.00
N THR D 616 -1.13 -10.01 2.66
CA THR D 616 -1.36 -8.75 1.97
C THR D 616 -0.08 -8.07 1.54
N VAL D 617 0.91 -7.98 2.42
CA VAL D 617 2.15 -7.26 2.15
C VAL D 617 3.26 -8.29 1.99
N GLU D 618 3.77 -8.39 0.77
CA GLU D 618 4.89 -9.28 0.47
C GLU D 618 6.20 -8.58 0.86
N ARG D 619 6.86 -9.10 1.88
CA ARG D 619 8.08 -8.49 2.41
C ARG D 619 9.18 -9.55 2.37
N MET D 620 9.87 -9.62 1.23
CA MET D 620 10.90 -10.62 1.03
C MET D 620 12.25 -10.13 1.53
N VAL D 621 13.02 -11.06 2.10
CA VAL D 621 14.33 -10.74 2.67
C VAL D 621 15.37 -11.66 2.07
N SER D 622 16.63 -11.23 2.15
CA SER D 622 17.79 -12.00 1.74
C SER D 622 18.46 -12.64 2.95
N PRO D 623 19.05 -13.82 2.79
CA PRO D 623 19.82 -14.41 3.89
C PRO D 623 21.12 -13.67 4.13
N ILE D 624 21.63 -13.06 3.07
CA ILE D 624 22.92 -12.40 3.07
C ILE D 624 22.72 -10.90 2.93
N GLU D 625 23.35 -10.13 3.83
CA GLU D 625 23.37 -8.68 3.69
C GLU D 625 24.79 -8.13 3.74
N SER D 626 25.80 -8.99 3.85
CA SER D 626 27.20 -8.57 3.96
C SER D 626 28.13 -9.75 3.71
N ALA D 627 29.42 -9.49 3.59
CA ALA D 627 30.40 -10.58 3.57
C ALA D 627 30.66 -11.13 4.95
N GLU D 628 30.28 -10.38 6.00
CA GLU D 628 30.25 -10.94 7.35
C GLU D 628 29.21 -12.03 7.45
N ASP D 629 28.11 -11.89 6.72
CA ASP D 629 27.07 -12.92 6.72
C ASP D 629 27.51 -14.16 5.95
N LEU D 630 28.26 -13.96 4.85
CA LEU D 630 28.73 -15.09 4.06
C LEU D 630 29.77 -15.93 4.79
N SER D 631 30.58 -15.29 5.64
CA SER D 631 31.64 -16.01 6.34
C SER D 631 31.07 -16.91 7.42
N LYS D 632 29.99 -16.48 8.08
CA LYS D 632 29.42 -17.22 9.20
C LYS D 632 28.61 -18.43 8.76
N GLN D 633 28.17 -18.46 7.51
CA GLN D 633 27.27 -19.50 7.03
C GLN D 633 28.04 -20.50 6.18
N THR D 634 27.38 -21.63 5.89
CA THR D 634 27.98 -22.67 5.07
C THR D 634 26.96 -23.18 4.05
N GLU D 635 25.72 -22.71 4.15
CA GLU D 635 24.67 -23.18 3.25
C GLU D 635 24.86 -22.62 1.84
N ILE D 636 24.97 -21.31 1.72
CA ILE D 636 25.21 -20.67 0.43
C ILE D 636 26.70 -20.73 0.12
N ALA D 637 27.05 -21.30 -1.02
CA ALA D 637 28.42 -21.33 -1.47
C ALA D 637 28.77 -20.01 -2.15
N TYR D 638 30.04 -19.65 -2.12
CA TYR D 638 30.50 -18.42 -2.73
C TYR D 638 31.88 -18.59 -3.33
N GLY D 639 32.12 -17.93 -4.45
CA GLY D 639 33.36 -18.05 -5.16
C GLY D 639 33.58 -16.88 -6.09
N THR D 640 34.79 -16.82 -6.65
CA THR D 640 35.23 -15.76 -7.54
C THR D 640 35.52 -16.38 -8.91
N LEU D 641 36.10 -15.58 -9.80
CA LEU D 641 36.57 -16.12 -11.06
C LEU D 641 37.93 -16.77 -10.85
N ASP D 642 38.28 -17.72 -11.72
CA ASP D 642 39.47 -18.54 -11.53
C ASP D 642 40.77 -17.77 -11.72
N SER D 643 40.74 -16.64 -12.42
CA SER D 643 41.93 -15.81 -12.60
C SER D 643 41.52 -14.35 -12.71
N GLY D 644 42.11 -13.50 -11.89
CA GLY D 644 41.82 -12.09 -11.94
C GLY D 644 42.19 -11.40 -10.64
N SER D 645 41.75 -10.15 -10.52
CA SER D 645 42.10 -9.34 -9.36
C SER D 645 41.24 -9.70 -8.16
N THR D 646 40.04 -10.24 -8.40
CA THR D 646 39.14 -10.55 -7.29
C THR D 646 39.62 -11.77 -6.52
N LYS D 647 40.03 -12.82 -7.23
CA LYS D 647 40.60 -13.99 -6.58
C LYS D 647 41.94 -13.67 -5.93
N GLU D 648 42.72 -12.79 -6.56
CA GLU D 648 43.99 -12.38 -6.00
C GLU D 648 43.79 -11.51 -4.76
N PHE D 649 42.66 -10.81 -4.66
CA PHE D 649 42.36 -10.01 -3.47
C PHE D 649 42.18 -10.88 -2.24
N PHE D 650 41.42 -11.97 -2.35
CA PHE D 650 41.20 -12.84 -1.20
C PHE D 650 42.44 -13.66 -0.88
N ARG D 651 43.29 -13.89 -1.88
CA ARG D 651 44.49 -14.69 -1.69
C ARG D 651 45.48 -14.03 -0.74
N ARG D 652 45.69 -12.72 -0.89
CA ARG D 652 46.65 -11.99 -0.08
C ARG D 652 46.02 -11.07 0.97
N SER D 653 44.72 -11.22 1.23
CA SER D 653 44.09 -10.37 2.23
C SER D 653 44.46 -10.85 3.63
N LYS D 654 44.36 -9.93 4.60
CA LYS D 654 44.84 -10.26 5.95
C LYS D 654 43.93 -9.75 7.07
N ILE D 655 42.69 -9.31 6.83
CA ILE D 655 42.05 -8.44 7.81
C ILE D 655 41.40 -9.25 8.92
N ALA D 656 40.20 -9.79 8.68
CA ALA D 656 39.63 -10.81 9.54
C ALA D 656 38.81 -11.81 8.75
N VAL D 657 38.05 -11.28 7.80
CA VAL D 657 36.94 -12.02 7.21
C VAL D 657 37.35 -12.58 5.86
N PHE D 658 38.11 -11.81 5.09
CA PHE D 658 38.49 -12.21 3.74
C PHE D 658 39.51 -13.33 3.77
N ASP D 659 40.23 -13.48 4.88
CA ASP D 659 41.05 -14.66 5.09
C ASP D 659 40.18 -15.88 5.38
N LYS D 660 39.12 -15.69 6.16
CA LYS D 660 38.17 -16.78 6.42
C LYS D 660 37.43 -17.18 5.15
N MET D 661 37.11 -16.21 4.30
CA MET D 661 36.41 -16.51 3.05
C MET D 661 37.34 -17.22 2.07
N TRP D 662 38.64 -16.94 2.13
CA TRP D 662 39.57 -17.55 1.19
C TRP D 662 39.86 -19.01 1.56
N THR D 663 40.00 -19.30 2.86
CA THR D 663 40.20 -20.66 3.32
C THR D 663 38.99 -21.55 2.99
N TYR D 664 37.80 -20.95 2.97
CA TYR D 664 36.61 -21.62 2.46
C TYR D 664 36.76 -21.96 0.98
N MET D 665 37.05 -20.94 0.17
CA MET D 665 37.01 -21.09 -1.28
C MET D 665 38.12 -21.99 -1.80
N ARG D 666 39.29 -21.92 -1.17
CA ARG D 666 40.44 -22.75 -1.52
C ARG D 666 40.14 -24.23 -1.28
N SER D 667 39.49 -24.53 -0.16
CA SER D 667 39.23 -25.90 0.26
C SER D 667 38.04 -26.55 -0.42
N ALA D 668 36.95 -25.79 -0.59
CA ALA D 668 35.61 -26.26 -0.96
C ALA D 668 35.53 -27.15 -2.19
N GLU D 669 34.78 -28.25 -2.08
CA GLU D 669 34.52 -29.19 -3.15
C GLU D 669 33.01 -29.27 -3.27
N PRO D 670 32.43 -29.09 -4.46
CA PRO D 670 33.04 -28.82 -5.78
C PRO D 670 33.58 -27.40 -5.95
N SER D 671 34.12 -27.11 -7.14
CA SER D 671 34.81 -25.85 -7.37
C SER D 671 33.84 -24.68 -7.37
N VAL D 672 34.16 -23.67 -6.57
CA VAL D 672 33.37 -22.45 -6.50
C VAL D 672 33.92 -21.44 -7.50
N PHE D 673 35.11 -21.71 -8.01
CA PHE D 673 35.76 -20.79 -8.94
C PHE D 673 35.28 -21.07 -10.36
N VAL D 674 34.52 -20.13 -10.93
CA VAL D 674 34.10 -20.21 -12.32
C VAL D 674 35.24 -19.68 -13.19
N ARG D 675 35.15 -19.91 -14.50
CA ARG D 675 36.19 -19.45 -15.41
C ARG D 675 35.79 -18.24 -16.25
N THR D 676 34.52 -17.87 -16.27
CA THR D 676 34.05 -16.74 -17.06
C THR D 676 33.03 -15.99 -16.20
N THR D 677 32.86 -14.70 -16.46
CA THR D 677 31.84 -13.92 -15.78
C THR D 677 30.44 -14.42 -16.12
N ALA D 678 30.22 -14.81 -17.38
CA ALA D 678 28.92 -15.34 -17.78
C ALA D 678 28.65 -16.71 -17.16
N GLU D 679 29.70 -17.45 -16.83
CA GLU D 679 29.53 -18.71 -16.12
C GLU D 679 29.13 -18.46 -14.67
N GLY D 680 29.73 -17.45 -14.05
CA GLY D 680 29.41 -17.14 -12.65
C GLY D 680 28.03 -16.56 -12.46
N VAL D 681 27.53 -15.82 -13.45
CA VAL D 681 26.18 -15.26 -13.37
C VAL D 681 25.14 -16.35 -13.59
N ALA D 682 25.41 -17.25 -14.54
CA ALA D 682 24.49 -18.37 -14.79
C ALA D 682 24.50 -19.37 -13.64
N ARG D 683 25.61 -19.44 -12.90
CA ARG D 683 25.65 -20.32 -11.74
C ARG D 683 24.85 -19.74 -10.58
N VAL D 684 24.76 -18.42 -10.51
CA VAL D 684 23.91 -17.78 -9.48
C VAL D 684 22.44 -18.06 -9.76
N ARG D 685 22.04 -17.95 -11.03
CA ARG D 685 20.63 -18.13 -11.38
C ARG D 685 20.21 -19.59 -11.29
N LYS D 686 21.09 -20.51 -11.70
CA LYS D 686 20.80 -21.94 -11.64
C LYS D 686 21.44 -22.54 -10.39
N SER D 687 21.11 -21.99 -9.23
CA SER D 687 21.46 -22.63 -7.97
C SER D 687 20.37 -22.44 -6.93
N LYS D 688 19.28 -21.78 -7.35
CA LYS D 688 18.06 -21.58 -6.54
C LYS D 688 18.36 -20.82 -5.26
N GLY D 689 19.28 -19.86 -5.36
CA GLY D 689 19.64 -19.03 -4.23
C GLY D 689 20.67 -19.62 -3.30
N LYS D 690 21.52 -20.54 -3.78
CA LYS D 690 22.53 -21.17 -2.95
C LYS D 690 23.95 -20.87 -3.42
N TYR D 691 24.12 -19.95 -4.37
CA TYR D 691 25.44 -19.55 -4.84
C TYR D 691 25.51 -18.04 -4.94
N ALA D 692 26.62 -17.48 -4.45
CA ALA D 692 26.89 -16.05 -4.51
C ALA D 692 28.18 -15.84 -5.28
N TYR D 693 28.16 -14.91 -6.23
CA TYR D 693 29.34 -14.67 -7.05
C TYR D 693 29.98 -13.34 -6.68
N LEU D 694 31.24 -13.41 -6.28
CA LEU D 694 32.02 -12.24 -5.83
C LEU D 694 32.66 -11.61 -7.05
N LEU D 695 32.17 -10.43 -7.43
CA LEU D 695 32.67 -9.76 -8.64
C LEU D 695 32.65 -8.25 -8.46
N GLU D 696 32.97 -7.51 -9.50
CA GLU D 696 33.12 -6.06 -9.39
C GLU D 696 31.75 -5.40 -9.36
N SER D 697 31.69 -4.24 -8.67
CA SER D 697 30.39 -3.62 -8.41
C SER D 697 29.76 -3.02 -9.65
N THR D 698 30.58 -2.66 -10.64
CA THR D 698 30.04 -2.02 -11.85
C THR D 698 29.35 -3.03 -12.76
N MET D 699 29.92 -4.23 -12.87
CA MET D 699 29.23 -5.29 -13.61
C MET D 699 28.05 -5.83 -12.82
N ASN D 700 28.14 -5.82 -11.49
CA ASN D 700 27.07 -6.33 -10.64
C ASN D 700 25.83 -5.45 -10.74
N GLU D 701 26.03 -4.13 -10.82
CA GLU D 701 24.89 -3.23 -11.01
C GLU D 701 24.33 -3.31 -12.42
N TYR D 702 25.16 -3.68 -13.39
CA TYR D 702 24.71 -3.73 -14.78
C TYR D 702 23.93 -5.01 -15.07
N ILE D 703 24.44 -6.14 -14.58
CA ILE D 703 23.76 -7.43 -14.76
C ILE D 703 22.43 -7.46 -14.00
N GLU D 704 22.34 -6.73 -12.89
CA GLU D 704 21.08 -6.57 -12.16
C GLU D 704 20.04 -5.83 -12.98
N GLN D 705 20.46 -4.97 -13.91
CA GLN D 705 19.56 -4.26 -14.81
C GLN D 705 19.43 -4.93 -16.17
N ARG D 706 19.74 -6.22 -16.29
CA ARG D 706 19.50 -6.95 -17.52
C ARG D 706 18.23 -7.79 -17.38
N LYS D 707 17.96 -8.64 -18.36
CA LYS D 707 16.88 -9.61 -18.28
C LYS D 707 17.48 -11.00 -18.12
N PRO D 708 16.93 -11.86 -17.24
CA PRO D 708 15.78 -11.63 -16.34
C PRO D 708 16.11 -10.75 -15.14
N CYS D 709 15.11 -10.49 -14.30
CA CYS D 709 15.31 -9.74 -13.08
C CYS D 709 15.68 -10.70 -11.96
N ASP D 710 16.79 -11.43 -12.13
CA ASP D 710 17.05 -12.61 -11.34
C ASP D 710 18.18 -12.44 -10.33
N THR D 711 19.09 -11.49 -10.56
CA THR D 711 20.24 -11.28 -9.70
C THR D 711 20.09 -9.99 -8.91
N MET D 712 20.84 -9.90 -7.81
CA MET D 712 20.72 -8.79 -6.88
C MET D 712 22.10 -8.49 -6.28
N LYS D 713 22.37 -7.21 -6.08
CA LYS D 713 23.57 -6.75 -5.40
C LYS D 713 23.24 -6.44 -3.95
N VAL D 714 23.97 -7.06 -3.03
CA VAL D 714 23.72 -6.92 -1.59
C VAL D 714 24.98 -6.39 -0.92
N GLY D 715 24.77 -5.67 0.19
CA GLY D 715 25.89 -5.17 0.97
C GLY D 715 26.57 -3.99 0.32
N GLY D 716 27.77 -3.69 0.81
CA GLY D 716 28.60 -2.68 0.21
C GLY D 716 29.78 -3.29 -0.49
N ASN D 717 30.79 -2.49 -0.83
CA ASN D 717 31.96 -3.01 -1.51
C ASN D 717 32.93 -3.59 -0.50
N LEU D 718 33.78 -4.49 -0.98
CA LEU D 718 34.77 -5.12 -0.10
C LEU D 718 36.09 -4.39 -0.12
N ASP D 719 36.51 -3.88 -1.28
CA ASP D 719 37.66 -3.00 -1.37
C ASP D 719 37.23 -1.72 -2.08
N SER D 720 38.22 -0.89 -2.42
CA SER D 720 37.97 0.40 -3.07
C SER D 720 38.96 0.55 -4.21
N LYS D 721 38.46 0.42 -5.44
CA LYS D 721 39.25 0.59 -6.65
C LYS D 721 38.79 1.83 -7.39
N GLY D 722 39.50 2.15 -8.47
CA GLY D 722 39.11 3.25 -9.32
C GLY D 722 39.48 2.97 -10.77
N TYR D 723 38.62 3.46 -11.66
CA TYR D 723 38.86 3.43 -13.09
C TYR D 723 39.39 4.77 -13.53
N GLY D 724 40.55 4.78 -14.18
CA GLY D 724 41.19 6.00 -14.61
C GLY D 724 41.42 6.02 -16.11
N ILE D 725 41.63 7.23 -16.62
CA ILE D 725 41.93 7.46 -18.03
C ILE D 725 43.44 7.56 -18.15
N ALA D 726 44.03 6.67 -18.94
CA ALA D 726 45.47 6.54 -18.97
C ALA D 726 46.08 7.24 -20.18
N THR D 727 47.24 7.85 -19.95
CA THR D 727 48.06 8.45 -20.98
C THR D 727 49.46 7.90 -20.84
N PRO D 728 50.28 7.94 -21.90
CA PRO D 728 51.69 7.57 -21.74
C PRO D 728 52.44 8.55 -20.86
N LYS D 729 53.53 8.06 -20.29
CA LYS D 729 54.31 8.86 -19.36
C LYS D 729 55.12 9.91 -20.12
N GLY D 730 54.86 11.17 -19.80
CA GLY D 730 55.49 12.28 -20.50
C GLY D 730 54.68 12.71 -21.71
N SER D 731 53.38 12.85 -21.54
CA SER D 731 52.47 13.19 -22.63
C SER D 731 51.91 14.59 -22.42
N SER D 732 51.55 15.23 -23.53
CA SER D 732 50.94 16.55 -23.50
C SER D 732 49.45 16.50 -23.18
N LEU D 733 48.87 15.32 -23.08
CA LEU D 733 47.47 15.15 -22.71
C LEU D 733 47.26 14.79 -21.26
N GLY D 734 48.33 14.48 -20.52
CA GLY D 734 48.23 14.03 -19.14
C GLY D 734 47.57 15.02 -18.19
N THR D 735 48.06 16.25 -18.19
CA THR D 735 47.48 17.30 -17.33
C THR D 735 46.08 17.76 -17.76
N PRO D 736 45.77 18.05 -19.04
CA PRO D 736 44.41 18.56 -19.33
C PRO D 736 43.30 17.52 -19.17
N VAL D 737 43.59 16.23 -19.43
CA VAL D 737 42.59 15.19 -19.23
C VAL D 737 42.35 14.98 -17.74
N ASN D 738 43.42 15.11 -16.93
CA ASN D 738 43.28 15.03 -15.48
C ASN D 738 42.41 16.16 -14.94
N LEU D 739 42.55 17.36 -15.50
CA LEU D 739 41.66 18.45 -15.12
C LEU D 739 40.27 18.30 -15.74
N ALA D 740 40.15 17.51 -16.81
CA ALA D 740 38.85 17.32 -17.44
C ALA D 740 37.97 16.36 -16.65
N VAL D 741 38.58 15.34 -16.04
CA VAL D 741 37.83 14.36 -15.27
C VAL D 741 37.27 14.99 -14.00
N LEU D 742 38.06 15.86 -13.35
CA LEU D 742 37.59 16.53 -12.14
C LEU D 742 36.54 17.57 -12.46
N LYS D 743 36.53 18.09 -13.68
CA LYS D 743 35.49 19.03 -14.08
C LYS D 743 34.18 18.31 -14.39
N LEU D 744 34.27 17.15 -15.05
CA LEU D 744 33.07 16.39 -15.38
C LEU D 744 32.47 15.74 -14.15
N SER D 745 33.30 15.46 -13.14
CA SER D 745 32.80 14.84 -11.91
C SER D 745 31.97 15.82 -11.10
N GLU D 746 32.43 17.05 -10.95
CA GLU D 746 31.78 18.04 -10.11
C GLU D 746 30.56 18.67 -10.77
N GLN D 747 30.45 18.61 -12.09
CA GLN D 747 29.28 19.11 -12.80
C GLN D 747 28.14 18.11 -12.85
N GLY D 748 28.40 16.84 -12.57
CA GLY D 748 27.39 15.82 -12.61
C GLY D 748 27.35 15.04 -13.90
N VAL D 749 28.32 15.25 -14.80
CA VAL D 749 28.29 14.59 -16.11
C VAL D 749 28.59 13.10 -15.96
N LEU D 750 29.55 12.76 -15.09
CA LEU D 750 29.89 11.36 -14.86
C LEU D 750 28.76 10.61 -14.16
N ASP D 751 28.06 11.29 -13.25
CA ASP D 751 26.86 10.70 -12.65
C ASP D 751 25.74 10.60 -13.67
N LYS D 752 25.66 11.57 -14.60
CA LYS D 752 24.60 11.54 -15.61
C LYS D 752 24.80 10.41 -16.61
N LEU D 753 26.05 10.17 -17.00
CA LEU D 753 26.32 9.10 -17.96
C LEU D 753 26.17 7.73 -17.32
N LYS D 754 26.39 7.63 -16.00
CA LYS D 754 26.22 6.34 -15.33
C LYS D 754 24.75 6.02 -15.12
N ASN D 755 23.93 7.04 -14.83
CA ASN D 755 22.49 6.83 -14.78
C ASN D 755 21.91 6.50 -16.14
N LYS D 756 22.55 6.97 -17.21
CA LYS D 756 22.03 6.70 -18.54
C LYS D 756 22.31 5.25 -18.95
N TRP D 757 23.56 4.82 -18.90
CA TRP D 757 23.96 3.53 -19.44
C TRP D 757 23.75 2.37 -18.49
N TRP D 758 23.41 2.62 -17.23
CA TRP D 758 23.06 1.56 -16.30
C TRP D 758 21.59 1.51 -15.95
N TYR D 759 20.90 2.66 -15.92
CA TYR D 759 19.53 2.71 -15.44
C TYR D 759 18.55 3.23 -16.50
N ASP D 760 18.90 4.29 -17.24
CA ASP D 760 17.99 4.80 -18.25
C ASP D 760 17.98 3.92 -19.48
N LYS D 761 19.15 3.48 -19.94
CA LYS D 761 19.24 2.46 -20.99
C LYS D 761 19.16 1.05 -20.42
N GLY D 762 18.83 0.91 -19.14
CA GLY D 762 18.77 -0.38 -18.48
C GLY D 762 17.35 -0.85 -18.33
N GLU D 763 17.09 -2.05 -18.84
CA GLU D 763 15.81 -2.74 -18.68
C GLU D 763 15.63 -3.23 -17.25
N CYS D 764 14.44 -3.74 -16.93
CA CYS D 764 14.02 -4.11 -15.58
C CYS D 764 14.16 -2.92 -14.63
N GLY D 765 13.38 -1.87 -14.87
CA GLY D 765 13.53 -0.62 -14.14
C GLY D 765 13.15 -0.65 -12.67
N ALA D 766 13.25 0.51 -12.02
CA ALA D 766 13.00 0.72 -10.59
C ALA D 766 13.78 -0.23 -9.68
N GLU D 773 1.45 -8.96 -6.48
CA GLU D 773 0.28 -8.12 -6.67
C GLU D 773 -0.82 -9.02 -7.24
N LYS D 774 -2.09 -8.64 -7.03
CA LYS D 774 -3.27 -9.44 -7.36
C LYS D 774 -3.18 -10.78 -6.65
N THR D 775 -3.40 -10.74 -5.33
CA THR D 775 -3.32 -11.88 -4.41
C THR D 775 -4.01 -13.12 -4.94
N SER D 776 -3.25 -14.22 -4.95
CA SER D 776 -3.68 -15.50 -5.49
C SER D 776 -4.22 -16.38 -4.38
N ALA D 777 -4.85 -17.49 -4.78
CA ALA D 777 -5.37 -18.46 -3.84
C ALA D 777 -4.24 -19.13 -3.08
N LEU D 778 -4.53 -19.53 -1.85
CA LEU D 778 -3.58 -20.31 -1.06
C LEU D 778 -3.47 -21.71 -1.63
N SER D 779 -2.24 -22.16 -1.86
CA SER D 779 -2.00 -23.50 -2.34
C SER D 779 -2.07 -24.50 -1.19
N LEU D 780 -2.12 -25.78 -1.54
CA LEU D 780 -2.16 -26.83 -0.53
C LEU D 780 -0.84 -26.94 0.23
N SER D 781 0.25 -26.45 -0.35
CA SER D 781 1.57 -26.44 0.28
C SER D 781 1.62 -25.64 1.57
N ASN D 782 0.80 -24.60 1.68
CA ASN D 782 0.81 -23.72 2.84
C ASN D 782 0.13 -24.32 4.06
N VAL D 783 -0.80 -25.26 3.86
CA VAL D 783 -1.60 -25.81 4.94
C VAL D 783 -1.47 -27.33 4.97
N ALA D 784 -0.42 -27.85 4.31
CA ALA D 784 -0.26 -29.30 4.19
C ALA D 784 0.07 -29.95 5.52
N GLY D 785 0.73 -29.22 6.42
CA GLY D 785 1.07 -29.79 7.71
C GLY D 785 -0.13 -29.95 8.63
N VAL D 786 -1.22 -29.24 8.33
CA VAL D 786 -2.43 -29.39 9.12
C VAL D 786 -3.13 -30.69 8.76
N PHE D 787 -3.03 -31.10 7.49
CA PHE D 787 -3.53 -32.42 7.08
C PHE D 787 -2.70 -33.53 7.70
N TYR D 788 -1.40 -33.28 7.88
CA TYR D 788 -0.50 -34.32 8.37
C TYR D 788 -0.73 -34.60 9.85
N ILE D 789 -1.00 -33.55 10.62
CA ILE D 789 -1.35 -33.72 12.03
C ILE D 789 -2.73 -34.33 12.17
N LEU D 790 -3.62 -34.01 11.21
CA LEU D 790 -4.98 -34.56 11.23
C LEU D 790 -4.99 -36.06 10.99
N VAL D 791 -4.36 -36.51 9.91
CA VAL D 791 -4.31 -37.95 9.62
C VAL D 791 -3.41 -38.65 10.63
N GLY D 792 -2.37 -37.96 11.11
CA GLY D 792 -1.60 -38.48 12.22
C GLY D 792 -2.40 -38.57 13.50
N GLY D 793 -3.37 -37.66 13.67
CA GLY D 793 -4.30 -37.80 14.78
C GLY D 793 -5.29 -38.93 14.56
N LEU D 794 -5.67 -39.17 13.32
CA LEU D 794 -6.55 -40.30 13.03
C LEU D 794 -5.79 -41.62 13.13
N GLY D 795 -4.49 -41.60 12.85
CA GLY D 795 -3.69 -42.81 13.01
C GLY D 795 -3.40 -43.12 14.46
N LEU D 796 -3.10 -42.08 15.25
CA LEU D 796 -2.85 -42.24 16.68
C LEU D 796 -4.12 -42.44 17.50
N ALA D 797 -5.30 -42.48 16.87
CA ALA D 797 -6.51 -42.78 17.60
C ALA D 797 -6.94 -44.23 17.36
N MET D 798 -6.66 -44.76 16.17
CA MET D 798 -6.88 -46.17 15.92
C MET D 798 -5.88 -47.05 16.67
N LEU D 799 -4.71 -46.49 16.99
CA LEU D 799 -3.72 -47.25 17.75
C LEU D 799 -4.09 -47.34 19.23
N VAL D 800 -4.51 -46.21 19.83
CA VAL D 800 -4.85 -46.19 21.24
C VAL D 800 -6.14 -46.98 21.49
N ALA D 801 -7.04 -47.01 20.51
CA ALA D 801 -8.19 -47.91 20.57
C ALA D 801 -7.78 -49.37 20.49
N LEU D 802 -6.70 -49.68 19.76
CA LEU D 802 -6.14 -51.02 19.75
C LEU D 802 -5.33 -51.30 21.01
N ILE D 803 -4.70 -50.28 21.58
CA ILE D 803 -4.09 -50.39 22.90
C ILE D 803 -5.15 -50.64 23.96
N GLU D 804 -6.34 -50.04 23.78
CA GLU D 804 -7.42 -50.17 24.77
C GLU D 804 -7.94 -51.59 24.86
N PHE D 805 -8.13 -52.27 23.73
CA PHE D 805 -8.62 -53.64 23.77
C PHE D 805 -7.54 -54.67 24.02
N CYS D 806 -6.33 -54.23 24.39
CA CYS D 806 -5.36 -55.16 24.97
C CYS D 806 -5.63 -55.38 26.45
N TYR D 807 -6.34 -54.46 27.11
CA TYR D 807 -6.74 -54.67 28.49
C TYR D 807 -8.25 -54.67 28.70
N LYS D 808 -9.04 -54.59 27.63
CA LYS D 808 -10.48 -54.77 27.75
C LYS D 808 -10.87 -56.23 27.49
N01 6ZP E . 0.50 -6.48 17.36
C02 6ZP E . -0.36 -6.81 18.02
C03 6ZP E . -1.53 -7.20 18.75
C04 6ZP E . -1.73 -8.56 18.95
C05 6ZP E . -2.85 -8.98 19.62
C06 6ZP E . -3.76 -8.08 20.09
C07 6ZP E . -3.56 -6.72 19.91
C08 6ZP E . -2.45 -6.24 19.23
C09 6ZP E . -2.24 -4.79 19.05
C10 6ZP E . -1.10 -4.19 19.57
O11 6ZP E . -0.22 -4.77 20.17
C12 6ZP E . -3.17 -3.98 18.42
C13 6ZP E . -2.98 -2.61 18.29
C14 6ZP E . -3.97 -1.79 17.57
N15 6ZP E . -4.78 -2.47 16.74
C16 6ZP E . -5.68 -1.78 16.03
C17 6ZP E . -5.82 -0.44 16.12
C18 6ZP E . -4.99 0.25 16.95
C19 6ZP E . -4.04 -0.42 17.68
C20 6ZP E . -1.87 -2.05 18.78
N21 6ZP E . -0.94 -2.82 19.42
C22 6ZP E . 0.25 -2.22 19.95
C23 6ZP E . 0.16 -1.26 20.93
C24 6ZP E . 1.32 -0.69 21.43
C25 6ZP E . 2.54 -1.06 20.95
C26 6ZP E . 2.62 -2.01 19.95
C27 6ZP E . 1.48 -2.59 19.44
OAA ZK1 F . 38.49 19.06 1.61
OAB ZK1 F . 36.73 21.20 1.90
OAC ZK1 F . 32.07 20.78 3.79
OAD ZK1 F . 33.35 19.69 1.99
OAE ZK1 F . 32.99 22.12 1.94
FAF ZK1 F . 34.20 14.82 6.83
FAG ZK1 F . 36.41 14.73 6.77
FAH ZK1 F . 35.41 15.85 8.38
CAI ZK1 F . 34.60 18.94 5.50
CAJ ZK1 F . 36.36 16.83 5.20
CAK ZK1 F . 31.24 17.07 8.24
CAL ZK1 F . 33.06 17.74 9.76
CAM ZK1 F . 32.14 17.34 7.02
CAN ZK1 F . 33.65 18.55 8.60
CAO ZK1 F . 34.78 21.20 3.81
NAP ZK1 F . 37.40 17.98 3.40
OAQ ZK1 F . 31.87 17.01 9.50
CAR ZK1 F . 34.49 17.85 6.34
CAS ZK1 F . 35.38 16.77 6.19
CAT ZK1 F . 37.50 19.03 2.60
CAU ZK1 F . 36.63 20.09 2.75
CAV ZK1 F . 36.45 17.95 4.35
CAW ZK1 F . 35.59 19.00 4.49
NAX ZK1 F . 33.44 17.89 7.33
NAY ZK1 F . 35.69 20.06 3.68
CAZ ZK1 F . 35.34 15.53 7.06
PBA ZK1 F . 33.23 20.93 2.84
C1 PCW G . 2.52 -6.27 35.52
C2 PCW G . 1.85 -7.28 36.47
C3 PCW G . 0.37 -6.90 36.72
C4 PCW G . 3.74 -1.95 34.58
C5 PCW G . 3.11 -0.98 33.54
C6 PCW G . 2.87 1.24 32.72
C7 PCW G . 3.58 0.97 34.96
C8 PCW G . 5.16 0.28 33.32
C11 PCW G . -1.84 -7.66 36.23
C12 PCW G . -2.84 -8.85 36.19
C13 PCW G . -4.27 -8.44 36.66
C14 PCW G . -5.40 -9.18 35.89
C15 PCW G . -6.55 -9.66 36.82
C16 PCW G . -7.96 -9.53 36.17
C17 PCW G . -8.48 -10.89 35.61
C18 PCW G . -10.03 -11.01 35.67
C19 PCW G . -10.48 -12.38 36.26
C20 PCW G . -11.71 -12.87 36.04
C21 PCW G . -12.77 -12.11 35.19
C22 PCW G . -14.21 -12.64 35.44
C23 PCW G . -14.82 -13.36 34.20
C24 PCW G . -15.75 -14.55 34.59
C25 PCW G . -17.12 -14.08 35.15
C26 PCW G . -17.97 -15.25 35.76
C27 PCW G . -19.49 -14.99 35.65
C28 PCW G . -20.32 -16.30 35.71
C31 PCW G . 2.64 -9.49 36.73
C32 PCW G . 2.04 -10.03 38.05
C33 PCW G . 1.93 -11.58 38.07
C34 PCW G . 0.53 -12.10 37.60
C35 PCW G . -0.64 -11.32 38.27
C36 PCW G . -0.93 -11.82 39.72
N PCW G . 3.70 0.39 33.61
O2 PCW G . 1.91 -8.56 35.93
O3 PCW G . -0.44 -7.91 36.12
O11 PCW G . -2.23 -6.54 36.33
O31 PCW G . 3.72 -9.85 36.38
O1P PCW G . 0.65 -2.92 34.80
O2P PCW G . 2.10 -3.45 36.74
O3P PCW G . 1.56 -5.34 35.04
O4P PCW G . 3.19 -3.25 34.38
P PCW G . 1.85 -3.71 35.26
C1 PCW H . -11.99 11.13 37.88
C2 PCW H . -11.81 9.79 37.14
C3 PCW H . -11.92 8.61 38.12
C4 PCW H . -7.87 11.01 36.00
C5 PCW H . -6.41 10.47 36.16
C6 PCW H . -5.55 11.95 34.45
C7 PCW H . -5.56 12.71 36.71
C8 PCW H . -4.07 10.92 36.27
C11 PCW H . -13.69 8.34 39.70
C12 PCW H . -13.69 6.79 39.67
C13 PCW H . -13.02 6.18 40.94
C14 PCW H . -11.79 5.30 40.60
C15 PCW H . -12.20 3.95 39.93
C16 PCW H . -12.84 2.96 40.94
C17 PCW H . -14.30 2.56 40.54
C18 PCW H . -15.38 3.28 41.41
C19 PCW H . -15.73 2.49 42.70
C20 PCW H . -15.47 1.17 42.78
C31 PCW H . -12.25 9.50 34.84
C32 PCW H . -13.04 8.68 33.78
C33 PCW H . -12.28 7.38 33.40
C34 PCW H . -11.75 6.63 34.66
C35 PCW H . -12.91 5.95 35.45
C36 PCW H . -13.82 5.09 34.52
C37 PCW H . -15.33 5.43 34.70
C38 PCW H . -16.12 4.20 35.24
C39 PCW H . -15.68 2.88 34.56
C40 PCW H . -16.08 1.69 35.02
C41 PCW H . -17.02 1.56 36.25
C42 PCW H . -16.24 1.34 37.57
C43 PCW H . -15.23 0.16 37.48
C44 PCW H . -15.72 -1.09 38.24
C45 PCW H . -16.01 -0.80 39.73
N PCW H . -5.38 11.51 35.87
O2 PCW H . -12.79 9.67 36.14
O3 PCW H . -12.52 9.06 39.34
O11 PCW H . -14.66 8.94 40.04
O31 PCW H . -11.21 10.00 34.55
O1P PCW H . -9.92 12.94 36.77
O2P PCW H . -8.62 12.74 38.86
O3P PCW H . -10.81 11.36 38.64
O4P PCW H . -8.59 10.75 37.20
P PCW H . -9.47 11.99 37.87
C13 PCW I . -33.91 14.03 17.07
C14 PCW I . -35.14 13.22 17.58
C15 PCW I . -35.11 13.01 19.12
C16 PCW I . -35.52 11.56 19.52
C17 PCW I . -36.71 11.53 20.53
C18 PCW I . -36.35 12.17 21.90
C19 PCW I . -35.07 11.54 22.52
C20 PCW I . -35.11 10.92 23.71
C21 PCW I . -36.43 10.80 24.51
C22 PCW I . -36.26 9.94 25.80
C23 PCW I . -37.54 9.12 26.13
C1 PCW J . -6.13 -1.36 31.18
C2 PCW J . -7.58 -1.46 31.68
C3 PCW J . -8.42 -0.41 30.95
C4 PCW J . -3.72 1.40 29.38
C5 PCW J . -2.34 1.56 28.66
C6 PCW J . -1.63 3.37 30.07
C7 PCW J . -0.62 3.13 27.94
C8 PCW J . -2.90 3.77 27.87
C11 PCW J . -7.69 1.59 29.83
C12 PCW J . -7.02 2.99 29.80
C13 PCW J . -7.99 4.11 29.33
C14 PCW J . -8.03 5.32 30.32
C15 PCW J . -9.42 5.48 31.00
C16 PCW J . -9.80 4.25 31.86
C17 PCW J . -11.10 3.57 31.36
C18 PCW J . -11.33 2.15 31.97
C19 PCW J . -12.81 1.73 31.83
C20 PCW J . -13.17 0.64 31.11
C21 PCW J . -12.10 -0.24 30.40
C22 PCW J . -12.11 -1.71 30.89
C23 PCW J . -13.52 -2.19 31.35
C24 PCW J . -13.58 -2.48 32.89
C25 PCW J . -14.55 -1.52 33.63
C26 PCW J . -15.98 -1.51 33.00
C27 PCW J . -17.11 -1.67 34.06
C28 PCW J . -16.80 -2.77 35.10
C31 PCW J . -8.06 -3.62 32.53
C32 PCW J . -9.37 -4.05 33.25
C33 PCW J . -10.16 -5.19 32.52
C34 PCW J . -9.27 -6.09 31.62
C35 PCW J . -10.05 -6.65 30.40
C36 PCW J . -10.91 -5.56 29.71
C37 PCW J . -12.19 -6.12 29.00
C38 PCW J . -12.86 -7.28 29.79
C39 PCW J . -12.85 -8.60 28.97
C40 PCW J . -13.92 -8.98 28.26
C41 PCW J . -15.22 -8.14 28.22
C42 PCW J . -16.25 -8.65 29.25
C43 PCW J . -16.35 -10.20 29.22
C44 PCW J . -17.80 -10.70 29.09
C45 PCW J . -18.55 -9.96 27.97
N PCW J . -1.90 2.99 28.65
O2 PCW J . -8.10 -2.73 31.42
O3 PCW J . -7.77 0.86 31.05
O11 PCW J . -8.12 1.12 28.82
O31 PCW J . -7.02 -4.04 32.92
O1P PCW J . -3.86 1.51 32.20
O2P PCW J . -2.81 -0.72 32.25
O3P PCW J . -5.40 -0.58 32.12
O4P PCW J . -3.79 0.13 30.01
P PCW J . -3.94 0.10 31.67
C1 CLR K . -30.84 11.36 17.92
C2 CLR K . -30.15 12.71 17.37
C3 CLR K . -28.99 12.44 16.60
C4 CLR K . -29.31 11.48 15.41
C5 CLR K . -30.03 10.05 15.95
C6 CLR K . -29.02 9.31 16.58
C7 CLR K . -29.55 7.99 17.50
C8 CLR K . -30.73 7.75 17.59
C9 CLR K . -31.74 8.91 17.30
C10 CLR K . -31.13 10.27 16.73
C11 CLR K . -32.76 9.15 18.51
C12 CLR K . -32.76 8.49 19.40
C13 CLR K . -32.36 7.26 19.21
C14 CLR K . -30.92 7.12 18.34
C15 CLR K . -30.81 5.42 18.04
C16 CLR K . -32.42 4.74 18.43
C17 CLR K . -33.04 5.72 19.65
C18 CLR K . -31.57 7.48 20.57
C19 CLR K . -32.25 10.87 15.82
C20 CLR K . -32.97 5.16 20.93
C21 CLR K . -32.27 3.76 21.06
C22 CLR K . -34.49 5.08 21.57
C23 CLR K . -35.23 3.73 21.24
C24 CLR K . -35.62 2.92 22.54
C25 CLR K . -34.86 1.53 22.66
C26 CLR K . -35.54 0.62 23.65
C27 CLR K . -34.70 0.86 21.28
O1 CLR K . -28.47 13.68 16.06
NA NA L . -5.84 -6.77 5.55
N01 6ZP M . -15.38 1.47 10.80
C02 6ZP M . -16.12 0.63 11.02
C03 6ZP M . -17.01 -0.47 11.21
C04 6ZP M . -16.92 -1.17 12.41
C05 6ZP M . -17.76 -2.24 12.63
C06 6ZP M . -18.67 -2.60 11.67
C07 6ZP M . -18.77 -1.91 10.49
C08 6ZP M . -17.95 -0.83 10.23
C09 6ZP M . -18.05 -0.07 8.94
C10 6ZP M . -18.36 1.28 8.97
O11 6ZP M . -18.59 1.90 9.98
C12 6ZP M . -17.81 -0.67 7.72
C13 6ZP M . -17.90 0.03 6.53
C14 6ZP M . -17.61 -0.64 5.24
N15 6ZP M . -16.86 -1.76 5.33
C16 6ZP M . -16.53 -2.37 4.20
C17 6ZP M . -16.92 -1.94 2.96
C18 6ZP M . -17.66 -0.80 2.87
C19 6ZP M . -18.00 -0.13 4.03
C20 6ZP M . -18.20 1.36 6.55
N21 6ZP M . -18.43 1.97 7.77
C22 6ZP M . -18.77 3.39 7.81
C23 6ZP M . -19.96 3.83 7.28
C24 6ZP M . -20.27 5.17 7.33
C25 6ZP M . -19.40 6.06 7.92
C26 6ZP M . -18.21 5.61 8.45
C27 6ZP M . -17.89 4.27 8.41
OAA ZK1 N . -9.32 41.10 -15.85
OAB ZK1 N . -11.64 41.79 -14.47
OAC ZK1 N . -14.12 38.91 -11.35
OAD ZK1 N . -13.18 38.73 -13.62
OAE ZK1 N . -14.72 40.57 -13.05
FAF ZK1 N . -7.73 35.42 -10.52
FAG ZK1 N . -6.14 36.75 -11.31
FAH ZK1 N . -6.86 37.04 -9.25
CAI ZK1 N . -10.34 38.92 -10.91
CAJ ZK1 N . -8.05 38.24 -12.30
CAK ZK1 N . -11.34 36.05 -7.70
CAL ZK1 N . -10.54 38.13 -6.76
CAM ZK1 N . -10.47 36.22 -8.93
CAN ZK1 N . -9.48 38.28 -7.86
CAO ZK1 N . -12.19 40.75 -12.00
NAP ZK1 N . -8.73 39.69 -14.07
OAQ ZK1 N . -10.98 36.81 -6.56
CAR ZK1 N . -9.44 38.03 -10.35
CAS ZK1 N . -8.28 37.68 -11.05
CAT ZK1 N . -9.58 40.54 -14.60
CAU ZK1 N . -10.73 40.89 -13.90
CAV ZK1 N . -8.96 39.15 -12.85
CAW ZK1 N . -10.10 39.49 -12.17
NAX ZK1 N . -9.78 37.49 -9.03
NAY ZK1 N . -10.98 40.36 -12.72
CAZ ZK1 N . -7.24 36.70 -10.51
PBA ZK1 N . -13.61 39.69 -12.53
C1 PCW O . -32.56 -4.39 9.88
C2 PCW O . -31.82 -5.05 11.05
C3 PCW O . -30.30 -4.92 10.85
C4 PCW O . -31.22 -2.53 6.72
C5 PCW O . -31.97 -1.53 7.66
C6 PCW O . -32.57 -0.15 5.77
C7 PCW O . -30.73 0.52 7.13
C8 PCW O . -32.84 0.60 8.20
C11 PCW O . -29.96 -7.13 9.97
C12 PCW O . -28.84 -7.78 10.82
C13 PCW O . -29.16 -9.23 11.29
C14 PCW O . -28.49 -10.31 10.38
C15 PCW O . -29.44 -10.74 9.21
C16 PCW O . -30.07 -12.13 9.47
C17 PCW O . -31.24 -12.15 10.49
C18 PCW O . -31.49 -13.58 11.06
C19 PCW O . -30.17 -14.39 11.21
C20 PCW O . -30.01 -15.53 10.52
C31 PCW O . -32.61 -5.35 13.29
C32 PCW O . -32.38 -6.89 13.20
C33 PCW O . -31.22 -7.38 14.14
C34 PCW O . -31.25 -8.93 14.31
C35 PCW O . -30.65 -9.40 15.68
C36 PCW O . -30.79 -10.93 15.90
C37 PCW O . -32.24 -11.45 15.71
C38 PCW O . -33.22 -10.86 16.77
C39 PCW O . -33.96 -11.94 17.59
C40 PCW O . -35.08 -12.48 17.10
C41 PCW O . -35.83 -13.56 17.91
C42 PCW O . -35.58 -14.99 17.36
C43 PCW O . -36.69 -15.46 16.40
C44 PCW O . -37.65 -16.47 17.08
C45 PCW O . -36.89 -17.66 17.71
N PCW O . -32.05 -0.13 7.16
O2 PCW O . -32.19 -4.47 12.26
O3 PCW O . -29.90 -5.72 9.74
O11 PCW O . -30.84 -7.79 9.53
O31 PCW O . -33.15 -4.91 14.25
O1P PCW O . -32.94 -4.84 6.25
O2P PCW O . -31.08 -6.26 7.03
O3P PCW O . -32.70 -5.32 8.81
O4P PCW O . -30.93 -3.71 7.47
P PCW O . -31.93 -5.04 7.35
C1 PCW P . -32.18 6.22 14.57
C2 PCW P . -32.56 4.90 13.90
C3 PCW P . -32.20 3.75 14.83
C4 PCW P . -29.02 8.11 12.19
C5 PCW P . -28.82 7.22 10.93
C6 PCW P . -28.12 7.04 8.65
C7 PCW P . -27.25 8.84 9.95
C8 PCW P . -29.58 8.98 9.45
C11 PCW P . -33.76 2.41 16.04
C12 PCW P . -33.26 1.15 16.79
C13 PCW P . -34.43 0.33 17.39
C14 PCW P . -34.01 -1.14 17.72
C15 PCW P . -34.00 -2.06 16.45
C16 PCW P . -35.13 -3.13 16.48
C17 PCW P . -35.27 -3.80 17.87
C18 PCW P . -34.20 -4.91 18.11
C19 PCW P . -34.82 -6.25 18.59
C20 PCW P . -34.99 -7.28 17.75
C21 PCW P . -34.55 -7.18 16.26
C22 PCW P . -35.38 -8.10 15.33
C31 PCW P . -34.31 5.18 12.32
C32 PCW P . -33.47 4.65 11.11
C33 PCW P . -34.21 4.86 9.75
C34 PCW P . -34.88 3.56 9.21
C35 PCW P . -36.08 3.10 10.07
C36 PCW P . -35.81 1.76 10.83
C37 PCW P . -36.68 1.64 12.11
C38 PCW P . -35.84 1.24 13.35
C39 PCW P . -35.14 -0.13 13.15
C40 PCW P . -35.86 -1.23 12.98
C41 PCW P . -35.17 -2.60 12.78
N PCW P . -28.47 8.02 9.72
O2 PCW P . -33.94 4.88 13.65
O3 PCW P . -33.22 2.76 14.77
O11 PCW P . -34.62 3.10 16.52
O31 PCW P . -35.27 5.85 12.11
O1P PCW P . -31.71 9.54 12.84
O2P PCW P . -32.09 7.64 11.31
O3P PCW P . -32.66 7.33 13.82
O4P PCW P . -30.07 7.53 12.97
P PCW P . -31.64 8.04 12.70
C13 PCW Q . -37.90 7.76 14.22
C14 PCW Q . -36.91 6.90 15.06
C15 PCW Q . -37.50 6.50 16.45
C16 PCW Q . -37.37 4.98 16.72
C17 PCW Q . -38.53 4.44 17.61
C18 PCW Q . -38.34 2.93 17.98
C19 PCW Q . -39.57 2.34 18.71
C20 PCW Q . -40.01 1.09 18.44
C21 PCW Q . -39.28 0.20 17.40
C22 PCW Q . -40.20 -0.93 16.84
C23 PCW Q . -40.12 -2.22 17.70
NA NA R . -19.29 -22.38 18.38
N01 6ZP S . -15.00 -10.31 -3.58
C02 6ZP S . -15.28 -11.32 -3.14
C03 6ZP S . -15.54 -12.58 -2.51
C04 6ZP S . -16.54 -12.61 -1.55
C05 6ZP S . -16.82 -13.80 -0.90
C06 6ZP S . -16.10 -14.93 -1.20
C07 6ZP S . -15.10 -14.89 -2.15
C08 6ZP S . -14.79 -13.73 -2.83
C09 6ZP S . -13.73 -13.72 -3.86
C10 6ZP S . -14.04 -13.37 -5.16
O11 6ZP S . -15.14 -13.04 -5.55
C12 6ZP S . -12.41 -14.09 -3.58
C13 6ZP S . -11.45 -14.10 -4.57
C14 6ZP S . -10.06 -14.46 -4.23
N15 6ZP S . -9.74 -14.36 -2.93
C16 6ZP S . -8.49 -14.64 -2.57
C17 6ZP S . -7.53 -15.03 -3.44
C18 6ZP S . -7.85 -15.12 -4.76
C19 6ZP S . -9.12 -14.82 -5.17
C20 6ZP S . -11.76 -13.75 -5.82
N21 6ZP S . -13.06 -13.38 -6.12
C22 6ZP S . -13.38 -12.99 -7.47
C23 6ZP S . -13.25 -13.90 -8.50
C24 6ZP S . -13.57 -13.51 -9.78
C25 6ZP S . -14.02 -12.25 -10.03
C26 6ZP S . -14.15 -11.35 -8.99
C27 6ZP S . -13.83 -11.71 -7.71
OAA ZK1 T . -2.31 23.00 -36.36
OAB ZK1 T . -0.27 21.18 -36.90
OAC ZK1 T . 0.19 16.69 -34.66
OAD ZK1 T . -0.12 19.01 -33.89
OAE ZK1 T . 1.80 18.42 -35.32
FAF ZK1 T . -6.71 17.06 -33.23
FAG ZK1 T . -7.57 18.81 -34.28
FAH ZK1 T . -7.41 16.88 -35.33
CAI ZK1 T . -3.17 17.63 -35.64
CAJ ZK1 T . -5.18 19.45 -35.11
CAK ZK1 T . -4.76 13.75 -33.54
CAL ZK1 T . -5.84 13.74 -35.72
CAM ZK1 T . -4.15 15.13 -33.78
CAN ZK1 T . -4.97 14.92 -36.13
CAO ZK1 T . -0.65 18.50 -36.56
NAP ZK1 T . -3.71 21.22 -35.75
OAQ ZK1 T . -5.86 13.42 -34.34
CAR ZK1 T . -4.40 17.18 -35.19
CAS ZK1 T . -5.42 18.11 -34.92
CAT ZK1 T . -2.53 21.65 -36.18
CAU ZK1 T . -1.52 20.73 -36.45
CAV ZK1 T . -3.92 19.90 -35.56
CAW ZK1 T . -2.93 19.01 -35.83
NAX ZK1 T . -4.53 15.74 -35.03
NAY ZK1 T . -1.73 19.44 -36.27
CAZ ZK1 T . -6.81 17.69 -34.43
PBA ZK1 T . 0.35 18.15 -35.04
C1 PCW U . -26.13 -21.36 -13.03
C2 PCW U . -27.12 -22.32 -12.36
C3 PCW U . -26.40 -23.58 -11.86
C4 PCW U . -22.94 -20.54 -16.22
C5 PCW U . -21.38 -20.45 -16.09
C6 PCW U . -19.24 -20.45 -17.14
C7 PCW U . -21.05 -21.42 -18.32
C8 PCW U . -21.18 -19.05 -18.03
C11 PCW U . -25.80 -24.71 -9.84
C12 PCW U . -26.23 -25.20 -8.43
C13 PCW U . -25.67 -26.61 -8.08
C14 PCW U . -25.34 -26.76 -6.56
C15 PCW U . -25.76 -28.16 -6.00
C16 PCW U . -24.79 -28.69 -4.90
C17 PCW U . -25.35 -28.47 -3.46
C18 PCW U . -24.95 -29.60 -2.47
C19 PCW U . -25.92 -29.65 -1.26
C20 PCW U . -25.59 -30.29 -0.11
C21 PCW U . -24.22 -31.00 0.06
C22 PCW U . -24.26 -32.08 1.18
C23 PCW U . -23.66 -31.57 2.52
C24 PCW U . -24.37 -32.21 3.77
C25 PCW U . -23.92 -33.67 4.04
C26 PCW U . -24.64 -34.29 5.28
C27 PCW U . -23.92 -35.54 5.83
C28 PCW U . -24.60 -36.10 7.11
C31 PCW U . -29.15 -21.57 -11.41
C32 PCW U . -30.05 -22.82 -11.28
C33 PCW U . -31.16 -22.65 -10.20
C34 PCW U . -30.75 -23.25 -8.82
C35 PCW U . -30.13 -24.67 -8.94
C36 PCW U . -31.21 -25.77 -9.12
N PCW U . -20.69 -20.31 -17.41
O2 PCW U . -27.74 -21.69 -11.28
O3 PCW U . -26.47 -23.61 -10.44
O11 PCW U . -24.92 -25.26 -10.41
O31 PCW U . -29.65 -20.51 -11.62
O1P PCW U . -22.58 -22.76 -13.86
O2P PCW U . -24.63 -22.88 -15.23
O3P PCW U . -24.80 -21.83 -12.87
O4P PCW U . -23.50 -20.57 -14.92
P PCW U . -23.87 -22.05 -14.23
C1 PCW V . -9.61 -36.17 -17.53
C2 PCW V . -10.25 -35.31 -16.43
C3 PCW V . -11.61 -35.88 -16.02
C4 PCW V . -10.18 -31.96 -18.98
C5 PCW V . -11.18 -30.92 -19.57
C6 PCW V . -9.39 -29.56 -20.47
C7 PCW V . -10.31 -31.28 -21.84
C8 PCW V . -11.78 -29.48 -21.38
C11 PCW V . -12.19 -38.10 -15.33
C12 PCW V . -13.37 -37.63 -14.44
C13 PCW V . -14.75 -37.96 -15.06
C14 PCW V . -15.79 -36.82 -14.88
C15 PCW V . -16.03 -36.48 -13.37
C16 PCW V . -16.96 -37.51 -12.67
C17 PCW V . -16.24 -38.26 -11.50
C18 PCW V . -15.83 -39.71 -11.86
C19 PCW V . -16.96 -40.73 -11.59
C20 PCW V . -17.95 -40.45 -10.70
C31 PCW V . -9.18 -33.91 -14.86
C32 PCW V . -8.83 -33.66 -13.37
C33 PCW V . -9.83 -32.65 -12.72
C34 PCW V . -11.30 -33.07 -12.97
C35 PCW V . -11.69 -34.35 -12.18
C36 PCW V . -11.37 -34.19 -10.67
C37 PCW V . -10.51 -35.36 -10.09
C38 PCW V . -11.24 -36.12 -8.96
C39 PCW V . -12.05 -35.16 -8.03
C40 PCW V . -13.06 -35.59 -7.27
C41 PCW V . -13.49 -37.08 -7.26
C42 PCW V . -14.65 -37.38 -8.27
C43 PCW V . -15.88 -36.47 -8.06
C44 PCW V . -16.91 -37.09 -7.09
C45 PCW V . -17.58 -38.35 -7.68
N PCW V . -10.66 -30.27 -20.81
O2 PCW V . -9.40 -35.24 -15.32
O3 PCW V . -11.67 -37.26 -16.36
O11 PCW V . -11.73 -39.19 -15.18
O31 PCW V . -9.26 -33.00 -15.61
O1P PCW V . -8.42 -34.23 -19.41
O2P PCW V . -10.19 -34.73 -21.06
O3P PCW V . -10.30 -35.91 -18.75
O4P PCW V . -10.79 -33.24 -19.02
P PCW V . -9.90 -34.53 -19.59
C13 PCW W . 13.38 -38.21 2.55
C14 PCW W . 12.85 -39.18 3.64
C15 PCW W . 11.79 -40.18 3.09
C16 PCW W . 10.75 -40.59 4.17
C17 PCW W . 10.64 -42.13 4.35
C18 PCW W . 10.06 -42.84 3.11
C19 PCW W . 8.73 -42.21 2.62
C20 PCW W . 7.61 -42.93 2.53
C21 PCW W . 7.60 -44.44 2.90
C22 PCW W . 6.18 -45.07 2.80
C23 PCW W . 5.88 -46.02 4.00
C1 PCW X . -16.77 -25.33 -9.40
C2 PCW X . -16.58 -26.68 -8.71
C3 PCW X . -15.08 -27.01 -8.63
C4 PCW X . -14.65 -22.90 -11.92
C5 PCW X . -14.64 -21.46 -12.51
C6 PCW X . -14.42 -22.22 -14.77
C7 PCW X . -13.77 -19.99 -14.27
C8 PCW X . -12.38 -21.66 -13.31
C11 PCW X . -13.27 -26.03 -9.85
C12 PCW X . -12.47 -25.77 -11.16
C13 PCW X . -11.07 -26.47 -11.15
C14 PCW X . -10.80 -27.28 -12.45
C15 PCW X . -10.62 -28.80 -12.17
C16 PCW X . -11.86 -29.42 -11.46
C17 PCW X . -11.48 -30.04 -10.08
C18 PCW X . -12.72 -30.23 -9.15
C19 PCW X . -12.39 -31.14 -7.94
C20 PCW X . -12.59 -30.72 -6.67
C21 PCW X . -13.16 -29.31 -6.39
C22 PCW X . -14.51 -29.35 -5.60
C23 PCW X . -14.62 -30.56 -4.63
C24 PCW X . -15.74 -31.56 -5.03
C25 PCW X . -15.17 -32.95 -5.46
C26 PCW X . -14.25 -33.56 -4.36
C27 PCW X . -14.63 -35.03 -4.01
C28 PCW X . -16.14 -35.20 -3.72
C31 PCW X . -18.45 -27.17 -7.30
C32 PCW X . -18.69 -28.54 -6.60
C33 PCW X . -18.73 -28.46 -5.04
C34 PCW X . -19.13 -27.06 -4.50
C35 PCW X . -18.53 -26.78 -3.09
C36 PCW X . -17.03 -27.16 -3.02
C37 PCW X . -16.52 -27.43 -1.57
C38 PCW X . -17.56 -28.23 -0.72
C39 PCW X . -18.08 -27.40 0.47
C40 PCW X . -17.54 -27.52 1.70
C41 PCW X . -16.38 -28.50 1.99
C42 PCW X . -16.89 -29.84 2.58
C43 PCW X . -17.95 -29.60 3.68
C44 PCW X . -17.80 -30.57 4.88
C45 PCW X . -16.37 -30.56 5.43
N PCW X . -13.78 -21.37 -13.73
O2 PCW X . -17.12 -26.64 -7.41
O3 PCW X . -14.49 -26.77 -9.90
O11 PCW X . -12.87 -25.58 -8.82
O31 PCW X . -19.36 -26.57 -7.77
O1P PCW X . -16.18 -24.96 -13.12
O2P PCW X . -18.20 -23.80 -12.29
O3P PCW X . -17.08 -25.58 -10.77
O4P PCW X . -15.89 -23.15 -11.28
P PCW X . -16.85 -24.37 -11.90
C1 CLR Y . 9.50 -36.19 2.03
C2 CLR Y . 10.48 -35.60 0.89
C3 CLR Y . 10.35 -34.18 0.75
C4 CLR Y . 10.54 -33.45 2.11
C5 CLR Y . 9.51 -34.04 3.30
C6 CLR Y . 8.21 -33.60 2.98
C7 CLR Y . 6.97 -34.32 3.87
C8 CLR Y . 7.21 -35.21 4.66
C9 CLR Y . 8.57 -35.95 4.53
C10 CLR Y . 9.61 -35.38 3.46
C11 CLR Y . 8.39 -37.55 4.46
C12 CLR Y . 7.40 -38.01 4.55
C13 CLR Y . 6.52 -37.37 5.26
C14 CLR Y . 6.39 -35.72 4.88
C15 CLR Y . 5.30 -35.13 6.10
C16 CLR Y . 5.20 -36.40 7.35
C17 CLR Y . 5.46 -37.86 6.56
C18 CLR Y . 5.52 -37.74 4.09
C19 CLR Y . 11.02 -35.69 4.06
C20 CLR Y . 4.31 -38.64 6.39
C21 CLR Y . 2.93 -37.98 6.76
C22 CLR Y . 4.48 -40.05 7.24
C23 CLR Y . 3.81 -40.01 8.67
C24 CLR Y . 2.70 -41.11 8.83
C25 CLR Y . 1.27 -40.51 9.17
C26 CLR Y . 0.36 -41.55 9.77
C27 CLR Y . 1.36 -39.27 10.09
O1 CLR Y . 11.34 -33.71 -0.18
N01 6ZP Z . 0.66 -18.56 3.22
C02 6ZP Z . 0.20 -19.09 4.12
C03 6ZP Z . -0.35 -19.66 5.31
C04 6ZP Z . -1.59 -20.29 5.21
C05 6ZP Z . -2.14 -20.86 6.34
C06 6ZP Z . -1.50 -20.79 7.54
C07 6ZP Z . -0.27 -20.18 7.65
C08 6ZP Z . 0.34 -19.60 6.55
C09 6ZP Z . 1.66 -18.93 6.64
C10 6ZP Z . 2.73 -19.40 5.91
O11 6ZP Z . 2.68 -20.35 5.16
C12 6ZP Z . 1.86 -17.82 7.46
C13 6ZP Z . 3.10 -17.21 7.56
C14 6ZP Z . 3.26 -16.01 8.41
N15 6ZP Z . 2.12 -15.34 8.70
C16 6ZP Z . 2.22 -14.23 9.44
C17 6ZP Z . 3.40 -13.73 9.91
C18 6ZP Z . 4.56 -14.40 9.59
C19 6ZP Z . 4.49 -15.55 8.84
C20 6ZP Z . 4.14 -17.65 6.83
N21 6ZP Z . 3.96 -18.77 6.00
C22 6ZP Z . 5.07 -19.27 5.22
C23 6ZP Z . 6.16 -19.83 5.85
C24 6ZP Z . 7.20 -20.33 5.09
C25 6ZP Z . 7.16 -20.25 3.72
C26 6ZP Z . 6.06 -19.69 3.10
C27 6ZP Z . 5.01 -19.20 3.84
OAA ZK1 AA . 42.21 -2.86 -15.51
OAB ZK1 AA . 42.80 -5.57 -15.25
OAC ZK1 AA . 39.78 -8.91 -13.20
OAD ZK1 AA . 40.76 -6.72 -12.64
OAE ZK1 AA . 42.23 -8.61 -13.23
FAF ZK1 AA . 34.42 -4.44 -14.95
FAG ZK1 AA . 35.21 -2.97 -16.41
FAH ZK1 AA . 34.51 -4.94 -17.12
CAI ZK1 AA . 38.17 -6.60 -15.63
CAJ ZK1 AA . 37.60 -3.91 -15.89
CAK ZK1 AA . 34.52 -8.97 -14.53
CAL ZK1 AA . 35.17 -9.41 -16.81
CAM ZK1 AA . 35.17 -7.59 -14.57
CAN ZK1 AA . 35.60 -7.96 -17.03
CAO ZK1 AA . 40.83 -7.47 -15.30
NAP ZK1 AA . 39.93 -3.42 -15.70
OAQ ZK1 AA . 34.24 -9.58 -15.77
CAR ZK1 AA . 36.86 -6.19 -15.79
CAS ZK1 AA . 36.56 -4.83 -15.92
CAT ZK1 AA . 41.18 -3.81 -15.55
CAU ZK1 AA . 41.47 -5.16 -15.41
CAV ZK1 AA . 38.93 -4.33 -15.72
CAW ZK1 AA . 39.22 -5.66 -15.60
NAX ZK1 AA . 35.86 -7.25 -15.80
NAY ZK1 AA . 40.50 -6.05 -15.44
CAZ ZK1 AA . 35.14 -4.30 -16.10
PBA ZK1 AA . 40.91 -7.94 -13.51
C1 PCW BA . 3.79 -28.95 17.65
C2 PCW BA . 2.32 -29.17 17.27
C3 PCW BA . 1.81 -27.99 16.42
C4 PCW BA . 6.63 -26.33 17.20
C5 PCW BA . 7.09 -27.69 16.59
C6 PCW BA . 9.40 -26.93 16.52
C7 PCW BA . 8.08 -26.71 14.56
C8 PCW BA . 8.55 -28.94 15.18
C11 PCW BA . 0.78 -26.67 18.14
C12 PCW BA . -0.59 -26.14 17.65
C13 PCW BA . -1.77 -26.81 18.41
C14 PCW BA . -2.59 -25.79 19.27
C15 PCW BA . -1.70 -25.24 20.44
C16 PCW BA . -2.29 -25.60 21.83
C17 PCW BA . -2.45 -27.14 22.06
C18 PCW BA . -3.63 -27.47 23.01
C19 PCW BA . -4.86 -26.56 22.74
C20 PCW BA . -5.37 -25.81 23.73
C31 PCW BA . 1.13 -31.24 16.86
C32 PCW BA . 0.04 -30.85 17.91
C33 PCW BA . -1.27 -30.33 17.25
C34 PCW BA . -2.50 -30.44 18.19
C35 PCW BA . -3.77 -30.95 17.45
C36 PCW BA . -5.05 -30.86 18.33
C37 PCW BA . -4.93 -31.69 19.65
C38 PCW BA . -4.63 -33.19 19.39
C39 PCW BA . -5.62 -34.15 20.10
C40 PCW BA . -5.42 -34.48 21.38
C41 PCW BA . -6.41 -35.43 22.10
C42 PCW BA . -7.16 -34.75 23.26
C43 PCW BA . -6.27 -34.51 24.51
C44 PCW BA . -6.83 -35.23 25.75
C45 PCW BA . -8.33 -34.95 25.98
N PCW BA . 8.32 -27.57 15.73
O2 PCW BA . 2.21 -30.37 16.53
O3 PCW BA . 1.86 -26.81 17.22
O11 PCW BA . 0.93 -26.95 19.28
O31 PCW BA . 1.05 -32.29 16.32
O1P PCW BA . 5.73 -26.77 19.93
O2P PCW BA . 3.60 -25.68 19.32
O3P PCW BA . 3.84 -28.23 18.88
O4P PCW BA . 5.22 -26.39 17.40
P PCW BA . 4.61 -26.74 18.92
C1 PCW CA . 8.44 -33.98 7.92
C2 PCW CA . 8.12 -33.57 9.36
C3 PCW CA . 6.63 -33.79 9.62
C4 PCW CA . 9.93 -30.41 5.90
C5 PCW CA . 9.99 -29.29 6.99
C6 PCW CA . 10.92 -27.22 7.72
C7 PCW CA . 11.06 -27.72 5.42
C8 PCW CA . 12.38 -29.11 6.82
C11 PCW CA . 5.56 -35.55 10.85
C12 PCW CA . 4.06 -35.24 11.14
C13 PCW CA . 3.32 -36.49 11.71
C14 PCW CA . 2.06 -36.09 12.53
C15 PCW CA . 2.38 -35.10 13.69
C16 PCW CA . 2.19 -35.76 15.10
C17 PCW CA . 0.88 -36.59 15.20
C18 PCW CA . -0.38 -35.69 15.37
C19 PCW CA . -1.44 -36.33 16.30
C20 PCW CA . -1.81 -35.73 17.45
C21 PCW CA . -1.19 -34.38 17.87
C22 PCW CA . -1.03 -34.26 19.41
C31 PCW CA . 9.99 -33.67 10.84
C32 PCW CA . 9.90 -32.18 11.25
C33 PCW CA . 11.09 -31.75 12.17
C34 PCW CA . 10.68 -31.64 13.66
C35 PCW CA . 10.36 -33.02 14.31
C36 PCW CA . 8.86 -33.17 14.69
C37 PCW CA . 8.42 -34.66 14.79
C38 PCW CA . 7.04 -34.91 14.13
C39 PCW CA . 5.94 -33.98 14.71
C40 PCW CA . 5.56 -34.12 15.99
C41 PCW CA . 4.47 -33.18 16.58
N PCW CA . 11.12 -28.34 6.76
O2 PCW CA . 8.87 -34.34 10.26
O3 PCW CA . 6.51 -34.49 10.86
O11 PCW CA . 5.91 -36.65 10.62
O31 PCW CA . 11.00 -34.27 11.01
O1P PCW CA . 11.58 -33.06 6.05
O2P PCW CA . 11.38 -32.00 8.27
O3P PCW CA . 9.85 -34.03 7.73
O4P PCW CA . 9.48 -31.60 6.53
P PCW CA . 10.62 -32.67 7.14
C13 PCW DA . 12.09 -38.02 10.52
C14 PCW DA . 10.61 -37.69 10.13
C15 PCW DA . 9.72 -38.97 10.09
C16 PCW DA . 8.43 -38.83 10.94
C17 PCW DA . 7.97 -40.18 11.56
C18 PCW DA . 6.56 -40.08 12.22
C19 PCW DA . 6.18 -41.36 13.02
C20 PCW DA . 5.62 -41.28 14.24
C21 PCW DA . 5.33 -39.91 14.89
C22 PCW DA . 5.18 -40.00 16.44
C23 PCW DA . 3.71 -40.21 16.88
#